data_2DJH
# 
_entry.id   2DJH 
# 
_audit_conform.dict_name       mmcif_pdbx.dic 
_audit_conform.dict_version    5.380 
_audit_conform.dict_location   http://mmcif.pdb.org/dictionaries/ascii/mmcif_pdbx.dic 
# 
loop_
_database_2.database_id 
_database_2.database_code 
_database_2.pdbx_database_accession 
_database_2.pdbx_DOI 
PDB   2DJH         pdb_00002djh 10.2210/pdb2djh/pdb 
RCSB  RCSB025486   ?            ?                   
WWPDB D_1000025486 ?            ?                   
# 
_pdbx_database_related.db_name        PDB 
_pdbx_database_related.db_id          2DFX 
_pdbx_database_related.details        'The same protein complexed with the inhibitor protein' 
_pdbx_database_related.content_type   unspecified 
# 
_pdbx_database_status.status_code                     REL 
_pdbx_database_status.entry_id                        2DJH 
_pdbx_database_status.recvd_initial_deposition_date   2006-04-03 
_pdbx_database_status.deposit_site                    PDBJ 
_pdbx_database_status.process_site                    PDBJ 
_pdbx_database_status.status_code_sf                  REL 
_pdbx_database_status.status_code_mr                  ? 
_pdbx_database_status.SG_entry                        ? 
_pdbx_database_status.pdb_format_compatible           Y 
_pdbx_database_status.status_code_cs                  ? 
_pdbx_database_status.status_code_nmr_data            ? 
_pdbx_database_status.methods_development_category    ? 
# 
loop_
_audit_author.name 
_audit_author.pdbx_ordinal 
'Yajima, S.' 1 
'Inoue, S.'  2 
'Ogawa, T.'  3 
'Nonaka, T.' 4 
'Ohsawa, K.' 5 
'Masaki, H.' 6 
# 
_citation.id                        primary 
_citation.title                     
'Structural basis for sequence-dependent recognition of colicin E5 tRNase by mimicking the mRNA-tRNA interaction' 
_citation.journal_abbrev            'Nucleic Acids Res.' 
_citation.journal_volume            34 
_citation.page_first                6074 
_citation.page_last                 6082 
_citation.year                      2006 
_citation.journal_id_ASTM           NARHAD 
_citation.country                   UK 
_citation.journal_id_ISSN           0305-1048 
_citation.journal_id_CSD            0389 
_citation.book_publisher            ? 
_citation.pdbx_database_id_PubMed   17099236 
_citation.pdbx_database_id_DOI      10.1093/nar/gkl729 
# 
loop_
_citation_author.citation_id 
_citation_author.name 
_citation_author.ordinal 
_citation_author.identifier_ORCID 
primary 'Yajima, S.' 1 ? 
primary 'Inoue, S.'  2 ? 
primary 'Ogawa, T.'  3 ? 
primary 'Nonaka, T.' 4 ? 
primary 'Ohsawa, K.' 5 ? 
primary 'Masaki, H.' 6 ? 
# 
_cell.entry_id           2DJH 
_cell.length_a           29.190 
_cell.length_b           48.720 
_cell.length_c           62.580 
_cell.angle_alpha        90.00 
_cell.angle_beta         90.00 
_cell.angle_gamma        90.00 
_cell.Z_PDB              4 
_cell.pdbx_unique_axis   ? 
_cell.length_a_esd       ? 
_cell.length_b_esd       ? 
_cell.length_c_esd       ? 
_cell.angle_alpha_esd    ? 
_cell.angle_beta_esd     ? 
_cell.angle_gamma_esd    ? 
# 
_symmetry.entry_id                         2DJH 
_symmetry.space_group_name_H-M             'P 21 21 21' 
_symmetry.pdbx_full_space_group_name_H-M   ? 
_symmetry.cell_setting                     ? 
_symmetry.Int_Tables_number                19 
_symmetry.space_group_name_Hall            ? 
# 
loop_
_entity.id 
_entity.type 
_entity.src_method 
_entity.pdbx_description 
_entity.formula_weight 
_entity.pdbx_number_of_molecules 
_entity.pdbx_ec 
_entity.pdbx_mutation 
_entity.pdbx_fragment 
_entity.details 
1 polymer     man Colicin-E5                                                                   12723.011 1   3.1.-.- ? 
'C-terminal ribonuclease domain, residues 2-116' ? 
2 non-polymer syn '2-AMINO-9-(2-DEOXY-3-O-PHOSPHONOPENTOFURANOSYL)-1,9-DIHYDRO-6H-PURIN-6-ONE' 347.221   1   ?       ? ? ? 
3 non-polymer syn 
;2'-DEOXYURIDINE 3'-MONOPHOSPHATE
;
308.182   1   ?       ? ?                                                ? 
4 water       nat water                                                                        18.015    105 ?       ? ? ? 
# 
_entity_name_com.entity_id   1 
_entity_name_com.name        Fragment 
# 
_entity_poly.entity_id                      1 
_entity_poly.type                           'polypeptide(L)' 
_entity_poly.nstd_linkage                   no 
_entity_poly.nstd_monomer                   no 
_entity_poly.pdbx_seq_one_letter_code       
;AEGKLNDELAKNKGKIPGLKIDQKIRGQMPERGWTEDDIKNTVSNGATGTSFDKRSPKKTPPDYLGRNDPATVYGSPGKY
VVVNDRTGEVTQISDKTDPGWVDDSRIQWGNKNDQ
;
_entity_poly.pdbx_seq_one_letter_code_can   
;AEGKLNDELAKNKGKIPGLKIDQKIRGQMPERGWTEDDIKNTVSNGATGTSFDKRSPKKTPPDYLGRNDPATVYGSPGKY
VVVNDRTGEVTQISDKTDPGWVDDSRIQWGNKNDQ
;
_entity_poly.pdbx_strand_id                 A 
_entity_poly.pdbx_target_identifier         ? 
# 
loop_
_entity_poly_seq.entity_id 
_entity_poly_seq.num 
_entity_poly_seq.mon_id 
_entity_poly_seq.hetero 
1 1   ALA n 
1 2   GLU n 
1 3   GLY n 
1 4   LYS n 
1 5   LEU n 
1 6   ASN n 
1 7   ASP n 
1 8   GLU n 
1 9   LEU n 
1 10  ALA n 
1 11  LYS n 
1 12  ASN n 
1 13  LYS n 
1 14  GLY n 
1 15  LYS n 
1 16  ILE n 
1 17  PRO n 
1 18  GLY n 
1 19  LEU n 
1 20  LYS n 
1 21  ILE n 
1 22  ASP n 
1 23  GLN n 
1 24  LYS n 
1 25  ILE n 
1 26  ARG n 
1 27  GLY n 
1 28  GLN n 
1 29  MET n 
1 30  PRO n 
1 31  GLU n 
1 32  ARG n 
1 33  GLY n 
1 34  TRP n 
1 35  THR n 
1 36  GLU n 
1 37  ASP n 
1 38  ASP n 
1 39  ILE n 
1 40  LYS n 
1 41  ASN n 
1 42  THR n 
1 43  VAL n 
1 44  SER n 
1 45  ASN n 
1 46  GLY n 
1 47  ALA n 
1 48  THR n 
1 49  GLY n 
1 50  THR n 
1 51  SER n 
1 52  PHE n 
1 53  ASP n 
1 54  LYS n 
1 55  ARG n 
1 56  SER n 
1 57  PRO n 
1 58  LYS n 
1 59  LYS n 
1 60  THR n 
1 61  PRO n 
1 62  PRO n 
1 63  ASP n 
1 64  TYR n 
1 65  LEU n 
1 66  GLY n 
1 67  ARG n 
1 68  ASN n 
1 69  ASP n 
1 70  PRO n 
1 71  ALA n 
1 72  THR n 
1 73  VAL n 
1 74  TYR n 
1 75  GLY n 
1 76  SER n 
1 77  PRO n 
1 78  GLY n 
1 79  LYS n 
1 80  TYR n 
1 81  VAL n 
1 82  VAL n 
1 83  VAL n 
1 84  ASN n 
1 85  ASP n 
1 86  ARG n 
1 87  THR n 
1 88  GLY n 
1 89  GLU n 
1 90  VAL n 
1 91  THR n 
1 92  GLN n 
1 93  ILE n 
1 94  SER n 
1 95  ASP n 
1 96  LYS n 
1 97  THR n 
1 98  ASP n 
1 99  PRO n 
1 100 GLY n 
1 101 TRP n 
1 102 VAL n 
1 103 ASP n 
1 104 ASP n 
1 105 SER n 
1 106 ARG n 
1 107 ILE n 
1 108 GLN n 
1 109 TRP n 
1 110 GLY n 
1 111 ASN n 
1 112 LYS n 
1 113 ASN n 
1 114 ASP n 
1 115 GLN n 
# 
_entity_src_gen.entity_id                          1 
_entity_src_gen.pdbx_src_id                        1 
_entity_src_gen.pdbx_alt_source_flag               sample 
_entity_src_gen.pdbx_seq_type                      ? 
_entity_src_gen.pdbx_beg_seq_num                   ? 
_entity_src_gen.pdbx_end_seq_num                   ? 
_entity_src_gen.gene_src_common_name               ? 
_entity_src_gen.gene_src_genus                     Escherichia 
_entity_src_gen.pdbx_gene_src_gene                 ? 
_entity_src_gen.gene_src_species                   ? 
_entity_src_gen.gene_src_strain                    ? 
_entity_src_gen.gene_src_tissue                    ? 
_entity_src_gen.gene_src_tissue_fraction           ? 
_entity_src_gen.gene_src_details                   ? 
_entity_src_gen.pdbx_gene_src_fragment             ? 
_entity_src_gen.pdbx_gene_src_scientific_name      'Escherichia coli' 
_entity_src_gen.pdbx_gene_src_ncbi_taxonomy_id     562 
_entity_src_gen.pdbx_gene_src_variant              ? 
_entity_src_gen.pdbx_gene_src_cell_line            ? 
_entity_src_gen.pdbx_gene_src_atcc                 ? 
_entity_src_gen.pdbx_gene_src_organ                ? 
_entity_src_gen.pdbx_gene_src_organelle            ? 
_entity_src_gen.pdbx_gene_src_cell                 ? 
_entity_src_gen.pdbx_gene_src_cellular_location    ? 
_entity_src_gen.host_org_common_name               ? 
_entity_src_gen.pdbx_host_org_scientific_name      'Escherichia coli' 
_entity_src_gen.pdbx_host_org_ncbi_taxonomy_id     562 
_entity_src_gen.host_org_genus                     Escherichia 
_entity_src_gen.pdbx_host_org_gene                 ? 
_entity_src_gen.pdbx_host_org_organ                ? 
_entity_src_gen.host_org_species                   ? 
_entity_src_gen.pdbx_host_org_tissue               ? 
_entity_src_gen.pdbx_host_org_tissue_fraction      ? 
_entity_src_gen.pdbx_host_org_strain               RR1 
_entity_src_gen.pdbx_host_org_variant              ? 
_entity_src_gen.pdbx_host_org_cell_line            ? 
_entity_src_gen.pdbx_host_org_atcc                 ? 
_entity_src_gen.pdbx_host_org_culture_collection   ? 
_entity_src_gen.pdbx_host_org_cell                 ? 
_entity_src_gen.pdbx_host_org_organelle            ? 
_entity_src_gen.pdbx_host_org_cellular_location    ? 
_entity_src_gen.pdbx_host_org_vector_type          plasmid 
_entity_src_gen.pdbx_host_org_vector               ? 
_entity_src_gen.host_org_details                   ? 
_entity_src_gen.expression_system_id               ? 
_entity_src_gen.plasmid_name                       pBR328 
_entity_src_gen.plasmid_details                    ? 
_entity_src_gen.pdbx_description                   ? 
# 
_struct_ref.id                         1 
_struct_ref.db_name                    UNP 
_struct_ref.db_code                    CEA5_ECOLI 
_struct_ref.pdbx_db_accession          P18000 
_struct_ref.entity_id                  1 
_struct_ref.pdbx_seq_one_letter_code   
;AEGKLNDELAKNKGKIPGLKIDQKIRGQMPERGWTEDDIKNTVSNGATGTSFDKRSPKKTPPDYLGRNDPATVYGSPGKY
VVVNDRTGEVTQISDKTDPGWVDDSRIQWGNKNDQ
;
_struct_ref.pdbx_align_begin           66 
_struct_ref.pdbx_db_isoform            ? 
# 
_struct_ref_seq.align_id                      1 
_struct_ref_seq.ref_id                        1 
_struct_ref_seq.pdbx_PDB_id_code              2DJH 
_struct_ref_seq.pdbx_strand_id                A 
_struct_ref_seq.seq_align_beg                 1 
_struct_ref_seq.pdbx_seq_align_beg_ins_code   ? 
_struct_ref_seq.seq_align_end                 115 
_struct_ref_seq.pdbx_seq_align_end_ins_code   ? 
_struct_ref_seq.pdbx_db_accession             P18000 
_struct_ref_seq.db_align_beg                  66 
_struct_ref_seq.pdbx_db_align_beg_ins_code    ? 
_struct_ref_seq.db_align_end                  180 
_struct_ref_seq.pdbx_db_align_end_ins_code    ? 
_struct_ref_seq.pdbx_auth_seq_align_beg       2 
_struct_ref_seq.pdbx_auth_seq_align_end       116 
# 
loop_
_chem_comp.id 
_chem_comp.type 
_chem_comp.mon_nstd_flag 
_chem_comp.name 
_chem_comp.pdbx_synonyms 
_chem_comp.formula 
_chem_comp.formula_weight 
3PD non-polymer         . '2-AMINO-9-(2-DEOXY-3-O-PHOSPHONOPENTOFURANOSYL)-1,9-DIHYDRO-6H-PURIN-6-ONE' 
"2'-DEOXYGUANOSINE-3'-MONOPHOSPHATE" 'C10 H14 N5 O7 P' 347.221 
ALA 'L-peptide linking' y ALANINE                                                                      ? 'C3 H7 N O2'      89.093  
ARG 'L-peptide linking' y ARGININE                                                                     ? 'C6 H15 N4 O2 1'  175.209 
ASN 'L-peptide linking' y ASPARAGINE                                                                   ? 'C4 H8 N2 O3'     132.118 
ASP 'L-peptide linking' y 'ASPARTIC ACID'                                                              ? 'C4 H7 N O4'      133.103 
GLN 'L-peptide linking' y GLUTAMINE                                                                    ? 'C5 H10 N2 O3'    146.144 
GLU 'L-peptide linking' y 'GLUTAMIC ACID'                                                              ? 'C5 H9 N O4'      147.129 
GLY 'peptide linking'   y GLYCINE                                                                      ? 'C2 H5 N O2'      75.067  
HOH non-polymer         . WATER                                                                        ? 'H2 O'            18.015  
ILE 'L-peptide linking' y ISOLEUCINE                                                                   ? 'C6 H13 N O2'     131.173 
LEU 'L-peptide linking' y LEUCINE                                                                      ? 'C6 H13 N O2'     131.173 
LYS 'L-peptide linking' y LYSINE                                                                       ? 'C6 H15 N2 O2 1'  147.195 
MET 'L-peptide linking' y METHIONINE                                                                   ? 'C5 H11 N O2 S'   149.211 
PHE 'L-peptide linking' y PHENYLALANINE                                                                ? 'C9 H11 N O2'     165.189 
PRO 'L-peptide linking' y PROLINE                                                                      ? 'C5 H9 N O2'      115.130 
SER 'L-peptide linking' y SERINE                                                                       ? 'C3 H7 N O3'      105.093 
THR 'L-peptide linking' y THREONINE                                                                    ? 'C4 H9 N O3'      119.119 
TRP 'L-peptide linking' y TRYPTOPHAN                                                                   ? 'C11 H12 N2 O2'   204.225 
TYR 'L-peptide linking' y TYROSINE                                                                     ? 'C9 H11 N O3'     181.189 
UM3 non-polymer         . 
;2'-DEOXYURIDINE 3'-MONOPHOSPHATE
;
?                                    'C9 H13 N2 O8 P'  308.182 
VAL 'L-peptide linking' y VALINE                                                                       ? 'C5 H11 N O2'     117.146 
# 
_exptl.entry_id          2DJH 
_exptl.method            'X-RAY DIFFRACTION' 
_exptl.crystals_number   1 
# 
_exptl_crystal.id                    1 
_exptl_crystal.density_meas          ? 
_exptl_crystal.density_Matthews      1.747624 
_exptl_crystal.density_percent_sol   29.618711 
_exptl_crystal.description           ? 
_exptl_crystal.F_000                 ? 
_exptl_crystal.preparation           ? 
# 
_exptl_crystal_grow.crystal_id      1 
_exptl_crystal_grow.method          'VAPOR DIFFUSION, HANGING DROP' 
_exptl_crystal_grow.temp            293 
_exptl_crystal_grow.temp_details    ? 
_exptl_crystal_grow.pH              8.0 
_exptl_crystal_grow.pdbx_details    '2M ammonium sulfate, 20mM TrisCL, pH 8.0, VAPOR DIFFUSION, HANGING DROP, temperature 293K' 
_exptl_crystal_grow.pdbx_pH_range   . 
# 
_diffrn.id                     1 
_diffrn.ambient_temp           95 
_diffrn.ambient_temp_details   ? 
_diffrn.crystal_id             1 
# 
_diffrn_detector.diffrn_id              1 
_diffrn_detector.detector               CCD 
_diffrn_detector.type                   MARRESEARCH 
_diffrn_detector.pdbx_collection_date   2003-03-24 
_diffrn_detector.details                ? 
# 
_diffrn_radiation.diffrn_id                        1 
_diffrn_radiation.wavelength_id                    1 
_diffrn_radiation.pdbx_monochromatic_or_laue_m_l   M 
_diffrn_radiation.monochromator                    'Si 111' 
_diffrn_radiation.pdbx_diffrn_protocol             'SINGLE WAVELENGTH' 
_diffrn_radiation.pdbx_scattering_type             x-ray 
# 
_diffrn_radiation_wavelength.id           1 
_diffrn_radiation_wavelength.wavelength   1.0000 
_diffrn_radiation_wavelength.wt           1.0 
# 
_diffrn_source.diffrn_id                   1 
_diffrn_source.source                      SYNCHROTRON 
_diffrn_source.type                        'SPRING-8 BEAMLINE BL41XU' 
_diffrn_source.pdbx_synchrotron_site       SPring-8 
_diffrn_source.pdbx_synchrotron_beamline   BL41XU 
_diffrn_source.pdbx_wavelength             ? 
_diffrn_source.pdbx_wavelength_list        1.0000 
# 
_reflns.entry_id                     2DJH 
_reflns.observed_criterion_sigma_I   0.0 
_reflns.observed_criterion_sigma_F   0.0 
_reflns.d_resolution_low             38.3 
_reflns.d_resolution_high            1.75 
_reflns.number_obs                   9397 
_reflns.number_all                   9473 
_reflns.percent_possible_obs         99.2 
_reflns.pdbx_Rmerge_I_obs            0.046 
_reflns.pdbx_Rsym_value              ? 
_reflns.pdbx_netI_over_sigmaI        ? 
_reflns.B_iso_Wilson_estimate        ? 
_reflns.pdbx_redundancy              7.0 
_reflns.R_free_details               ? 
_reflns.limit_h_max                  ? 
_reflns.limit_h_min                  ? 
_reflns.limit_k_max                  ? 
_reflns.limit_k_min                  ? 
_reflns.limit_l_max                  ? 
_reflns.limit_l_min                  ? 
_reflns.observed_criterion_F_max     ? 
_reflns.observed_criterion_F_min     ? 
_reflns.pdbx_chi_squared             ? 
_reflns.pdbx_scaling_rejects         ? 
_reflns.pdbx_diffrn_id               1 
_reflns.pdbx_ordinal                 1 
# 
_reflns_shell.d_res_high             1.75 
_reflns_shell.d_res_low              1.81 
_reflns_shell.percent_possible_all   100.0 
_reflns_shell.Rmerge_I_obs           0.17 
_reflns_shell.pdbx_Rsym_value        ? 
_reflns_shell.meanI_over_sigI_obs    ? 
_reflns_shell.pdbx_redundancy        7.1 
_reflns_shell.percent_possible_obs   ? 
_reflns_shell.number_unique_all      936 
_reflns_shell.number_measured_all    ? 
_reflns_shell.number_measured_obs    ? 
_reflns_shell.number_unique_obs      ? 
_reflns_shell.pdbx_chi_squared       ? 
_reflns_shell.pdbx_diffrn_id         ? 
_reflns_shell.pdbx_ordinal           1 
# 
_refine.entry_id                                 2DJH 
_refine.ls_number_reflns_obs                     7399 
_refine.ls_number_reflns_all                     7466 
_refine.pdbx_ls_sigma_I                          ? 
_refine.pdbx_ls_sigma_F                          0.0 
_refine.pdbx_data_cutoff_high_absF               ? 
_refine.pdbx_data_cutoff_low_absF                ? 
_refine.pdbx_data_cutoff_high_rms_absF           ? 
_refine.ls_d_res_low                             26.46 
_refine.ls_d_res_high                            1.90 
_refine.ls_percent_reflns_obs                    100.0 
_refine.ls_R_factor_obs                          0.199 
_refine.ls_R_factor_all                          0.199 
_refine.ls_R_factor_R_work                       0.198 
_refine.ls_R_factor_R_free                       0.214 
_refine.ls_R_factor_R_free_error                 ? 
_refine.ls_R_factor_R_free_error_details         ? 
_refine.ls_percent_reflns_R_free                 ? 
_refine.ls_number_reflns_R_free                  395 
_refine.ls_number_parameters                     ? 
_refine.ls_number_restraints                     ? 
_refine.occupancy_min                            ? 
_refine.occupancy_max                            ? 
_refine.correlation_coeff_Fo_to_Fc               ? 
_refine.correlation_coeff_Fo_to_Fc_free          ? 
_refine.B_iso_mean                               ? 
_refine.aniso_B[1][1]                            ? 
_refine.aniso_B[2][2]                            ? 
_refine.aniso_B[3][3]                            ? 
_refine.aniso_B[1][2]                            ? 
_refine.aniso_B[1][3]                            ? 
_refine.aniso_B[2][3]                            ? 
_refine.solvent_model_details                    ? 
_refine.solvent_model_param_ksol                 ? 
_refine.solvent_model_param_bsol                 ? 
_refine.pdbx_solvent_vdw_probe_radii             ? 
_refine.pdbx_solvent_ion_probe_radii             ? 
_refine.pdbx_solvent_shrinkage_radii             ? 
_refine.pdbx_ls_cross_valid_method               THROUGHOUT 
_refine.details                                  ? 
_refine.pdbx_starting_model                      'pdb entry 2dfx; chain_id E' 
_refine.pdbx_method_to_determine_struct          'MOLECULAR REPLACEMENT' 
_refine.pdbx_isotropic_thermal_model             ? 
_refine.pdbx_stereochemistry_target_values       'Engh & Huber' 
_refine.pdbx_stereochem_target_val_spec_case     ? 
_refine.pdbx_R_Free_selection_details            random 
_refine.pdbx_overall_ESU_R                       ? 
_refine.pdbx_overall_ESU_R_Free                  ? 
_refine.overall_SU_ML                            ? 
_refine.overall_SU_B                             ? 
_refine.ls_redundancy_reflns_obs                 ? 
_refine.B_iso_min                                ? 
_refine.B_iso_max                                ? 
_refine.overall_SU_R_Cruickshank_DPI             ? 
_refine.overall_SU_R_free                        ? 
_refine.ls_wR_factor_R_free                      ? 
_refine.ls_wR_factor_R_work                      ? 
_refine.overall_FOM_free_R_set                   ? 
_refine.overall_FOM_work_R_set                   ? 
_refine.pdbx_refine_id                           'X-RAY DIFFRACTION' 
_refine.pdbx_diffrn_id                           1 
_refine.pdbx_TLS_residual_ADP_flag               ? 
_refine.pdbx_overall_phase_error                 ? 
_refine.pdbx_overall_SU_R_free_Cruickshank_DPI   ? 
_refine.pdbx_overall_SU_R_Blow_DPI               ? 
_refine.pdbx_overall_SU_R_free_Blow_DPI          ? 
# 
_refine_analyze.entry_id                        2DJH 
_refine_analyze.Luzzati_coordinate_error_obs    0.21 
_refine_analyze.Luzzati_sigma_a_obs             0.13 
_refine_analyze.Luzzati_d_res_low_obs           5.00 
_refine_analyze.Luzzati_coordinate_error_free   0.22 
_refine_analyze.Luzzati_sigma_a_free            0.18 
_refine_analyze.Luzzati_d_res_low_free          ? 
_refine_analyze.number_disordered_residues      ? 
_refine_analyze.occupancy_sum_hydrogen          ? 
_refine_analyze.occupancy_sum_non_hydrogen      ? 
_refine_analyze.pdbx_Luzzati_d_res_high_obs     ? 
_refine_analyze.pdbx_refine_id                  'X-RAY DIFFRACTION' 
# 
_refine_hist.pdbx_refine_id                   'X-RAY DIFFRACTION' 
_refine_hist.cycle_id                         LAST 
_refine_hist.pdbx_number_atoms_protein        749 
_refine_hist.pdbx_number_atoms_nucleic_acid   0 
_refine_hist.pdbx_number_atoms_ligand         42 
_refine_hist.number_atoms_solvent             105 
_refine_hist.number_atoms_total               896 
_refine_hist.d_res_high                       1.90 
_refine_hist.d_res_low                        26.46 
# 
loop_
_refine_ls_restr.type 
_refine_ls_restr.dev_ideal 
_refine_ls_restr.dev_ideal_target 
_refine_ls_restr.weight 
_refine_ls_restr.number 
_refine_ls_restr.pdbx_refine_id 
_refine_ls_restr.pdbx_restraint_function 
c_bond_d           0.005 ? ? ? 'X-RAY DIFFRACTION' ? 
c_dihedral_angle_d 23.2  ? ? ? 'X-RAY DIFFRACTION' ? 
c_angle_deg        1.3   ? ? ? 'X-RAY DIFFRACTION' ? 
c_improper_angle_d 0.85  ? ? ? 'X-RAY DIFFRACTION' ? 
# 
_refine_ls_shell.pdbx_total_number_of_bins_used   ? 
_refine_ls_shell.d_res_high                       1.90 
_refine_ls_shell.d_res_low                        2.09 
_refine_ls_shell.number_reflns_R_work             1723 
_refine_ls_shell.R_factor_R_work                  0.252 
_refine_ls_shell.percent_reflns_obs               ? 
_refine_ls_shell.R_factor_R_free                  0.214 
_refine_ls_shell.R_factor_R_free_error            0.020 
_refine_ls_shell.percent_reflns_R_free            6.3 
_refine_ls_shell.number_reflns_R_free             115 
_refine_ls_shell.number_reflns_all                ? 
_refine_ls_shell.R_factor_all                     ? 
_refine_ls_shell.number_reflns_obs                1214 
_refine_ls_shell.redundancy_reflns_obs            ? 
_refine_ls_shell.pdbx_refine_id                   'X-RAY DIFFRACTION' 
# 
_struct.entry_id                  2DJH 
_struct.title                     'Crystal structure of the carboxy-terminal ribonuclease domain of Colicin E5' 
_struct.pdbx_model_details        ? 
_struct.pdbx_CASP_flag            ? 
_struct.pdbx_model_type_details   ? 
# 
_struct_keywords.entry_id        2DJH 
_struct_keywords.pdbx_keywords   HYDROLASE 
_struct_keywords.text            'alpha/beta protein, HYDROLASE' 
# 
loop_
_struct_asym.id 
_struct_asym.pdbx_blank_PDB_chainid_flag 
_struct_asym.pdbx_modified 
_struct_asym.entity_id 
_struct_asym.details 
A N N 1 ? 
B N N 2 ? 
C N N 3 ? 
D N N 4 ? 
# 
loop_
_struct_conf.conf_type_id 
_struct_conf.id 
_struct_conf.pdbx_PDB_helix_id 
_struct_conf.beg_label_comp_id 
_struct_conf.beg_label_asym_id 
_struct_conf.beg_label_seq_id 
_struct_conf.pdbx_beg_PDB_ins_code 
_struct_conf.end_label_comp_id 
_struct_conf.end_label_asym_id 
_struct_conf.end_label_seq_id 
_struct_conf.pdbx_end_PDB_ins_code 
_struct_conf.beg_auth_comp_id 
_struct_conf.beg_auth_asym_id 
_struct_conf.beg_auth_seq_id 
_struct_conf.end_auth_comp_id 
_struct_conf.end_auth_asym_id 
_struct_conf.end_auth_seq_id 
_struct_conf.pdbx_PDB_helix_class 
_struct_conf.details 
_struct_conf.pdbx_PDB_helix_length 
HELX_P HELX_P1 1 ASP A 22 ? MET A 29 ? ASP A 23 MET A 30 1 ? 8  
HELX_P HELX_P2 2 THR A 35 ? ASN A 45 ? THR A 36 ASN A 46 1 ? 11 
HELX_P HELX_P3 3 SER A 56 ? THR A 60 ? SER A 57 THR A 61 5 ? 5  
# 
_struct_conf_type.id          HELX_P 
_struct_conf_type.criteria    ? 
_struct_conf_type.reference   ? 
# 
_struct_conn.id                            covale1 
_struct_conn.conn_type_id                  covale 
_struct_conn.pdbx_leaving_atom_flag        none 
_struct_conn.pdbx_PDB_id                   ? 
_struct_conn.ptnr1_label_asym_id           B 
_struct_conn.ptnr1_label_comp_id           3PD 
_struct_conn.ptnr1_label_seq_id            . 
_struct_conn.ptnr1_label_atom_id           P 
_struct_conn.pdbx_ptnr1_label_alt_id       ? 
_struct_conn.pdbx_ptnr1_PDB_ins_code       ? 
_struct_conn.pdbx_ptnr1_standard_comp_id   ? 
_struct_conn.ptnr1_symmetry                1_555 
_struct_conn.ptnr2_label_asym_id           C 
_struct_conn.ptnr2_label_comp_id           UM3 
_struct_conn.ptnr2_label_seq_id            . 
_struct_conn.ptnr2_label_atom_id           "O5'" 
_struct_conn.pdbx_ptnr2_label_alt_id       ? 
_struct_conn.pdbx_ptnr2_PDB_ins_code       ? 
_struct_conn.ptnr1_auth_asym_id            A 
_struct_conn.ptnr1_auth_comp_id            3PD 
_struct_conn.ptnr1_auth_seq_id             117 
_struct_conn.ptnr2_auth_asym_id            A 
_struct_conn.ptnr2_auth_comp_id            UM3 
_struct_conn.ptnr2_auth_seq_id             118 
_struct_conn.ptnr2_symmetry                1_555 
_struct_conn.pdbx_ptnr3_label_atom_id      ? 
_struct_conn.pdbx_ptnr3_label_seq_id       ? 
_struct_conn.pdbx_ptnr3_label_comp_id      ? 
_struct_conn.pdbx_ptnr3_label_asym_id      ? 
_struct_conn.pdbx_ptnr3_label_alt_id       ? 
_struct_conn.pdbx_ptnr3_PDB_ins_code       ? 
_struct_conn.details                       ? 
_struct_conn.pdbx_dist_value               1.595 
_struct_conn.pdbx_value_order              ? 
_struct_conn.pdbx_role                     ? 
# 
_struct_conn_type.id          covale 
_struct_conn_type.criteria    ? 
_struct_conn_type.reference   ? 
# 
_struct_mon_prot_cis.pdbx_id                1 
_struct_mon_prot_cis.label_comp_id          PRO 
_struct_mon_prot_cis.label_seq_id           61 
_struct_mon_prot_cis.label_asym_id          A 
_struct_mon_prot_cis.label_alt_id           . 
_struct_mon_prot_cis.pdbx_PDB_ins_code      ? 
_struct_mon_prot_cis.auth_comp_id           PRO 
_struct_mon_prot_cis.auth_seq_id            62 
_struct_mon_prot_cis.auth_asym_id           A 
_struct_mon_prot_cis.pdbx_label_comp_id_2   PRO 
_struct_mon_prot_cis.pdbx_label_seq_id_2    62 
_struct_mon_prot_cis.pdbx_label_asym_id_2   A 
_struct_mon_prot_cis.pdbx_PDB_ins_code_2    ? 
_struct_mon_prot_cis.pdbx_auth_comp_id_2    PRO 
_struct_mon_prot_cis.pdbx_auth_seq_id_2     63 
_struct_mon_prot_cis.pdbx_auth_asym_id_2    A 
_struct_mon_prot_cis.pdbx_PDB_model_num     1 
_struct_mon_prot_cis.pdbx_omega_angle       0.13 
# 
_struct_sheet.id               A 
_struct_sheet.type             ? 
_struct_sheet.number_strands   5 
_struct_sheet.details          ? 
# 
loop_
_struct_sheet_order.sheet_id 
_struct_sheet_order.range_id_1 
_struct_sheet_order.range_id_2 
_struct_sheet_order.offset 
_struct_sheet_order.sense 
A 1 2 ? anti-parallel 
A 2 3 ? anti-parallel 
A 3 4 ? anti-parallel 
A 4 5 ? anti-parallel 
# 
loop_
_struct_sheet_range.sheet_id 
_struct_sheet_range.id 
_struct_sheet_range.beg_label_comp_id 
_struct_sheet_range.beg_label_asym_id 
_struct_sheet_range.beg_label_seq_id 
_struct_sheet_range.pdbx_beg_PDB_ins_code 
_struct_sheet_range.end_label_comp_id 
_struct_sheet_range.end_label_asym_id 
_struct_sheet_range.end_label_seq_id 
_struct_sheet_range.pdbx_end_PDB_ins_code 
_struct_sheet_range.beg_auth_comp_id 
_struct_sheet_range.beg_auth_asym_id 
_struct_sheet_range.beg_auth_seq_id 
_struct_sheet_range.end_auth_comp_id 
_struct_sheet_range.end_auth_asym_id 
_struct_sheet_range.end_auth_seq_id 
A 1 VAL A 90  ? ILE A 93  ? VAL A 91  ILE A 94  
A 2 LYS A 79  ? ASN A 84  ? LYS A 80  ASN A 85  
A 3 ASP A 69  ? SER A 76  ? ASP A 70  SER A 77  
A 4 GLY A 49  ? ASP A 53  ? GLY A 50  ASP A 54  
A 5 GLN A 108 ? TRP A 109 ? GLN A 109 TRP A 110 
# 
loop_
_pdbx_struct_sheet_hbond.sheet_id 
_pdbx_struct_sheet_hbond.range_id_1 
_pdbx_struct_sheet_hbond.range_id_2 
_pdbx_struct_sheet_hbond.range_1_label_atom_id 
_pdbx_struct_sheet_hbond.range_1_label_comp_id 
_pdbx_struct_sheet_hbond.range_1_label_asym_id 
_pdbx_struct_sheet_hbond.range_1_label_seq_id 
_pdbx_struct_sheet_hbond.range_1_PDB_ins_code 
_pdbx_struct_sheet_hbond.range_1_auth_atom_id 
_pdbx_struct_sheet_hbond.range_1_auth_comp_id 
_pdbx_struct_sheet_hbond.range_1_auth_asym_id 
_pdbx_struct_sheet_hbond.range_1_auth_seq_id 
_pdbx_struct_sheet_hbond.range_2_label_atom_id 
_pdbx_struct_sheet_hbond.range_2_label_comp_id 
_pdbx_struct_sheet_hbond.range_2_label_asym_id 
_pdbx_struct_sheet_hbond.range_2_label_seq_id 
_pdbx_struct_sheet_hbond.range_2_PDB_ins_code 
_pdbx_struct_sheet_hbond.range_2_auth_atom_id 
_pdbx_struct_sheet_hbond.range_2_auth_comp_id 
_pdbx_struct_sheet_hbond.range_2_auth_asym_id 
_pdbx_struct_sheet_hbond.range_2_auth_seq_id 
A 1 2 O GLN A 92 ? O GLN A 93 N VAL A 82  ? N VAL A 83  
A 2 3 O VAL A 83 ? O VAL A 84 N THR A 72  ? N THR A 73  
A 3 4 O ASP A 69 ? O ASP A 70 N ASP A 53  ? N ASP A 54  
A 4 5 N THR A 50 ? N THR A 51 O GLN A 108 ? O GLN A 109 
# 
loop_
_struct_site.id 
_struct_site.pdbx_evidence_code 
_struct_site.pdbx_auth_asym_id 
_struct_site.pdbx_auth_comp_id 
_struct_site.pdbx_auth_seq_id 
_struct_site.pdbx_auth_ins_code 
_struct_site.pdbx_num_residues 
_struct_site.details 
AC1 Software A 3PD 117 ? 14 'BINDING SITE FOR RESIDUE 3PD A 117' 
AC2 Software A UM3 118 ? 16 'BINDING SITE FOR RESIDUE UM3 A 118' 
# 
loop_
_struct_site_gen.id 
_struct_site_gen.site_id 
_struct_site_gen.pdbx_num_res 
_struct_site_gen.label_comp_id 
_struct_site_gen.label_asym_id 
_struct_site_gen.label_seq_id 
_struct_site_gen.pdbx_auth_ins_code 
_struct_site_gen.auth_comp_id 
_struct_site_gen.auth_asym_id 
_struct_site_gen.auth_seq_id 
_struct_site_gen.label_atom_id 
_struct_site_gen.label_alt_id 
_struct_site_gen.symmetry 
_struct_site_gen.details 
1  AC1 14 LYS A 24  ? LYS A 25  . ? 1_555 ? 
2  AC1 14 GLN A 28  ? GLN A 29  . ? 1_555 ? 
3  AC1 14 ARG A 32  ? ARG A 33  . ? 1_555 ? 
4  AC1 14 PHE A 52  ? PHE A 53  . ? 4_555 ? 
5  AC1 14 LYS A 54  ? LYS A 55  . ? 4_555 ? 
6  AC1 14 GLN A 92  ? GLN A 93  . ? 1_555 ? 
7  AC1 14 TRP A 101 ? TRP A 102 . ? 1_555 ? 
8  AC1 14 VAL A 102 ? VAL A 103 . ? 1_555 ? 
9  AC1 14 SER A 105 ? SER A 106 . ? 4_555 ? 
10 AC1 14 ARG A 106 ? ARG A 107 . ? 4_555 ? 
11 AC1 14 GLN A 108 ? GLN A 109 . ? 4_555 ? 
12 AC1 14 UM3 C .   ? UM3 A 118 . ? 1_555 ? 
13 AC1 14 HOH D .   ? HOH A 122 . ? 1_555 ? 
14 AC1 14 HOH D .   ? HOH A 167 . ? 1_555 ? 
15 AC2 16 SER A 51  ? SER A 52  . ? 1_555 ? 
16 AC2 16 PHE A 52  ? PHE A 53  . ? 1_555 ? 
17 AC2 16 ASP A 53  ? ASP A 54  . ? 1_555 ? 
18 AC2 16 LYS A 54  ? LYS A 55  . ? 1_555 ? 
19 AC2 16 ARG A 55  ? ARG A 56  . ? 1_555 ? 
20 AC2 16 SER A 56  ? SER A 57  . ? 1_555 ? 
21 AC2 16 LYS A 59  ? LYS A 60  . ? 1_555 ? 
22 AC2 16 VAL A 82  ? VAL A 83  . ? 1_555 ? 
23 AC2 16 THR A 91  ? THR A 92  . ? 1_555 ? 
24 AC2 16 GLN A 92  ? GLN A 93  . ? 1_555 ? 
25 AC2 16 ASP A 104 ? ASP A 105 . ? 1_555 ? 
26 AC2 16 ARG A 106 ? ARG A 107 . ? 1_555 ? 
27 AC2 16 GLN A 108 ? GLN A 109 . ? 4_555 ? 
28 AC2 16 3PD B .   ? 3PD A 117 . ? 1_555 ? 
29 AC2 16 HOH D .   ? HOH A 165 . ? 1_555 ? 
30 AC2 16 HOH D .   ? HOH A 177 . ? 1_555 ? 
# 
_atom_sites.entry_id                    2DJH 
_atom_sites.fract_transf_matrix[1][1]   -0.00423078 
_atom_sites.fract_transf_matrix[1][2]   0.00807795 
_atom_sites.fract_transf_matrix[1][3]   0.03302208 
_atom_sites.fract_transf_matrix[2][1]   0.02036363 
_atom_sites.fract_transf_matrix[2][2]   0.00100926 
_atom_sites.fract_transf_matrix[2][3]   0.00236210 
_atom_sites.fract_transf_matrix[3][1]   -0.00032378 
_atom_sites.fract_transf_matrix[3][2]   0.01550951 
_atom_sites.fract_transf_matrix[3][3]   -0.00383546 
_atom_sites.fract_transf_vector[1]      0.170245 
_atom_sites.fract_transf_vector[2]      0.418822 
_atom_sites.fract_transf_vector[3]      0.126990 
# 
loop_
_atom_type.symbol 
C 
N 
O 
P 
S 
# 
loop_
_atom_site.group_PDB 
_atom_site.id 
_atom_site.type_symbol 
_atom_site.label_atom_id 
_atom_site.label_alt_id 
_atom_site.label_comp_id 
_atom_site.label_asym_id 
_atom_site.label_entity_id 
_atom_site.label_seq_id 
_atom_site.pdbx_PDB_ins_code 
_atom_site.Cartn_x 
_atom_site.Cartn_y 
_atom_site.Cartn_z 
_atom_site.occupancy 
_atom_site.B_iso_or_equiv 
_atom_site.pdbx_formal_charge 
_atom_site.auth_seq_id 
_atom_site.auth_comp_id 
_atom_site.auth_asym_id 
_atom_site.auth_atom_id 
_atom_site.pdbx_PDB_model_num 
ATOM   1   N N     . LYS A 1 15  ? 6.251   5.201   -11.280 1.00 31.72 ? 16  LYS A N     1 
ATOM   2   C CA    . LYS A 1 15  ? 5.228   5.313   -10.206 1.00 30.01 ? 16  LYS A CA    1 
ATOM   3   C C     . LYS A 1 15  ? 5.755   5.951   -8.919  1.00 28.13 ? 16  LYS A C     1 
ATOM   4   O O     . LYS A 1 15  ? 4.977   6.267   -8.019  1.00 25.47 ? 16  LYS A O     1 
ATOM   5   C CB    . LYS A 1 15  ? 4.639   3.932   -9.905  1.00 34.93 ? 16  LYS A CB    1 
ATOM   6   C CG    . LYS A 1 15  ? 3.814   3.365   -11.056 1.00 38.96 ? 16  LYS A CG    1 
ATOM   7   C CD    . LYS A 1 15  ? 3.159   2.038   -10.704 1.00 40.48 ? 16  LYS A CD    1 
ATOM   8   C CE    . LYS A 1 15  ? 2.332   1.520   -11.876 1.00 43.28 ? 16  LYS A CE    1 
ATOM   9   N NZ    . LYS A 1 15  ? 1.748   0.174   -11.621 1.00 43.72 ? 16  LYS A NZ    1 
ATOM   10  N N     . ILE A 1 16  ? 7.064   6.164   -8.828  1.00 26.18 ? 17  ILE A N     1 
ATOM   11  C CA    . ILE A 1 16  ? 7.621   6.764   -7.620  1.00 24.32 ? 17  ILE A CA    1 
ATOM   12  C C     . ILE A 1 16  ? 7.239   8.230   -7.415  1.00 24.04 ? 17  ILE A C     1 
ATOM   13  O O     . ILE A 1 16  ? 6.849   8.617   -6.313  1.00 23.86 ? 17  ILE A O     1 
ATOM   14  C CB    . ILE A 1 16  ? 9.156   6.602   -7.564  1.00 23.92 ? 17  ILE A CB    1 
ATOM   15  C CG1   . ILE A 1 16  ? 9.498   5.129   -7.324  1.00 23.73 ? 17  ILE A CG1   1 
ATOM   16  C CG2   . ILE A 1 16  ? 9.738   7.475   -6.455  1.00 23.02 ? 17  ILE A CG2   1 
ATOM   17  C CD1   . ILE A 1 16  ? 10.976  4.820   -7.289  1.00 26.43 ? 17  ILE A CD1   1 
ATOM   18  N N     . PRO A 1 17  ? 7.352   9.067   -8.462  1.00 25.51 ? 18  PRO A N     1 
ATOM   19  C CA    . PRO A 1 17  ? 6.992   10.486  -8.319  1.00 26.69 ? 18  PRO A CA    1 
ATOM   20  C C     . PRO A 1 17  ? 5.478   10.678  -8.114  1.00 26.59 ? 18  PRO A C     1 
ATOM   21  O O     . PRO A 1 17  ? 5.031   11.685  -7.558  1.00 28.50 ? 18  PRO A O     1 
ATOM   22  C CB    . PRO A 1 17  ? 7.469   11.100  -9.638  1.00 27.44 ? 18  PRO A CB    1 
ATOM   23  C CG    . PRO A 1 17  ? 8.578   10.186  -10.069 1.00 28.48 ? 18  PRO A CG    1 
ATOM   24  C CD    . PRO A 1 17  ? 8.017   8.827   -9.753  1.00 24.97 ? 18  PRO A CD    1 
ATOM   25  N N     . GLY A 1 18  ? 4.697   9.704   -8.568  1.00 25.70 ? 19  GLY A N     1 
ATOM   26  C CA    . GLY A 1 18  ? 3.252   9.788   -8.430  1.00 23.53 ? 19  GLY A CA    1 
ATOM   27  C C     . GLY A 1 18  ? 2.705   9.213   -7.132  1.00 23.51 ? 19  GLY A C     1 
ATOM   28  O O     . GLY A 1 18  ? 1.507   9.320   -6.861  1.00 20.43 ? 19  GLY A O     1 
ATOM   29  N N     . LEU A 1 19  ? 3.571   8.606   -6.326  1.00 21.12 ? 20  LEU A N     1 
ATOM   30  C CA    . LEU A 1 19  ? 3.144   8.020   -5.057  1.00 23.04 ? 20  LEU A CA    1 
ATOM   31  C C     . LEU A 1 19  ? 2.448   9.033   -4.164  1.00 25.21 ? 20  LEU A C     1 
ATOM   32  O O     . LEU A 1 19  ? 2.988   10.106  -3.895  1.00 26.37 ? 20  LEU A O     1 
ATOM   33  C CB    . LEU A 1 19  ? 4.340   7.449   -4.289  1.00 22.86 ? 20  LEU A CB    1 
ATOM   34  C CG    . LEU A 1 19  ? 4.938   6.107   -4.699  1.00 21.94 ? 20  LEU A CG    1 
ATOM   35  C CD1   . LEU A 1 19  ? 6.145   5.822   -3.819  1.00 22.61 ? 20  LEU A CD1   1 
ATOM   36  C CD2   . LEU A 1 19  ? 3.894   5.002   -4.548  1.00 21.53 ? 20  LEU A CD2   1 
ATOM   37  N N     . LYS A 1 20  ? 1.253   8.680   -3.700  1.00 25.06 ? 21  LYS A N     1 
ATOM   38  C CA    . LYS A 1 20  ? 0.479   9.542   -2.819  1.00 25.65 ? 21  LYS A CA    1 
ATOM   39  C C     . LYS A 1 20  ? 0.223   8.836   -1.490  1.00 25.96 ? 21  LYS A C     1 
ATOM   40  O O     . LYS A 1 20  ? -0.383  7.767   -1.455  1.00 24.70 ? 21  LYS A O     1 
ATOM   41  C CB    . LYS A 1 20  ? -0.861  9.904   -3.464  1.00 26.43 ? 21  LYS A CB    1 
ATOM   42  C CG    . LYS A 1 20  ? -0.747  10.715  -4.739  1.00 29.40 ? 21  LYS A CG    1 
ATOM   43  C CD    . LYS A 1 20  ? -2.118  11.155  -5.224  1.00 32.42 ? 21  LYS A CD    1 
ATOM   44  C CE    . LYS A 1 20  ? -2.004  12.060  -6.436  1.00 35.36 ? 21  LYS A CE    1 
ATOM   45  N NZ    . LYS A 1 20  ? -1.152  13.257  -6.161  1.00 36.24 ? 21  LYS A NZ    1 
ATOM   46  N N     . ILE A 1 21  ? 0.694   9.440   -0.404  1.00 25.59 ? 22  ILE A N     1 
ATOM   47  C CA    . ILE A 1 21  ? 0.528   8.888   0.939   1.00 25.70 ? 22  ILE A CA    1 
ATOM   48  C C     . ILE A 1 21  ? -0.426  9.773   1.740   1.00 27.36 ? 22  ILE A C     1 
ATOM   49  O O     . ILE A 1 21  ? -0.059  10.888  2.112   1.00 28.44 ? 22  ILE A O     1 
ATOM   50  C CB    . ILE A 1 21  ? 1.879   8.838   1.690   1.00 25.99 ? 22  ILE A CB    1 
ATOM   51  C CG1   . ILE A 1 21  ? 2.839   7.863   1.003   1.00 28.23 ? 22  ILE A CG1   1 
ATOM   52  C CG2   . ILE A 1 21  ? 1.658   8.424   3.136   1.00 26.93 ? 22  ILE A CG2   1 
ATOM   53  C CD1   . ILE A 1 21  ? 3.296   8.303   -0.362  1.00 33.42 ? 22  ILE A CD1   1 
ATOM   54  N N     . ASP A 1 22  ? -1.636  9.293   2.016   1.00 26.91 ? 23  ASP A N     1 
ATOM   55  C CA    . ASP A 1 22  ? -2.582  10.112  2.769   1.00 29.31 ? 23  ASP A CA    1 
ATOM   56  C C     . ASP A 1 22  ? -2.254  10.206  4.258   1.00 30.13 ? 23  ASP A C     1 
ATOM   57  O O     . ASP A 1 22  ? -1.312  9.577   4.744   1.00 27.85 ? 23  ASP A O     1 
ATOM   58  C CB    . ASP A 1 22  ? -4.032  9.628   2.576   1.00 29.53 ? 23  ASP A CB    1 
ATOM   59  C CG    . ASP A 1 22  ? -4.276  8.226   3.108   1.00 29.13 ? 23  ASP A CG    1 
ATOM   60  O OD1   . ASP A 1 22  ? -3.670  7.852   4.131   1.00 28.47 ? 23  ASP A OD1   1 
ATOM   61  O OD2   . ASP A 1 22  ? -5.102  7.501   2.508   1.00 29.27 ? 23  ASP A OD2   1 
ATOM   62  N N     . GLN A 1 23  ? -3.037  11.011  4.967   1.00 32.56 ? 24  GLN A N     1 
ATOM   63  C CA    . GLN A 1 23  ? -2.852  11.233  6.396   1.00 35.09 ? 24  GLN A CA    1 
ATOM   64  C C     . GLN A 1 23  ? -2.933  9.933   7.185   1.00 34.32 ? 24  GLN A C     1 
ATOM   65  O O     . GLN A 1 23  ? -2.191  9.732   8.148   1.00 34.52 ? 24  GLN A O     1 
ATOM   66  C CB    . GLN A 1 23  ? -3.910  12.222  6.905   1.00 37.93 ? 24  GLN A CB    1 
ATOM   67  C CG    . GLN A 1 23  ? -3.732  12.652  8.354   1.00 42.93 ? 24  GLN A CG    1 
ATOM   68  C CD    . GLN A 1 23  ? -4.733  13.719  8.774   1.00 46.10 ? 24  GLN A CD    1 
ATOM   69  O OE1   . GLN A 1 23  ? -5.947  13.496  8.753   1.00 47.68 ? 24  GLN A OE1   1 
ATOM   70  N NE2   . GLN A 1 23  ? -4.225  14.888  9.157   1.00 46.65 ? 24  GLN A NE2   1 
ATOM   71  N N     . LYS A 1 24  ? -3.837  9.052   6.768   1.00 33.99 ? 25  LYS A N     1 
ATOM   72  C CA    . LYS A 1 24  ? -4.033  7.763   7.425   1.00 33.53 ? 25  LYS A CA    1 
ATOM   73  C C     . LYS A 1 24  ? -2.761  6.911   7.345   1.00 31.55 ? 25  LYS A C     1 
ATOM   74  O O     . LYS A 1 24  ? -2.259  6.429   8.361   1.00 29.19 ? 25  LYS A O     1 
ATOM   75  C CB    . LYS A 1 24  ? -5.207  7.034   6.763   1.00 36.76 ? 25  LYS A CB    1 
ATOM   76  C CG    . LYS A 1 24  ? -6.141  6.322   7.731   1.00 41.33 ? 25  LYS A CG    1 
ATOM   77  C CD    . LYS A 1 24  ? -5.701  4.897   8.015   1.00 44.29 ? 25  LYS A CD    1 
ATOM   78  C CE    . LYS A 1 24  ? -6.905  4.006   8.307   1.00 47.29 ? 25  LYS A CE    1 
ATOM   79  N NZ    . LYS A 1 24  ? -7.227  3.086   7.176   1.00 49.62 ? 25  LYS A NZ    1 
ATOM   80  N N     . ILE A 1 25  ? -2.244  6.733   6.132   1.00 28.07 ? 26  ILE A N     1 
ATOM   81  C CA    . ILE A 1 25  ? -1.032  5.952   5.918   1.00 26.35 ? 26  ILE A CA    1 
ATOM   82  C C     . ILE A 1 25  ? 0.163   6.595   6.625   1.00 25.75 ? 26  ILE A C     1 
ATOM   83  O O     . ILE A 1 25  ? 0.987   5.905   7.226   1.00 23.60 ? 26  ILE A O     1 
ATOM   84  C CB    . ILE A 1 25  ? -0.709  5.824   4.402   1.00 25.97 ? 26  ILE A CB    1 
ATOM   85  C CG1   . ILE A 1 25  ? -1.830  5.060   3.690   1.00 25.68 ? 26  ILE A CG1   1 
ATOM   86  C CG2   . ILE A 1 25  ? 0.627   5.111   4.206   1.00 25.47 ? 26  ILE A CG2   1 
ATOM   87  C CD1   . ILE A 1 25  ? -2.078  3.660   4.243   1.00 29.73 ? 26  ILE A CD1   1 
ATOM   88  N N     . ARG A 1 26  ? 0.249   7.918   6.547   1.00 25.24 ? 27  ARG A N     1 
ATOM   89  C CA    . ARG A 1 26  ? 1.341   8.649   7.173   1.00 27.43 ? 27  ARG A CA    1 
ATOM   90  C C     . ARG A 1 26  ? 1.448   8.304   8.660   1.00 26.54 ? 27  ARG A C     1 
ATOM   91  O O     . ARG A 1 26  ? 2.535   8.036   9.163   1.00 27.73 ? 27  ARG A O     1 
ATOM   92  C CB    . ARG A 1 26  ? 1.131   10.156  6.995   1.00 30.16 ? 27  ARG A CB    1 
ATOM   93  C CG    . ARG A 1 26  ? 2.310   11.003  7.440   1.00 33.32 ? 27  ARG A CG    1 
ATOM   94  C CD    . ARG A 1 26  ? 3.519   10.809  6.534   1.00 35.06 ? 27  ARG A CD    1 
ATOM   95  N NE    . ARG A 1 26  ? 3.260   11.254  5.167   1.00 38.31 ? 27  ARG A NE    1 
ATOM   96  C CZ    . ARG A 1 26  ? 4.178   11.278  4.203   1.00 38.89 ? 27  ARG A CZ    1 
ATOM   97  N NH1   . ARG A 1 26  ? 5.418   10.883  4.457   1.00 38.69 ? 27  ARG A NH1   1 
ATOM   98  N NH2   . ARG A 1 26  ? 3.855   11.688  2.983   1.00 38.95 ? 27  ARG A NH2   1 
ATOM   99  N N     . GLY A 1 27  ? 0.314   8.296   9.351   1.00 26.99 ? 28  GLY A N     1 
ATOM   100 C CA    . GLY A 1 27  ? 0.310   7.979   10.768  1.00 27.52 ? 28  GLY A CA    1 
ATOM   101 C C     . GLY A 1 27  ? 0.625   6.532   11.114  1.00 27.85 ? 28  GLY A C     1 
ATOM   102 O O     . GLY A 1 27  ? 1.088   6.248   12.223  1.00 26.85 ? 28  GLY A O     1 
ATOM   103 N N     . GLN A 1 28  ? 0.386   5.613   10.175  1.00 25.87 ? 29  GLN A N     1 
ATOM   104 C CA    . GLN A 1 28  ? 0.641   4.193   10.410  1.00 24.46 ? 29  GLN A CA    1 
ATOM   105 C C     . GLN A 1 28  ? 2.098   3.815   10.191  1.00 23.09 ? 29  GLN A C     1 
ATOM   106 O O     . GLN A 1 28  ? 2.592   2.866   10.792  1.00 23.45 ? 29  GLN A O     1 
ATOM   107 C CB    . GLN A 1 28  ? -0.226  3.322   9.491   1.00 22.48 ? 29  GLN A CB    1 
ATOM   108 C CG    . GLN A 1 28  ? -1.721  3.541   9.624   1.00 24.65 ? 29  GLN A CG    1 
ATOM   109 C CD    . GLN A 1 28  ? -2.524  2.673   8.670   1.00 26.23 ? 29  GLN A CD    1 
ATOM   110 O OE1   . GLN A 1 28  ? -2.097  2.405   7.546   1.00 24.28 ? 29  GLN A OE1   1 
ATOM   111 N NE2   . GLN A 1 28  ? -3.697  2.242   9.110   1.00 27.16 ? 29  GLN A NE2   1 
ATOM   112 N N     . MET A 1 29  ? 2.776   4.561   9.324   1.00 24.20 ? 30  MET A N     1 
ATOM   113 C CA    . MET A 1 29  ? 4.169   4.295   8.986   1.00 23.97 ? 30  MET A CA    1 
ATOM   114 C C     . MET A 1 29  ? 5.112   3.984   10.149  1.00 24.12 ? 30  MET A C     1 
ATOM   115 O O     . MET A 1 29  ? 5.776   2.948   10.146  1.00 23.47 ? 30  MET A O     1 
ATOM   116 C CB    . MET A 1 29  ? 4.715   5.449   8.137   1.00 25.07 ? 30  MET A CB    1 
ATOM   117 C CG    . MET A 1 29  ? 4.157   5.434   6.717   1.00 23.65 ? 30  MET A CG    1 
ATOM   118 S SD    . MET A 1 29  ? 4.459   6.918   5.749   1.00 26.66 ? 30  MET A SD    1 
ATOM   119 C CE    . MET A 1 29  ? 6.214   6.898   5.616   1.00 22.82 ? 30  MET A CE    1 
ATOM   120 N N     . PRO A 1 30  ? 5.191   4.870   11.155  1.00 24.75 ? 31  PRO A N     1 
ATOM   121 C CA    . PRO A 1 30  ? 6.088   4.589   12.280  1.00 25.17 ? 31  PRO A CA    1 
ATOM   122 C C     . PRO A 1 30  ? 5.642   3.386   13.116  1.00 25.40 ? 31  PRO A C     1 
ATOM   123 O O     . PRO A 1 30  ? 6.471   2.653   13.655  1.00 26.22 ? 31  PRO A O     1 
ATOM   124 C CB    . PRO A 1 30  ? 6.066   5.897   13.071  1.00 24.85 ? 31  PRO A CB    1 
ATOM   125 C CG    . PRO A 1 30  ? 4.690   6.394   12.836  1.00 26.12 ? 31  PRO A CG    1 
ATOM   126 C CD    . PRO A 1 30  ? 4.488   6.149   11.356  1.00 23.77 ? 31  PRO A CD    1 
ATOM   127 N N     . GLU A 1 31  ? 4.331   3.181   13.214  1.00 25.58 ? 32  GLU A N     1 
ATOM   128 C CA    . GLU A 1 31  ? 3.792   2.063   13.984  1.00 25.25 ? 32  GLU A CA    1 
ATOM   129 C C     . GLU A 1 31  ? 4.038   0.741   13.268  1.00 24.92 ? 32  GLU A C     1 
ATOM   130 O O     . GLU A 1 31  ? 4.201   -0.302  13.907  1.00 23.90 ? 32  GLU A O     1 
ATOM   131 C CB    . GLU A 1 31  ? 2.288   2.240   14.196  1.00 25.38 ? 32  GLU A CB    1 
ATOM   132 C CG    . GLU A 1 31  ? 1.878   3.656   14.539  1.00 28.26 ? 32  GLU A CG    1 
ATOM   133 C CD    . GLU A 1 31  ? 0.394   3.785   14.780  1.00 28.91 ? 32  GLU A CD    1 
ATOM   134 O OE1   . GLU A 1 31  ? -0.390  3.260   13.958  1.00 28.82 ? 32  GLU A OE1   1 
ATOM   135 O OE2   . GLU A 1 31  ? 0.008   4.418   15.787  1.00 32.04 ? 32  GLU A OE2   1 
ATOM   136 N N     . ARG A 1 32  ? 4.063   0.786   11.939  1.00 23.45 ? 33  ARG A N     1 
ATOM   137 C CA    . ARG A 1 32  ? 4.272   -0.417  11.143  1.00 22.88 ? 33  ARG A CA    1 
ATOM   138 C C     . ARG A 1 32  ? 5.697   -0.592  10.630  1.00 23.60 ? 33  ARG A C     1 
ATOM   139 O O     . ARG A 1 32  ? 5.972   -1.509  9.856   1.00 22.01 ? 33  ARG A O     1 
ATOM   140 C CB    . ARG A 1 32  ? 3.276   -0.450  9.977   1.00 22.49 ? 33  ARG A CB    1 
ATOM   141 C CG    . ARG A 1 32  ? 1.829   -0.393  10.451  1.00 23.43 ? 33  ARG A CG    1 
ATOM   142 C CD    . ARG A 1 32  ? 0.818   -0.682  9.350   1.00 21.12 ? 33  ARG A CD    1 
ATOM   143 N NE    . ARG A 1 32  ? -0.541  -0.448  9.835   1.00 21.57 ? 33  ARG A NE    1 
ATOM   144 C CZ    . ARG A 1 32  ? -1.646  -0.732  9.155   1.00 23.12 ? 33  ARG A CZ    1 
ATOM   145 N NH1   . ARG A 1 32  ? -2.834  -0.479  9.687   1.00 23.52 ? 33  ARG A NH1   1 
ATOM   146 N NH2   . ARG A 1 32  ? -1.567  -1.274  7.947   1.00 19.30 ? 33  ARG A NH2   1 
ATOM   147 N N     . GLY A 1 33  ? 6.595   0.287   11.061  1.00 24.27 ? 34  GLY A N     1 
ATOM   148 C CA    . GLY A 1 33  ? 7.991   0.187   10.665  1.00 26.58 ? 34  GLY A CA    1 
ATOM   149 C C     . GLY A 1 33  ? 8.377   0.700   9.288   1.00 26.65 ? 34  GLY A C     1 
ATOM   150 O O     . GLY A 1 33  ? 9.370   0.247   8.718   1.00 27.85 ? 34  GLY A O     1 
ATOM   151 N N     . TRP A 1 34  ? 7.614   1.645   8.751   1.00 26.86 ? 35  TRP A N     1 
ATOM   152 C CA    . TRP A 1 34  ? 7.916   2.192   7.433   1.00 26.77 ? 35  TRP A CA    1 
ATOM   153 C C     . TRP A 1 34  ? 8.260   3.678   7.444   1.00 26.95 ? 35  TRP A C     1 
ATOM   154 O O     . TRP A 1 34  ? 7.559   4.479   8.056   1.00 28.00 ? 35  TRP A O     1 
ATOM   155 C CB    . TRP A 1 34  ? 6.729   2.014   6.477   1.00 24.75 ? 35  TRP A CB    1 
ATOM   156 C CG    . TRP A 1 34  ? 6.405   0.610   6.083   1.00 24.12 ? 35  TRP A CG    1 
ATOM   157 C CD1   . TRP A 1 34  ? 5.545   -0.244  6.714   1.00 22.91 ? 35  TRP A CD1   1 
ATOM   158 C CD2   . TRP A 1 34  ? 6.893   -0.091  4.931   1.00 23.74 ? 35  TRP A CD2   1 
ATOM   159 N NE1   . TRP A 1 34  ? 5.462   -1.430  6.023   1.00 21.69 ? 35  TRP A NE1   1 
ATOM   160 C CE2   . TRP A 1 34  ? 6.278   -1.363  4.925   1.00 22.17 ? 35  TRP A CE2   1 
ATOM   161 C CE3   . TRP A 1 34  ? 7.788   0.234   3.901   1.00 23.43 ? 35  TRP A CE3   1 
ATOM   162 C CZ2   . TRP A 1 34  ? 6.527   -2.311  3.929   1.00 20.95 ? 35  TRP A CZ2   1 
ATOM   163 C CZ3   . TRP A 1 34  ? 8.036   -0.712  2.908   1.00 21.37 ? 35  TRP A CZ3   1 
ATOM   164 C CH2   . TRP A 1 34  ? 7.405   -1.969  2.931   1.00 22.74 ? 35  TRP A CH2   1 
ATOM   165 N N     . THR A 1 35  ? 9.341   4.044   6.760   1.00 26.39 ? 36  THR A N     1 
ATOM   166 C CA    . THR A 1 35  ? 9.712   5.449   6.626   1.00 26.29 ? 36  THR A CA    1 
ATOM   167 C C     . THR A 1 35  ? 9.335   5.740   5.174   1.00 25.58 ? 36  THR A C     1 
ATOM   168 O O     . THR A 1 35  ? 9.087   4.806   4.412   1.00 24.81 ? 36  THR A O     1 
ATOM   169 C CB    . THR A 1 35  ? 11.226  5.675   6.806   1.00 26.73 ? 36  THR A CB    1 
ATOM   170 O OG1   . THR A 1 35  ? 11.944  4.947   5.803   1.00 29.18 ? 36  THR A OG1   1 
ATOM   171 C CG2   . THR A 1 35  ? 11.672  5.217   8.185   1.00 26.69 ? 36  THR A CG2   1 
ATOM   172 N N     . GLU A 1 36  ? 9.272   7.005   4.774   1.00 26.20 ? 37  GLU A N     1 
ATOM   173 C CA    . GLU A 1 36  ? 8.912   7.271   3.389   1.00 26.63 ? 37  GLU A CA    1 
ATOM   174 C C     . GLU A 1 36  ? 9.981   6.685   2.466   1.00 25.66 ? 37  GLU A C     1 
ATOM   175 O O     . GLU A 1 36  ? 9.659   6.158   1.398   1.00 23.85 ? 37  GLU A O     1 
ATOM   176 C CB    . GLU A 1 36  ? 8.738   8.771   3.130   1.00 28.64 ? 37  GLU A CB    1 
ATOM   177 C CG    . GLU A 1 36  ? 8.168   9.074   1.742   1.00 30.67 ? 37  GLU A CG    1 
ATOM   178 C CD    . GLU A 1 36  ? 7.700   10.512  1.583   1.00 32.48 ? 37  GLU A CD    1 
ATOM   179 O OE1   . GLU A 1 36  ? 7.239   10.867  0.479   1.00 34.49 ? 37  GLU A OE1   1 
ATOM   180 O OE2   . GLU A 1 36  ? 7.785   11.287  2.558   1.00 32.57 ? 37  GLU A OE2   1 
ATOM   181 N N     . ASP A 1 37  ? 11.245  6.756   2.885   1.00 24.57 ? 38  ASP A N     1 
ATOM   182 C CA    . ASP A 1 37  ? 12.337  6.205   2.087   1.00 25.00 ? 38  ASP A CA    1 
ATOM   183 C C     . ASP A 1 37  ? 12.180  4.696   1.938   1.00 23.65 ? 38  ASP A C     1 
ATOM   184 O O     . ASP A 1 37  ? 12.473  4.142   0.884   1.00 22.30 ? 38  ASP A O     1 
ATOM   185 C CB    . ASP A 1 37  ? 13.705  6.497   2.721   1.00 25.52 ? 38  ASP A CB    1 
ATOM   186 C CG    . ASP A 1 37  ? 14.137  7.944   2.559   1.00 27.81 ? 38  ASP A CG    1 
ATOM   187 O OD1   . ASP A 1 37  ? 13.579  8.653   1.693   1.00 27.83 ? 38  ASP A OD1   1 
ATOM   188 O OD2   . ASP A 1 37  ? 15.053  8.364   3.295   1.00 30.73 ? 38  ASP A OD2   1 
ATOM   189 N N     . ASP A 1 38  ? 11.740  4.034   3.005   1.00 24.25 ? 39  ASP A N     1 
ATOM   190 C CA    . ASP A 1 38  ? 11.534  2.586   2.978   1.00 24.58 ? 39  ASP A CA    1 
ATOM   191 C C     . ASP A 1 38  ? 10.521  2.246   1.890   1.00 22.62 ? 39  ASP A C     1 
ATOM   192 O O     . ASP A 1 38  ? 10.741  1.359   1.064   1.00 21.77 ? 39  ASP A O     1 
ATOM   193 C CB    . ASP A 1 38  ? 10.988  2.093   4.323   1.00 26.59 ? 39  ASP A CB    1 
ATOM   194 C CG    . ASP A 1 38  ? 12.020  2.132   5.430   1.00 30.55 ? 39  ASP A CG    1 
ATOM   195 O OD1   . ASP A 1 38  ? 11.625  1.997   6.609   1.00 33.68 ? 39  ASP A OD1   1 
ATOM   196 O OD2   . ASP A 1 38  ? 13.221  2.284   5.129   1.00 30.61 ? 39  ASP A OD2   1 
ATOM   197 N N     . ILE A 1 39  ? 9.406   2.963   1.905   1.00 21.43 ? 40  ILE A N     1 
ATOM   198 C CA    . ILE A 1 39  ? 8.341   2.748   0.932   1.00 20.50 ? 40  ILE A CA    1 
ATOM   199 C C     . ILE A 1 39  ? 8.856   2.901   -0.496  1.00 19.92 ? 40  ILE A C     1 
ATOM   200 O O     . ILE A 1 39  ? 8.587   2.058   -1.356  1.00 18.83 ? 40  ILE A O     1 
ATOM   201 C CB    . ILE A 1 39  ? 7.182   3.731   1.179   1.00 18.60 ? 40  ILE A CB    1 
ATOM   202 C CG1   . ILE A 1 39  ? 6.491   3.380   2.500   1.00 20.05 ? 40  ILE A CG1   1 
ATOM   203 C CG2   . ILE A 1 39  ? 6.200   3.701   0.016   1.00 20.34 ? 40  ILE A CG2   1 
ATOM   204 C CD1   . ILE A 1 39  ? 5.409   4.367   2.898   1.00 22.06 ? 40  ILE A CD1   1 
ATOM   205 N N     . LYS A 1 40  ? 9.608   3.970   -0.737  1.00 19.22 ? 41  LYS A N     1 
ATOM   206 C CA    . LYS A 1 40  ? 10.156  4.227   -2.060  1.00 20.24 ? 41  LYS A CA    1 
ATOM   207 C C     . LYS A 1 40  ? 11.163  3.158   -2.462  1.00 19.58 ? 41  LYS A C     1 
ATOM   208 O O     . LYS A 1 40  ? 11.157  2.692   -3.602  1.00 18.60 ? 41  LYS A O     1 
ATOM   209 C CB    . LYS A 1 40  ? 10.810  5.614   -2.103  1.00 22.51 ? 41  LYS A CB    1 
ATOM   210 C CG    . LYS A 1 40  ? 9.818   6.763   -1.971  1.00 21.95 ? 41  LYS A CG    1 
ATOM   211 C CD    . LYS A 1 40  ? 10.493  8.122   -2.142  1.00 28.61 ? 41  LYS A CD    1 
ATOM   212 C CE    . LYS A 1 40  ? 9.465   9.256   -2.081  1.00 30.22 ? 41  LYS A CE    1 
ATOM   213 N NZ    . LYS A 1 40  ? 10.054  10.605  -2.316  1.00 31.82 ? 41  LYS A NZ    1 
ATOM   214 N N     . ASN A 1 41  ? 12.021  2.761   -1.527  1.00 20.75 ? 42  ASN A N     1 
ATOM   215 C CA    . ASN A 1 41  ? 13.022  1.737   -1.810  1.00 21.30 ? 42  ASN A CA    1 
ATOM   216 C C     . ASN A 1 41  ? 12.360  0.408   -2.148  1.00 21.37 ? 42  ASN A C     1 
ATOM   217 O O     . ASN A 1 41  ? 12.804  -0.307  -3.049  1.00 21.45 ? 42  ASN A O     1 
ATOM   218 C CB    . ASN A 1 41  ? 13.970  1.560   -0.614  1.00 23.12 ? 42  ASN A CB    1 
ATOM   219 C CG    . ASN A 1 41  ? 14.779  2.812   -0.322  1.00 25.32 ? 42  ASN A CG    1 
ATOM   220 O OD1   . ASN A 1 41  ? 15.124  3.566   -1.234  1.00 27.44 ? 42  ASN A OD1   1 
ATOM   221 N ND2   . ASN A 1 41  ? 15.094  3.036   0.952   1.00 25.88 ? 42  ASN A ND2   1 
ATOM   222 N N     . THR A 1 42  ? 11.295  0.074   -1.427  1.00 19.86 ? 43  THR A N     1 
ATOM   223 C CA    . THR A 1 42  ? 10.579  -1.178  -1.684  1.00 19.84 ? 43  THR A CA    1 
ATOM   224 C C     . THR A 1 42  ? 9.924   -1.144  -3.064  1.00 18.09 ? 43  THR A C     1 
ATOM   225 O O     . THR A 1 42  ? 9.976   -2.119  -3.807  1.00 18.93 ? 43  THR A O     1 
ATOM   226 C CB    . THR A 1 42  ? 9.505   -1.431  -0.611  1.00 19.65 ? 43  THR A CB    1 
ATOM   227 O OG1   . THR A 1 42  ? 10.149  -1.728  0.635   1.00 19.25 ? 43  THR A OG1   1 
ATOM   228 C CG2   . THR A 1 42  ? 8.607   -2.604  -1.007  1.00 21.84 ? 43  THR A CG2   1 
ATOM   229 N N     . VAL A 1 43  ? 9.318   -0.012  -3.406  1.00 17.34 ? 44  VAL A N     1 
ATOM   230 C CA    . VAL A 1 43  ? 8.674   0.136   -4.706  1.00 17.54 ? 44  VAL A CA    1 
ATOM   231 C C     . VAL A 1 43  ? 9.721   0.040   -5.809  1.00 18.46 ? 44  VAL A C     1 
ATOM   232 O O     . VAL A 1 43  ? 9.473   -0.541  -6.864  1.00 17.99 ? 44  VAL A O     1 
ATOM   233 C CB    . VAL A 1 43  ? 7.933   1.488   -4.809  1.00 15.89 ? 44  VAL A CB    1 
ATOM   234 C CG1   . VAL A 1 43  ? 7.529   1.767   -6.257  1.00 18.31 ? 44  VAL A CG1   1 
ATOM   235 C CG2   . VAL A 1 43  ? 6.702   1.463   -3.924  1.00 15.82 ? 44  VAL A CG2   1 
ATOM   236 N N     . SER A 1 44  ? 10.899  0.602   -5.550  1.00 21.54 ? 45  SER A N     1 
ATOM   237 C CA    . SER A 1 44  ? 11.997  0.585   -6.512  1.00 22.75 ? 45  SER A CA    1 
ATOM   238 C C     . SER A 1 44  ? 12.523  -0.818  -6.794  1.00 23.41 ? 45  SER A C     1 
ATOM   239 O O     . SER A 1 44  ? 13.197  -1.037  -7.795  1.00 22.51 ? 45  SER A O     1 
ATOM   240 C CB    . SER A 1 44  ? 13.149  1.463   -6.017  1.00 25.98 ? 45  SER A CB    1 
ATOM   241 O OG    . SER A 1 44  ? 12.765  2.826   -5.977  1.00 30.74 ? 45  SER A OG    1 
ATOM   242 N N     . ASN A 1 45  ? 12.232  -1.767  -5.911  1.00 23.81 ? 46  ASN A N     1 
ATOM   243 C CA    . ASN A 1 45  ? 12.687  -3.135  -6.115  1.00 25.64 ? 46  ASN A CA    1 
ATOM   244 C C     . ASN A 1 45  ? 11.835  -3.844  -7.164  1.00 25.52 ? 46  ASN A C     1 
ATOM   245 O O     . ASN A 1 45  ? 12.061  -5.010  -7.472  1.00 26.04 ? 46  ASN A O     1 
ATOM   246 C CB    . ASN A 1 45  ? 12.672  -3.908  -4.792  1.00 27.30 ? 46  ASN A CB    1 
ATOM   247 C CG    . ASN A 1 45  ? 13.874  -3.582  -3.917  1.00 31.13 ? 46  ASN A CG    1 
ATOM   248 O OD1   . ASN A 1 45  ? 13.876  -3.852  -2.713  1.00 33.86 ? 46  ASN A OD1   1 
ATOM   249 N ND2   . ASN A 1 45  ? 14.909  -3.007  -4.522  1.00 29.48 ? 46  ASN A ND2   1 
ATOM   250 N N     . GLY A 1 46  ? 10.855  -3.129  -7.712  1.00 24.91 ? 47  GLY A N     1 
ATOM   251 C CA    . GLY A 1 46  ? 10.008  -3.702  -8.745  1.00 22.19 ? 47  GLY A CA    1 
ATOM   252 C C     . GLY A 1 46  ? 8.741   -4.388  -8.264  1.00 21.73 ? 47  GLY A C     1 
ATOM   253 O O     . GLY A 1 46  ? 8.666   -4.869  -7.130  1.00 21.46 ? 47  GLY A O     1 
ATOM   254 N N     . ALA A 1 47  ? 7.742   -4.435  -9.141  1.00 21.07 ? 48  ALA A N     1 
ATOM   255 C CA    . ALA A 1 47  ? 6.463   -5.062  -8.828  1.00 21.85 ? 48  ALA A CA    1 
ATOM   256 C C     . ALA A 1 47  ? 6.659   -6.546  -8.544  1.00 21.21 ? 48  ALA A C     1 
ATOM   257 O O     . ALA A 1 47  ? 7.402   -7.228  -9.248  1.00 21.84 ? 48  ALA A O     1 
ATOM   258 C CB    . ALA A 1 47  ? 5.500   -4.874  -9.985  1.00 22.65 ? 48  ALA A CB    1 
ATOM   259 N N     . THR A 1 48  ? 5.986   -7.039  -7.509  1.00 21.22 ? 49  THR A N     1 
ATOM   260 C CA    . THR A 1 48  ? 6.083   -8.440  -7.122  1.00 21.34 ? 49  THR A CA    1 
ATOM   261 C C     . THR A 1 48  ? 4.717   -9.109  -7.064  1.00 20.57 ? 49  THR A C     1 
ATOM   262 O O     . THR A 1 48  ? 4.599   -10.260 -6.665  1.00 21.70 ? 49  THR A O     1 
ATOM   263 C CB    . THR A 1 48  ? 6.755   -8.582  -5.745  1.00 21.78 ? 49  THR A CB    1 
ATOM   264 O OG1   . THR A 1 48  ? 6.098   -7.723  -4.804  1.00 20.91 ? 49  THR A OG1   1 
ATOM   265 C CG2   . THR A 1 48  ? 8.234   -8.212  -5.834  1.00 22.12 ? 49  THR A CG2   1 
ATOM   266 N N     . GLY A 1 49  ? 3.681   -8.384  -7.459  1.00 20.87 ? 50  GLY A N     1 
ATOM   267 C CA    . GLY A 1 49  ? 2.352   -8.962  -7.439  1.00 20.54 ? 50  GLY A CA    1 
ATOM   268 C C     . GLY A 1 49  ? 1.311   -7.941  -7.829  1.00 19.97 ? 50  GLY A C     1 
ATOM   269 O O     . GLY A 1 49  ? 1.645   -6.787  -8.093  1.00 19.56 ? 50  GLY A O     1 
ATOM   270 N N     . THR A 1 50  ? 0.054   -8.368  -7.882  1.00 19.46 ? 51  THR A N     1 
ATOM   271 C CA    . THR A 1 50  ? -1.042  -7.470  -8.230  1.00 21.50 ? 51  THR A CA    1 
ATOM   272 C C     . THR A 1 50  ? -2.116  -7.568  -7.161  1.00 19.43 ? 51  THR A C     1 
ATOM   273 O O     . THR A 1 50  ? -2.081  -8.463  -6.319  1.00 19.91 ? 51  THR A O     1 
ATOM   274 C CB    . THR A 1 50  ? -1.661  -7.826  -9.597  1.00 22.07 ? 51  THR A CB    1 
ATOM   275 O OG1   . THR A 1 50  ? -2.159  -9.170  -9.562  1.00 24.81 ? 51  THR A OG1   1 
ATOM   276 C CG2   . THR A 1 50  ? -0.613  -7.704  -10.702 1.00 25.30 ? 51  THR A CG2   1 
ATOM   277 N N     . SER A 1 51  ? -3.066  -6.643  -7.183  1.00 18.64 ? 52  SER A N     1 
ATOM   278 C CA    . SER A 1 51  ? -4.133  -6.655  -6.199  1.00 17.59 ? 52  SER A CA    1 
ATOM   279 C C     . SER A 1 51  ? -5.249  -5.731  -6.655  1.00 16.54 ? 52  SER A C     1 
ATOM   280 O O     . SER A 1 51  ? -5.299  -5.333  -7.814  1.00 17.04 ? 52  SER A O     1 
ATOM   281 C CB    . SER A 1 51  ? -3.591  -6.194  -4.839  1.00 17.68 ? 52  SER A CB    1 
ATOM   282 O OG    . SER A 1 51  ? -4.542  -6.401  -3.811  1.00 15.81 ? 52  SER A OG    1 
ATOM   283 N N     . PHE A 1 52  ? -6.154  -5.414  -5.741  1.00 15.20 ? 53  PHE A N     1 
ATOM   284 C CA    . PHE A 1 52  ? -7.251  -4.515  -6.037  1.00 16.59 ? 53  PHE A CA    1 
ATOM   285 C C     . PHE A 1 52  ? -7.427  -3.596  -4.846  1.00 17.15 ? 53  PHE A C     1 
ATOM   286 O O     . PHE A 1 52  ? -7.391  -4.043  -3.699  1.00 17.57 ? 53  PHE A O     1 
ATOM   287 C CB    . PHE A 1 52  ? -8.556  -5.283  -6.289  1.00 17.93 ? 53  PHE A CB    1 
ATOM   288 C CG    . PHE A 1 52  ? -8.547  -6.095  -7.548  1.00 19.81 ? 53  PHE A CG    1 
ATOM   289 C CD1   . PHE A 1 52  ? -8.272  -7.458  -7.513  1.00 20.13 ? 53  PHE A CD1   1 
ATOM   290 C CD2   . PHE A 1 52  ? -8.769  -5.487  -8.780  1.00 19.88 ? 53  PHE A CD2   1 
ATOM   291 C CE1   . PHE A 1 52  ? -8.218  -8.202  -8.689  1.00 22.58 ? 53  PHE A CE1   1 
ATOM   292 C CE2   . PHE A 1 52  ? -8.716  -6.223  -9.958  1.00 20.02 ? 53  PHE A CE2   1 
ATOM   293 C CZ    . PHE A 1 52  ? -8.439  -7.580  -9.914  1.00 21.23 ? 53  PHE A CZ    1 
ATOM   294 N N     . ASP A 1 53  ? -7.583  -2.307  -5.121  1.00 16.61 ? 54  ASP A N     1 
ATOM   295 C CA    . ASP A 1 53  ? -7.806  -1.326  -4.069  1.00 17.60 ? 54  ASP A CA    1 
ATOM   296 C C     . ASP A 1 53  ? -9.325  -1.185  -3.961  1.00 16.75 ? 54  ASP A C     1 
ATOM   297 O O     . ASP A 1 53  ? -9.957  -0.561  -4.808  1.00 16.51 ? 54  ASP A O     1 
ATOM   298 C CB    . ASP A 1 53  ? -7.165  0.016   -4.446  1.00 15.47 ? 54  ASP A CB    1 
ATOM   299 C CG    . ASP A 1 53  ? -7.347  1.084   -3.372  1.00 18.11 ? 54  ASP A CG    1 
ATOM   300 O OD1   . ASP A 1 53  ? -6.679  2.140   -3.467  1.00 14.92 ? 54  ASP A OD1   1 
ATOM   301 O OD2   . ASP A 1 53  ? -8.159  0.882   -2.442  1.00 15.76 ? 54  ASP A OD2   1 
ATOM   302 N N     . LYS A 1 54  ? -9.899  -1.795  -2.927  1.00 18.39 ? 55  LYS A N     1 
ATOM   303 C CA    . LYS A 1 54  ? -11.342 -1.755  -2.701  1.00 19.44 ? 55  LYS A CA    1 
ATOM   304 C C     . LYS A 1 54  ? -11.642 -1.055  -1.377  1.00 19.80 ? 55  LYS A C     1 
ATOM   305 O O     . LYS A 1 54  ? -12.592 -1.414  -0.676  1.00 21.23 ? 55  LYS A O     1 
ATOM   306 C CB    . LYS A 1 54  ? -11.906 -3.180  -2.663  1.00 19.47 ? 55  LYS A CB    1 
ATOM   307 C CG    . LYS A 1 54  ? -11.608 -4.026  -3.901  1.00 19.18 ? 55  LYS A CG    1 
ATOM   308 C CD    . LYS A 1 54  ? -12.472 -3.640  -5.090  1.00 21.70 ? 55  LYS A CD    1 
ATOM   309 C CE    . LYS A 1 54  ? -13.933 -3.990  -4.860  1.00 21.58 ? 55  LYS A CE    1 
ATOM   310 N NZ    . LYS A 1 54  ? -14.141 -5.459  -4.701  1.00 24.38 ? 55  LYS A NZ    1 
ATOM   311 N N     . ARG A 1 55  ? -10.823 -0.064  -1.037  1.00 18.29 ? 56  ARG A N     1 
ATOM   312 C CA    . ARG A 1 55  ? -10.997 0.681   0.202   1.00 19.59 ? 56  ARG A CA    1 
ATOM   313 C C     . ARG A 1 55  ? -12.380 1.304   0.346   1.00 21.28 ? 56  ARG A C     1 
ATOM   314 O O     . ARG A 1 55  ? -12.981 1.758   -0.630  1.00 19.48 ? 56  ARG A O     1 
ATOM   315 C CB    . ARG A 1 55  ? -9.938  1.783   0.314   1.00 17.75 ? 56  ARG A CB    1 
ATOM   316 C CG    . ARG A 1 55  ? -8.560  1.277   0.703   1.00 17.77 ? 56  ARG A CG    1 
ATOM   317 C CD    . ARG A 1 55  ? -7.568  2.425   0.783   1.00 19.36 ? 56  ARG A CD    1 
ATOM   318 N NE    . ARG A 1 55  ? -7.242  2.958   -0.537  1.00 17.29 ? 56  ARG A NE    1 
ATOM   319 C CZ    . ARG A 1 55  ? -6.822  4.199   -0.751  1.00 19.87 ? 56  ARG A CZ    1 
ATOM   320 N NH1   . ARG A 1 55  ? -6.538  4.607   -1.983  1.00 17.46 ? 56  ARG A NH1   1 
ATOM   321 N NH2   . ARG A 1 55  ? -6.703  5.040   0.267   1.00 19.47 ? 56  ARG A NH2   1 
ATOM   322 N N     . SER A 1 56  ? -12.869 1.328   1.579   1.00 23.42 ? 57  SER A N     1 
ATOM   323 C CA    . SER A 1 56  ? -14.169 1.899   1.890   1.00 25.43 ? 57  SER A CA    1 
ATOM   324 C C     . SER A 1 56  ? -14.037 3.416   1.941   1.00 26.64 ? 57  SER A C     1 
ATOM   325 O O     . SER A 1 56  ? -12.938 3.951   2.099   1.00 25.54 ? 57  SER A O     1 
ATOM   326 C CB    . SER A 1 56  ? -14.658 1.374   3.241   1.00 27.35 ? 57  SER A CB    1 
ATOM   327 O OG    . SER A 1 56  ? -13.749 1.728   4.269   1.00 27.95 ? 57  SER A OG    1 
ATOM   328 N N     . PRO A 1 57  ? -15.163 4.133   1.815   1.00 29.05 ? 58  PRO A N     1 
ATOM   329 C CA    . PRO A 1 57  ? -15.183 5.597   1.842   1.00 30.87 ? 58  PRO A CA    1 
ATOM   330 C C     . PRO A 1 57  ? -14.385 6.256   2.967   1.00 32.59 ? 58  PRO A C     1 
ATOM   331 O O     . PRO A 1 57  ? -13.593 7.169   2.722   1.00 33.43 ? 58  PRO A O     1 
ATOM   332 C CB    . PRO A 1 57  ? -16.672 5.909   1.928   1.00 31.26 ? 58  PRO A CB    1 
ATOM   333 C CG    . PRO A 1 57  ? -17.264 4.822   1.087   1.00 29.90 ? 58  PRO A CG    1 
ATOM   334 C CD    . PRO A 1 57  ? -16.515 3.599   1.571   1.00 29.16 ? 58  PRO A CD    1 
ATOM   335 N N     . LYS A 1 58  ? -14.583 5.792   4.195   1.00 35.01 ? 59  LYS A N     1 
ATOM   336 C CA    . LYS A 1 58  ? -13.888 6.378   5.334   1.00 35.49 ? 59  LYS A CA    1 
ATOM   337 C C     . LYS A 1 58  ? -12.369 6.360   5.209   1.00 36.27 ? 59  LYS A C     1 
ATOM   338 O O     . LYS A 1 58  ? -11.687 7.194   5.806   1.00 35.51 ? 59  LYS A O     1 
ATOM   339 C CB    . LYS A 1 58  ? -14.312 5.675   6.628   1.00 37.96 ? 59  LYS A CB    1 
ATOM   340 C CG    . LYS A 1 58  ? -13.938 4.209   6.702   1.00 40.27 ? 59  LYS A CG    1 
ATOM   341 C CD    . LYS A 1 58  ? -14.613 3.539   7.890   1.00 43.53 ? 59  LYS A CD    1 
ATOM   342 C CE    . LYS A 1 58  ? -14.150 2.099   8.061   1.00 44.31 ? 59  LYS A CE    1 
ATOM   343 N NZ    . LYS A 1 58  ? -12.717 2.031   8.461   1.00 44.18 ? 59  LYS A NZ    1 
ATOM   344 N N     . LYS A 1 59  ? -11.836 5.432   4.420   1.00 34.81 ? 60  LYS A N     1 
ATOM   345 C CA    . LYS A 1 59  ? -10.390 5.332   4.269   1.00 34.34 ? 60  LYS A CA    1 
ATOM   346 C C     . LYS A 1 59  ? -9.806  5.846   2.956   1.00 32.81 ? 60  LYS A C     1 
ATOM   347 O O     . LYS A 1 59  ? -8.692  5.472   2.583   1.00 32.05 ? 60  LYS A O     1 
ATOM   348 C CB    . LYS A 1 59  ? -9.951  3.885   4.496   1.00 35.72 ? 60  LYS A CB    1 
ATOM   349 C CG    . LYS A 1 59  ? -10.255 3.395   5.899   1.00 35.82 ? 60  LYS A CG    1 
ATOM   350 C CD    . LYS A 1 59  ? -9.687  2.018   6.167   1.00 37.36 ? 60  LYS A CD    1 
ATOM   351 C CE    . LYS A 1 59  ? -9.914  1.627   7.618   1.00 35.19 ? 60  LYS A CE    1 
ATOM   352 N NZ    . LYS A 1 59  ? -9.472  0.241   7.896   1.00 35.50 ? 60  LYS A NZ    1 
ATOM   353 N N     . THR A 1 60  ? -10.537 6.711   2.261   1.00 31.48 ? 61  THR A N     1 
ATOM   354 C CA    . THR A 1 60  ? -10.040 7.248   1.001   1.00 30.28 ? 61  THR A CA    1 
ATOM   355 C C     . THR A 1 60  ? -10.069 8.770   0.931   1.00 31.36 ? 61  THR A C     1 
ATOM   356 O O     . THR A 1 60  ? -10.821 9.349   0.149   1.00 28.93 ? 61  THR A O     1 
ATOM   357 C CB    . THR A 1 60  ? -10.826 6.694   -0.199  1.00 29.10 ? 61  THR A CB    1 
ATOM   358 O OG1   . THR A 1 60  ? -12.210 7.039   -0.070  1.00 29.14 ? 61  THR A OG1   1 
ATOM   359 C CG2   . THR A 1 60  ? -10.680 5.182   -0.273  1.00 27.17 ? 61  THR A CG2   1 
ATOM   360 N N     . PRO A 1 61  ? -9.241  9.437   1.748   1.00 32.70 ? 62  PRO A N     1 
ATOM   361 C CA    . PRO A 1 61  ? -9.186  10.901  1.754   1.00 33.44 ? 62  PRO A CA    1 
ATOM   362 C C     . PRO A 1 61  ? -8.428  11.414  0.529   1.00 34.35 ? 62  PRO A C     1 
ATOM   363 O O     . PRO A 1 61  ? -7.606  10.696  -0.045  1.00 34.32 ? 62  PRO A O     1 
ATOM   364 C CB    . PRO A 1 61  ? -8.463  11.205  3.061   1.00 34.10 ? 62  PRO A CB    1 
ATOM   365 C CG    . PRO A 1 61  ? -7.510  10.061  3.173   1.00 34.65 ? 62  PRO A CG    1 
ATOM   366 C CD    . PRO A 1 61  ? -8.378  8.877   2.804   1.00 33.37 ? 62  PRO A CD    1 
ATOM   367 N N     . PRO A 1 62  ? -8.685  12.665  0.118   1.00 34.46 ? 63  PRO A N     1 
ATOM   368 C CA    . PRO A 1 62  ? -9.623  13.622  0.715   1.00 34.61 ? 63  PRO A CA    1 
ATOM   369 C C     . PRO A 1 62  ? -11.050 13.578  0.156   1.00 33.80 ? 63  PRO A C     1 
ATOM   370 O O     . PRO A 1 62  ? -11.897 14.375  0.555   1.00 33.68 ? 63  PRO A O     1 
ATOM   371 C CB    . PRO A 1 62  ? -8.951  14.953  0.434   1.00 35.39 ? 63  PRO A CB    1 
ATOM   372 C CG    . PRO A 1 62  ? -8.433  14.735  -0.956  1.00 35.96 ? 63  PRO A CG    1 
ATOM   373 C CD    . PRO A 1 62  ? -7.841  13.330  -0.892  1.00 34.99 ? 63  PRO A CD    1 
ATOM   374 N N     . ASP A 1 63  ? -11.320 12.654  -0.763  1.00 32.48 ? 64  ASP A N     1 
ATOM   375 C CA    . ASP A 1 63  ? -12.651 12.548  -1.359  1.00 31.39 ? 64  ASP A CA    1 
ATOM   376 C C     . ASP A 1 63  ? -13.621 11.695  -0.545  1.00 31.25 ? 64  ASP A C     1 
ATOM   377 O O     . ASP A 1 63  ? -14.818 11.988  -0.488  1.00 29.57 ? 64  ASP A O     1 
ATOM   378 C CB    . ASP A 1 63  ? -12.546 11.970  -2.764  1.00 31.23 ? 64  ASP A CB    1 
ATOM   379 C CG    . ASP A 1 63  ? -11.742 10.696  -2.799  1.00 30.28 ? 64  ASP A CG    1 
ATOM   380 O OD1   . ASP A 1 63  ? -10.496 10.782  -2.799  1.00 29.46 ? 64  ASP A OD1   1 
ATOM   381 O OD2   . ASP A 1 63  ? -12.355 9.610   -2.806  1.00 32.08 ? 64  ASP A OD2   1 
ATOM   382 N N     . TYR A 1 64  ? -13.101 10.634  0.063   1.00 30.14 ? 65  TYR A N     1 
ATOM   383 C CA    . TYR A 1 64  ? -13.894 9.716   0.877   1.00 30.53 ? 65  TYR A CA    1 
ATOM   384 C C     . TYR A 1 64  ? -15.030 9.057   0.104   1.00 30.25 ? 65  TYR A C     1 
ATOM   385 O O     . TYR A 1 64  ? -16.115 8.835   0.642   1.00 29.04 ? 65  TYR A O     1 
ATOM   386 C CB    . TYR A 1 64  ? -14.458 10.438  2.107   1.00 32.13 ? 65  TYR A CB    1 
ATOM   387 C CG    . TYR A 1 64  ? -13.396 11.039  2.997   1.00 33.07 ? 65  TYR A CG    1 
ATOM   388 C CD1   . TYR A 1 64  ? -12.968 12.353  2.815   1.00 33.64 ? 65  TYR A CD1   1 
ATOM   389 C CD2   . TYR A 1 64  ? -12.795 10.284  4.006   1.00 32.97 ? 65  TYR A CD2   1 
ATOM   390 C CE1   . TYR A 1 64  ? -11.966 12.902  3.615   1.00 34.25 ? 65  TYR A CE1   1 
ATOM   391 C CE2   . TYR A 1 64  ? -11.791 10.823  4.810   1.00 34.42 ? 65  TYR A CE2   1 
ATOM   392 C CZ    . TYR A 1 64  ? -11.381 12.132  4.608   1.00 34.55 ? 65  TYR A CZ    1 
ATOM   393 O OH    . TYR A 1 64  ? -10.376 12.668  5.385   1.00 33.72 ? 65  TYR A OH    1 
ATOM   394 N N     . LEU A 1 65  ? -14.773 8.725   -1.157  1.00 29.00 ? 66  LEU A N     1 
ATOM   395 C CA    . LEU A 1 65  ? -15.788 8.096   -1.991  1.00 28.54 ? 66  LEU A CA    1 
ATOM   396 C C     . LEU A 1 65  ? -15.518 6.615   -2.264  1.00 26.86 ? 66  LEU A C     1 
ATOM   397 O O     . LEU A 1 65  ? -16.291 5.953   -2.959  1.00 28.01 ? 66  LEU A O     1 
ATOM   398 C CB    . LEU A 1 65  ? -15.915 8.861   -3.312  1.00 28.67 ? 66  LEU A CB    1 
ATOM   399 C CG    . LEU A 1 65  ? -16.289 10.342  -3.189  1.00 30.04 ? 66  LEU A CG    1 
ATOM   400 C CD1   . LEU A 1 65  ? -16.379 10.956  -4.576  1.00 29.18 ? 66  LEU A CD1   1 
ATOM   401 C CD2   . LEU A 1 65  ? -17.620 10.493  -2.458  1.00 27.90 ? 66  LEU A CD2   1 
ATOM   402 N N     . GLY A 1 66  ? -14.424 6.097   -1.711  1.00 26.54 ? 67  GLY A N     1 
ATOM   403 C CA    . GLY A 1 66  ? -14.089 4.697   -1.905  1.00 23.49 ? 67  GLY A CA    1 
ATOM   404 C C     . GLY A 1 66  ? -13.268 4.438   -3.153  1.00 22.83 ? 67  GLY A C     1 
ATOM   405 O O     . GLY A 1 66  ? -13.122 5.319   -4.000  1.00 23.13 ? 67  GLY A O     1 
ATOM   406 N N     . ARG A 1 67  ? -12.726 3.231   -3.271  1.00 21.88 ? 68  ARG A N     1 
ATOM   407 C CA    . ARG A 1 67  ? -11.927 2.878   -4.436  1.00 21.32 ? 68  ARG A CA    1 
ATOM   408 C C     . ARG A 1 67  ? -12.381 1.562   -5.040  1.00 21.55 ? 68  ARG A C     1 
ATOM   409 O O     . ARG A 1 67  ? -12.933 0.697   -4.356  1.00 21.74 ? 68  ARG A O     1 
ATOM   410 C CB    . ARG A 1 67  ? -10.448 2.787   -4.061  1.00 20.63 ? 68  ARG A CB    1 
ATOM   411 C CG    . ARG A 1 67  ? -9.854  4.100   -3.602  1.00 19.39 ? 68  ARG A CG    1 
ATOM   412 C CD    . ARG A 1 67  ? -9.753  5.105   -4.739  1.00 21.32 ? 68  ARG A CD    1 
ATOM   413 N NE    . ARG A 1 67  ? -9.131  6.346   -4.290  1.00 20.53 ? 68  ARG A NE    1 
ATOM   414 C CZ    . ARG A 1 67  ? -9.763  7.309   -3.628  1.00 22.02 ? 68  ARG A CZ    1 
ATOM   415 N NH1   . ARG A 1 67  ? -11.051 7.184   -3.339  1.00 23.95 ? 68  ARG A NH1   1 
ATOM   416 N NH2   . ARG A 1 67  ? -9.100  8.391   -3.242  1.00 22.73 ? 68  ARG A NH2   1 
ATOM   417 N N     . ASN A 1 68  ? -12.113 1.407   -6.327  1.00 19.85 ? 69  ASN A N     1 
ATOM   418 C CA    . ASN A 1 68  ? -12.500 0.214   -7.054  1.00 22.45 ? 69  ASN A CA    1 
ATOM   419 C C     . ASN A 1 68  ? -11.480 0.047   -8.177  1.00 21.52 ? 69  ASN A C     1 
ATOM   420 O O     . ASN A 1 68  ? -11.849 -0.016  -9.349  1.00 20.69 ? 69  ASN A O     1 
ATOM   421 C CB    . ASN A 1 68  ? -13.888 0.447   -7.653  1.00 24.91 ? 69  ASN A CB    1 
ATOM   422 C CG    . ASN A 1 68  ? -14.571 -0.826  -8.014  1.00 26.79 ? 69  ASN A CG    1 
ATOM   423 O OD1   . ASN A 1 68  ? -15.357 -0.882  -8.965  1.00 26.90 ? 69  ASN A OD1   1 
ATOM   424 N ND2   . ASN A 1 68  ? -14.290 -1.871  -7.248  1.00 28.38 ? 69  ASN A ND2   1 
ATOM   425 N N     . ASP A 1 69  ? -10.202 -0.046  -7.826  1.00 20.42 ? 70  ASP A N     1 
ATOM   426 C CA    . ASP A 1 69  ? -9.167  -0.105  -8.850  1.00 20.42 ? 70  ASP A CA    1 
ATOM   427 C C     . ASP A 1 69  ? -8.128  -1.207  -8.780  1.00 20.16 ? 70  ASP A C     1 
ATOM   428 O O     . ASP A 1 69  ? -7.802  -1.720  -7.709  1.00 18.51 ? 70  ASP A O     1 
ATOM   429 C CB    . ASP A 1 69  ? -8.408  1.228   -8.857  1.00 19.73 ? 70  ASP A CB    1 
ATOM   430 C CG    . ASP A 1 69  ? -9.329  2.431   -8.827  1.00 20.69 ? 70  ASP A CG    1 
ATOM   431 O OD1   . ASP A 1 69  ? -9.999  2.692   -9.842  1.00 21.90 ? 70  ASP A OD1   1 
ATOM   432 O OD2   . ASP A 1 69  ? -9.382  3.120   -7.789  1.00 19.33 ? 70  ASP A OD2   1 
ATOM   433 N N     . PRO A 1 70  ? -7.583  -1.591  -9.945  1.00 20.13 ? 71  PRO A N     1 
ATOM   434 C CA    . PRO A 1 70  ? -6.560  -2.630  -9.928  1.00 19.08 ? 71  PRO A CA    1 
ATOM   435 C C     . PRO A 1 70  ? -5.367  -1.968  -9.241  1.00 17.90 ? 71  PRO A C     1 
ATOM   436 O O     . PRO A 1 70  ? -5.225  -0.745  -9.285  1.00 16.76 ? 71  PRO A O     1 
ATOM   437 C CB    . PRO A 1 70  ? -6.315  -2.902  -11.414 1.00 22.36 ? 71  PRO A CB    1 
ATOM   438 C CG    . PRO A 1 70  ? -6.662  -1.606  -12.063 1.00 24.15 ? 71  PRO A CG    1 
ATOM   439 C CD    . PRO A 1 70  ? -7.896  -1.174  -11.323 1.00 20.50 ? 71  PRO A CD    1 
ATOM   440 N N     . ALA A 1 71  ? -4.526  -2.757  -8.589  1.00 15.28 ? 72  ALA A N     1 
ATOM   441 C CA    . ALA A 1 71  ? -3.380  -2.195  -7.894  1.00 14.62 ? 72  ALA A CA    1 
ATOM   442 C C     . ALA A 1 71  ? -2.148  -3.072  -8.075  1.00 15.04 ? 72  ALA A C     1 
ATOM   443 O O     . ALA A 1 71  ? -2.247  -4.230  -8.491  1.00 15.69 ? 72  ALA A O     1 
ATOM   444 C CB    . ALA A 1 71  ? -3.704  -2.024  -6.405  1.00 13.09 ? 72  ALA A CB    1 
ATOM   445 N N     . THR A 1 72  ? -0.986  -2.505  -7.774  1.00 14.90 ? 73  THR A N     1 
ATOM   446 C CA    . THR A 1 72  ? 0.266   -3.226  -7.905  1.00 14.73 ? 73  THR A CA    1 
ATOM   447 C C     . THR A 1 72  ? 0.891   -3.393  -6.530  1.00 14.47 ? 73  THR A C     1 
ATOM   448 O O     . THR A 1 72  ? 0.820   -2.493  -5.686  1.00 14.95 ? 73  THR A O     1 
ATOM   449 C CB    . THR A 1 72  ? 1.233   -2.473  -8.836  1.00 15.87 ? 73  THR A CB    1 
ATOM   450 O OG1   . THR A 1 72  ? 0.585   -2.237  -10.090 1.00 16.63 ? 73  THR A OG1   1 
ATOM   451 C CG2   . THR A 1 72  ? 2.487   -3.297  -9.093  1.00 17.46 ? 73  THR A CG2   1 
ATOM   452 N N     . VAL A 1 73  ? 1.499   -4.554  -6.315  1.00 13.56 ? 74  VAL A N     1 
ATOM   453 C CA    . VAL A 1 73  ? 2.119   -4.885  -5.043  1.00 14.95 ? 74  VAL A CA    1 
ATOM   454 C C     . VAL A 1 73  ? 3.641   -4.928  -5.138  1.00 15.77 ? 74  VAL A C     1 
ATOM   455 O O     . VAL A 1 73  ? 4.208   -5.474  -6.091  1.00 15.40 ? 74  VAL A O     1 
ATOM   456 C CB    . VAL A 1 73  ? 1.614   -6.262  -4.540  1.00 17.26 ? 74  VAL A CB    1 
ATOM   457 C CG1   . VAL A 1 73  ? 2.090   -6.515  -3.117  1.00 14.84 ? 74  VAL A CG1   1 
ATOM   458 C CG2   . VAL A 1 73  ? 0.097   -6.317  -4.622  1.00 15.66 ? 74  VAL A CG2   1 
ATOM   459 N N     . TYR A 1 74  ? 4.293   -4.349  -4.139  1.00 15.79 ? 75  TYR A N     1 
ATOM   460 C CA    . TYR A 1 74  ? 5.744   -4.323  -4.076  1.00 17.53 ? 75  TYR A CA    1 
ATOM   461 C C     . TYR A 1 74  ? 6.150   -4.894  -2.729  1.00 18.40 ? 75  TYR A C     1 
ATOM   462 O O     . TYR A 1 74  ? 5.419   -4.751  -1.747  1.00 20.54 ? 75  TYR A O     1 
ATOM   463 C CB    . TYR A 1 74  ? 6.271   -2.891  -4.213  1.00 16.24 ? 75  TYR A CB    1 
ATOM   464 C CG    . TYR A 1 74  ? 5.808   -2.196  -5.472  1.00 17.09 ? 75  TYR A CG    1 
ATOM   465 C CD1   . TYR A 1 74  ? 4.528   -1.648  -5.560  1.00 16.81 ? 75  TYR A CD1   1 
ATOM   466 C CD2   . TYR A 1 74  ? 6.643   -2.109  -6.585  1.00 17.50 ? 75  TYR A CD2   1 
ATOM   467 C CE1   . TYR A 1 74  ? 4.093   -1.029  -6.731  1.00 18.72 ? 75  TYR A CE1   1 
ATOM   468 C CE2   . TYR A 1 74  ? 6.220   -1.496  -7.756  1.00 17.79 ? 75  TYR A CE2   1 
ATOM   469 C CZ    . TYR A 1 74  ? 4.944   -0.959  -7.823  1.00 19.15 ? 75  TYR A CZ    1 
ATOM   470 O OH    . TYR A 1 74  ? 4.525   -0.358  -8.982  1.00 20.54 ? 75  TYR A OH    1 
ATOM   471 N N     . GLY A 1 75  ? 7.305   -5.548  -2.682  1.00 18.88 ? 76  GLY A N     1 
ATOM   472 C CA    . GLY A 1 75  ? 7.759   -6.131  -1.432  1.00 20.34 ? 76  GLY A CA    1 
ATOM   473 C C     . GLY A 1 75  ? 7.504   -7.625  -1.354  1.00 21.77 ? 76  GLY A C     1 
ATOM   474 O O     . GLY A 1 75  ? 7.495   -8.318  -2.373  1.00 22.36 ? 76  GLY A O     1 
ATOM   475 N N     . SER A 1 76  ? 7.296   -8.128  -0.140  1.00 22.87 ? 77  SER A N     1 
ATOM   476 C CA    . SER A 1 76  ? 7.050   -9.554  0.064   1.00 23.30 ? 77  SER A CA    1 
ATOM   477 C C     . SER A 1 76  ? 5.988   -9.774  1.135   1.00 22.50 ? 77  SER A C     1 
ATOM   478 O O     . SER A 1 76  ? 5.583   -8.832  1.814   1.00 21.72 ? 77  SER A O     1 
ATOM   479 C CB    . SER A 1 76  ? 8.354   -10.251 0.472   1.00 24.17 ? 77  SER A CB    1 
ATOM   480 O OG    . SER A 1 76  ? 8.898   -9.682  1.652   1.00 23.88 ? 77  SER A OG    1 
ATOM   481 N N     . PRO A 1 77  ? 5.515   -11.022 1.297   1.00 22.75 ? 78  PRO A N     1 
ATOM   482 C CA    . PRO A 1 77  ? 4.494   -11.282 2.315   1.00 23.43 ? 78  PRO A CA    1 
ATOM   483 C C     . PRO A 1 77  ? 4.906   -10.714 3.668   1.00 22.78 ? 78  PRO A C     1 
ATOM   484 O O     . PRO A 1 77  ? 6.039   -10.911 4.112   1.00 23.87 ? 78  PRO A O     1 
ATOM   485 C CB    . PRO A 1 77  ? 4.409   -12.807 2.333   1.00 24.16 ? 78  PRO A CB    1 
ATOM   486 C CG    . PRO A 1 77  ? 4.694   -13.167 0.924   1.00 24.39 ? 78  PRO A CG    1 
ATOM   487 C CD    . PRO A 1 77  ? 5.859   -12.263 0.580   1.00 23.98 ? 78  PRO A CD    1 
ATOM   488 N N     . GLY A 1 78  ? 3.985   -10.002 4.311   1.00 22.90 ? 79  GLY A N     1 
ATOM   489 C CA    . GLY A 1 78  ? 4.263   -9.417  5.610   1.00 22.98 ? 79  GLY A CA    1 
ATOM   490 C C     . GLY A 1 78  ? 5.036   -8.109  5.562   1.00 22.96 ? 79  GLY A C     1 
ATOM   491 O O     . GLY A 1 78  ? 5.033   -7.347  6.526   1.00 23.11 ? 79  GLY A O     1 
ATOM   492 N N     . LYS A 1 79  ? 5.697   -7.846  4.441   1.00 22.72 ? 80  LYS A N     1 
ATOM   493 C CA    . LYS A 1 79  ? 6.488   -6.629  4.286   1.00 22.22 ? 80  LYS A CA    1 
ATOM   494 C C     . LYS A 1 79  ? 6.214   -6.060  2.899   1.00 20.73 ? 80  LYS A C     1 
ATOM   495 O O     . LYS A 1 79  ? 7.060   -6.135  2.011   1.00 18.91 ? 80  LYS A O     1 
ATOM   496 C CB    . LYS A 1 79  ? 7.976   -6.961  4.425   1.00 25.57 ? 80  LYS A CB    1 
ATOM   497 C CG    . LYS A 1 79  ? 8.336   -7.724  5.700   1.00 29.69 ? 80  LYS A CG    1 
ATOM   498 C CD    . LYS A 1 79  ? 9.831   -8.032  5.752   1.00 34.23 ? 80  LYS A CD    1 
ATOM   499 C CE    . LYS A 1 79  ? 10.217  -8.762  7.034   1.00 37.14 ? 80  LYS A CE    1 
ATOM   500 N NZ    . LYS A 1 79  ? 9.584   -10.107 7.138   1.00 39.35 ? 80  LYS A NZ    1 
ATOM   501 N N     . TYR A 1 80  ? 5.031   -5.486  2.714   1.00 18.82 ? 81  TYR A N     1 
ATOM   502 C CA    . TYR A 1 80  ? 4.680   -4.970  1.404   1.00 17.72 ? 81  TYR A CA    1 
ATOM   503 C C     . TYR A 1 80  ? 3.990   -3.619  1.366   1.00 17.20 ? 81  TYR A C     1 
ATOM   504 O O     . TYR A 1 80  ? 3.546   -3.084  2.385   1.00 15.40 ? 81  TYR A O     1 
ATOM   505 C CB    . TYR A 1 80  ? 3.799   -5.989  0.670   1.00 14.97 ? 81  TYR A CB    1 
ATOM   506 C CG    . TYR A 1 80  ? 2.465   -6.246  1.341   1.00 15.41 ? 81  TYR A CG    1 
ATOM   507 C CD1   . TYR A 1 80  ? 2.262   -7.375  2.142   1.00 14.79 ? 81  TYR A CD1   1 
ATOM   508 C CD2   . TYR A 1 80  ? 1.411   -5.346  1.194   1.00 13.44 ? 81  TYR A CD2   1 
ATOM   509 C CE1   . TYR A 1 80  ? 1.040   -7.596  2.779   1.00 16.12 ? 81  TYR A CE1   1 
ATOM   510 C CE2   . TYR A 1 80  ? 0.192   -5.556  1.825   1.00 16.31 ? 81  TYR A CE2   1 
ATOM   511 C CZ    . TYR A 1 80  ? 0.011   -6.680  2.614   1.00 14.78 ? 81  TYR A CZ    1 
ATOM   512 O OH    . TYR A 1 80  ? -1.198  -6.874  3.229   1.00 14.75 ? 81  TYR A OH    1 
ATOM   513 N N     . VAL A 1 81  ? 3.899   -3.094  0.148   1.00 16.12 ? 82  VAL A N     1 
ATOM   514 C CA    . VAL A 1 81  ? 3.252   -1.825  -0.135  1.00 15.59 ? 82  VAL A CA    1 
ATOM   515 C C     . VAL A 1 81  ? 2.329   -2.060  -1.332  1.00 15.38 ? 82  VAL A C     1 
ATOM   516 O O     . VAL A 1 81  ? 2.754   -2.618  -2.346  1.00 15.72 ? 82  VAL A O     1 
ATOM   517 C CB    . VAL A 1 81  ? 4.287   -0.734  -0.515  1.00 14.73 ? 82  VAL A CB    1 
ATOM   518 C CG1   . VAL A 1 81  ? 3.575   0.580   -0.836  1.00 16.91 ? 82  VAL A CG1   1 
ATOM   519 C CG2   . VAL A 1 81  ? 5.263   -0.533  0.621   1.00 16.58 ? 82  VAL A CG2   1 
ATOM   520 N N     . VAL A 1 82  ? 1.069   -1.659  -1.205  1.00 14.92 ? 83  VAL A N     1 
ATOM   521 C CA    . VAL A 1 82  ? 0.112   -1.806  -2.294  1.00 14.55 ? 83  VAL A CA    1 
ATOM   522 C C     . VAL A 1 82  ? -0.174  -0.414  -2.840  1.00 14.63 ? 83  VAL A C     1 
ATOM   523 O O     . VAL A 1 82  ? -0.428  0.514   -2.072  1.00 13.67 ? 83  VAL A O     1 
ATOM   524 C CB    . VAL A 1 82  ? -1.211  -2.448  -1.815  1.00 13.67 ? 83  VAL A CB    1 
ATOM   525 C CG1   . VAL A 1 82  ? -2.173  -2.593  -2.987  1.00 14.49 ? 83  VAL A CG1   1 
ATOM   526 C CG2   . VAL A 1 82  ? -0.928  -3.804  -1.191  1.00 14.90 ? 83  VAL A CG2   1 
ATOM   527 N N     . VAL A 1 83  ? -0.115  -0.273  -4.162  1.00 14.38 ? 84  VAL A N     1 
ATOM   528 C CA    . VAL A 1 83  ? -0.352  1.006   -4.818  1.00 13.52 ? 84  VAL A CA    1 
ATOM   529 C C     . VAL A 1 83  ? -1.442  0.932   -5.889  1.00 14.61 ? 84  VAL A C     1 
ATOM   530 O O     . VAL A 1 83  ? -1.396  0.087   -6.785  1.00 13.98 ? 84  VAL A O     1 
ATOM   531 C CB    . VAL A 1 83  ? 0.940   1.540   -5.479  1.00 13.98 ? 84  VAL A CB    1 
ATOM   532 C CG1   . VAL A 1 83  ? 0.646   2.832   -6.233  1.00 15.10 ? 84  VAL A CG1   1 
ATOM   533 C CG2   . VAL A 1 83  ? 2.006   1.778   -4.417  1.00 14.70 ? 84  VAL A CG2   1 
ATOM   534 N N     . ASN A 1 84  ? -2.409  1.841   -5.778  1.00 13.72 ? 85  ASN A N     1 
ATOM   535 C CA    . ASN A 1 84  ? -3.539  1.948   -6.699  1.00 14.10 ? 85  ASN A CA    1 
ATOM   536 C C     . ASN A 1 84  ? -3.023  2.367   -8.087  1.00 14.71 ? 85  ASN A C     1 
ATOM   537 O O     . ASN A 1 84  ? -2.382  3.409   -8.223  1.00 13.36 ? 85  ASN A O     1 
ATOM   538 C CB    . ASN A 1 84  ? -4.513  2.990   -6.131  1.00 15.71 ? 85  ASN A CB    1 
ATOM   539 C CG    . ASN A 1 84  ? -5.806  3.097   -6.916  1.00 18.67 ? 85  ASN A CG    1 
ATOM   540 O OD1   . ASN A 1 84  ? -6.891  3.111   -6.331  1.00 19.71 ? 85  ASN A OD1   1 
ATOM   541 N ND2   . ASN A 1 84  ? -5.703  3.192   -8.235  1.00 16.04 ? 85  ASN A ND2   1 
ATOM   542 N N     . ASP A 1 85  ? -3.304  1.558   -9.108  1.00 15.43 ? 86  ASP A N     1 
ATOM   543 C CA    . ASP A 1 85  ? -2.840  1.846   -10.469 1.00 16.08 ? 86  ASP A CA    1 
ATOM   544 C C     . ASP A 1 85  ? -3.417  3.120   -11.098 1.00 17.63 ? 86  ASP A C     1 
ATOM   545 O O     . ASP A 1 85  ? -2.761  3.772   -11.913 1.00 16.74 ? 86  ASP A O     1 
ATOM   546 C CB    . ASP A 1 85  ? -3.134  0.668   -11.404 1.00 17.66 ? 86  ASP A CB    1 
ATOM   547 C CG    . ASP A 1 85  ? -2.334  -0.575  -11.062 1.00 20.90 ? 86  ASP A CG    1 
ATOM   548 O OD1   . ASP A 1 85  ? -1.353  -0.479  -10.292 1.00 19.59 ? 86  ASP A OD1   1 
ATOM   549 O OD2   . ASP A 1 85  ? -2.687  -1.655  -11.582 1.00 21.83 ? 86  ASP A OD2   1 
ATOM   550 N N     . ARG A 1 86  ? -4.643  3.475   -10.742 1.00 16.39 ? 87  ARG A N     1 
ATOM   551 C CA    . ARG A 1 86  ? -5.242  4.675   -11.318 1.00 17.87 ? 87  ARG A CA    1 
ATOM   552 C C     . ARG A 1 86  ? -4.776  5.960   -10.649 1.00 17.99 ? 87  ARG A C     1 
ATOM   553 O O     . ARG A 1 86  ? -4.381  6.908   -11.323 1.00 17.46 ? 87  ARG A O     1 
ATOM   554 C CB    . ARG A 1 86  ? -6.769  4.598   -11.243 1.00 17.14 ? 87  ARG A CB    1 
ATOM   555 C CG    . ARG A 1 86  ? -7.493  5.881   -11.672 1.00 17.24 ? 87  ARG A CG    1 
ATOM   556 C CD    . ARG A 1 86  ? -9.013  5.698   -11.676 1.00 18.77 ? 87  ARG A CD    1 
ATOM   557 N NE    . ARG A 1 86  ? -9.552  5.379   -10.358 1.00 17.63 ? 87  ARG A NE    1 
ATOM   558 C CZ    . ARG A 1 86  ? -9.815  6.264   -9.398  1.00 19.01 ? 87  ARG A CZ    1 
ATOM   559 N NH1   . ARG A 1 86  ? -9.603  7.562   -9.583  1.00 18.39 ? 87  ARG A NH1   1 
ATOM   560 N NH2   . ARG A 1 86  ? -10.284 5.845   -8.232  1.00 17.73 ? 87  ARG A NH2   1 
ATOM   561 N N     . THR A 1 87  ? -4.796  5.966   -9.322  1.00 17.33 ? 88  THR A N     1 
ATOM   562 C CA    . THR A 1 87  ? -4.446  7.144   -8.531  1.00 18.04 ? 88  THR A CA    1 
ATOM   563 C C     . THR A 1 87  ? -3.005  7.279   -8.045  1.00 17.68 ? 88  THR A C     1 
ATOM   564 O O     . THR A 1 87  ? -2.581  8.373   -7.682  1.00 16.65 ? 88  THR A O     1 
ATOM   565 C CB    . THR A 1 87  ? -5.333  7.206   -7.294  1.00 19.08 ? 88  THR A CB    1 
ATOM   566 O OG1   . THR A 1 87  ? -4.999  6.114   -6.426  1.00 17.58 ? 88  THR A OG1   1 
ATOM   567 C CG2   . THR A 1 87  ? -6.809  7.087   -7.694  1.00 19.12 ? 88  THR A CG2   1 
ATOM   568 N N     . GLY A 1 88  ? -2.259  6.179   -8.024  1.00 16.10 ? 89  GLY A N     1 
ATOM   569 C CA    . GLY A 1 88  ? -0.893  6.242   -7.538  1.00 17.20 ? 89  GLY A CA    1 
ATOM   570 C C     . GLY A 1 88  ? -0.842  6.293   -6.018  1.00 15.97 ? 89  GLY A C     1 
ATOM   571 O O     . GLY A 1 88  ? 0.235   6.415   -5.429  1.00 17.06 ? 89  GLY A O     1 
ATOM   572 N N     . GLU A 1 89  ? -2.005  6.193   -5.377  1.00 14.86 ? 90  GLU A N     1 
ATOM   573 C CA    . GLU A 1 89  ? -2.088  6.240   -3.916  1.00 14.99 ? 90  GLU A CA    1 
ATOM   574 C C     . GLU A 1 89  ? -1.605  4.953   -3.256  1.00 15.44 ? 90  GLU A C     1 
ATOM   575 O O     . GLU A 1 89  ? -1.786  3.859   -3.796  1.00 14.16 ? 90  GLU A O     1 
ATOM   576 C CB    . GLU A 1 89  ? -3.538  6.473   -3.463  1.00 16.91 ? 90  GLU A CB    1 
ATOM   577 C CG    . GLU A 1 89  ? -4.227  7.669   -4.097  1.00 19.68 ? 90  GLU A CG    1 
ATOM   578 C CD    . GLU A 1 89  ? -5.728  7.667   -3.870  1.00 19.71 ? 90  GLU A CD    1 
ATOM   579 O OE1   . GLU A 1 89  ? -6.366  6.606   -4.062  1.00 20.85 ? 90  GLU A OE1   1 
ATOM   580 O OE2   . GLU A 1 89  ? -6.277  8.730   -3.516  1.00 19.49 ? 90  GLU A OE2   1 
ATOM   581 N N     . VAL A 1 90  ? -1.001  5.083   -2.081  1.00 13.43 ? 91  VAL A N     1 
ATOM   582 C CA    . VAL A 1 90  ? -0.567  3.907   -1.340  1.00 15.31 ? 91  VAL A CA    1 
ATOM   583 C C     . VAL A 1 90  ? -1.836  3.377   -0.674  1.00 14.00 ? 91  VAL A C     1 
ATOM   584 O O     . VAL A 1 90  ? -2.411  4.029   0.200   1.00 14.77 ? 91  VAL A O     1 
ATOM   585 C CB    . VAL A 1 90  ? 0.483   4.254   -0.258  1.00 15.51 ? 91  VAL A CB    1 
ATOM   586 C CG1   . VAL A 1 90  ? 0.694   3.050   0.673   1.00 16.66 ? 91  VAL A CG1   1 
ATOM   587 C CG2   . VAL A 1 90  ? 1.808   4.621   -0.924  1.00 15.87 ? 91  VAL A CG2   1 
ATOM   588 N N     . THR A 1 91  ? -2.277  2.201   -1.111  1.00 12.76 ? 92  THR A N     1 
ATOM   589 C CA    . THR A 1 91  ? -3.488  1.567   -0.587  1.00 14.40 ? 92  THR A CA    1 
ATOM   590 C C     . THR A 1 91  ? -3.267  1.008   0.810   1.00 14.25 ? 92  THR A C     1 
ATOM   591 O O     . THR A 1 91  ? -4.125  1.130   1.689   1.00 15.09 ? 92  THR A O     1 
ATOM   592 C CB    . THR A 1 91  ? -3.937  0.410   -1.503  1.00 13.46 ? 92  THR A CB    1 
ATOM   593 O OG1   . THR A 1 91  ? -4.064  0.894   -2.843  1.00 12.94 ? 92  THR A OG1   1 
ATOM   594 C CG2   . THR A 1 91  ? -5.280  -0.167  -1.034  1.00 11.51 ? 92  THR A CG2   1 
ATOM   595 N N     . GLN A 1 92  ? -2.114  0.382   1.008   1.00 13.75 ? 93  GLN A N     1 
ATOM   596 C CA    . GLN A 1 92  ? -1.796  -0.196  2.299   1.00 14.42 ? 93  GLN A CA    1 
ATOM   597 C C     . GLN A 1 92  ? -0.316  -0.490  2.452   1.00 13.97 ? 93  GLN A C     1 
ATOM   598 O O     . GLN A 1 92  ? 0.398   -0.694  1.476   1.00 13.55 ? 93  GLN A O     1 
ATOM   599 C CB    . GLN A 1 92  ? -2.582  -1.501  2.501   1.00 15.53 ? 93  GLN A CB    1 
ATOM   600 C CG    . GLN A 1 92  ? -2.080  -2.385  3.651   1.00 15.01 ? 93  GLN A CG    1 
ATOM   601 C CD    . GLN A 1 92  ? -2.907  -3.655  3.840   1.00 15.67 ? 93  GLN A CD    1 
ATOM   602 O OE1   . GLN A 1 92  ? -3.810  -3.713  4.681   1.00 18.46 ? 93  GLN A OE1   1 
ATOM   603 N NE2   . GLN A 1 92  ? -2.607  -4.672  3.050   1.00 11.47 ? 93  GLN A NE2   1 
ATOM   604 N N     . ILE A 1 93  ? 0.137   -0.469  3.695   1.00 14.84 ? 94  ILE A N     1 
ATOM   605 C CA    . ILE A 1 93  ? 1.500   -0.836  4.024   1.00 15.42 ? 94  ILE A CA    1 
ATOM   606 C C     . ILE A 1 93  ? 1.286   -1.860  5.129   1.00 14.60 ? 94  ILE A C     1 
ATOM   607 O O     . ILE A 1 93  ? 0.545   -1.609  6.083   1.00 13.41 ? 94  ILE A O     1 
ATOM   608 C CB    . ILE A 1 93  ? 2.349   0.354   4.552   1.00 16.61 ? 94  ILE A CB    1 
ATOM   609 C CG1   . ILE A 1 93  ? 1.625   1.066   5.695   1.00 18.81 ? 94  ILE A CG1   1 
ATOM   610 C CG2   . ILE A 1 93  ? 2.660   1.316   3.405   1.00 17.26 ? 94  ILE A CG2   1 
ATOM   611 C CD1   . ILE A 1 93  ? 2.478   2.120   6.381   1.00 21.09 ? 94  ILE A CD1   1 
ATOM   612 N N     . SER A 1 94  ? 1.898   -3.028  4.980   1.00 14.82 ? 95  SER A N     1 
ATOM   613 C CA    . SER A 1 94  ? 1.764   -4.084  5.973   1.00 15.12 ? 95  SER A CA    1 
ATOM   614 C C     . SER A 1 94  ? 2.488   -3.680  7.257   1.00 17.68 ? 95  SER A C     1 
ATOM   615 O O     . SER A 1 94  ? 3.358   -2.802  7.244   1.00 17.16 ? 95  SER A O     1 
ATOM   616 C CB    . SER A 1 94  ? 2.351   -5.392  5.430   1.00 14.41 ? 95  SER A CB    1 
ATOM   617 O OG    . SER A 1 94  ? 3.739   -5.262  5.162   1.00 17.43 ? 95  SER A OG    1 
ATOM   618 N N     . ASP A 1 95  ? 2.111   -4.301  8.369   1.00 17.04 ? 96  ASP A N     1 
ATOM   619 C CA    . ASP A 1 95  ? 2.749   -4.007  9.647   1.00 19.09 ? 96  ASP A CA    1 
ATOM   620 C C     . ASP A 1 95  ? 3.961   -4.915  9.746   1.00 19.33 ? 96  ASP A C     1 
ATOM   621 O O     . ASP A 1 95  ? 3.835   -6.083  10.107  1.00 20.62 ? 96  ASP A O     1 
ATOM   622 C CB    . ASP A 1 95  ? 1.805   -4.302  10.812  1.00 19.86 ? 96  ASP A CB    1 
ATOM   623 C CG    . ASP A 1 95  ? 2.392   -3.895  12.153  1.00 22.47 ? 96  ASP A CG    1 
ATOM   624 O OD1   . ASP A 1 95  ? 3.617   -3.646  12.219  1.00 21.88 ? 96  ASP A OD1   1 
ATOM   625 O OD2   . ASP A 1 95  ? 1.631   -3.827  13.140  1.00 24.79 ? 96  ASP A OD2   1 
ATOM   626 N N     . LYS A 1 96  ? 5.135   -4.387  9.420   1.00 19.59 ? 97  LYS A N     1 
ATOM   627 C CA    . LYS A 1 96  ? 6.341   -5.200  9.471   1.00 22.32 ? 97  LYS A CA    1 
ATOM   628 C C     . LYS A 1 96  ? 6.717   -5.630  10.884  1.00 22.72 ? 97  LYS A C     1 
ATOM   629 O O     . LYS A 1 96  ? 7.519   -6.542  11.058  1.00 23.16 ? 97  LYS A O     1 
ATOM   630 C CB    . LYS A 1 96  ? 7.514   -4.454  8.826   1.00 23.96 ? 97  LYS A CB    1 
ATOM   631 C CG    . LYS A 1 96  ? 7.317   -4.160  7.345   1.00 24.49 ? 97  LYS A CG    1 
ATOM   632 C CD    . LYS A 1 96  ? 8.567   -3.546  6.719   1.00 27.32 ? 97  LYS A CD    1 
ATOM   633 C CE    . LYS A 1 96  ? 8.933   -2.232  7.378   1.00 30.60 ? 97  LYS A CE    1 
ATOM   634 N NZ    . LYS A 1 96  ? 10.102  -1.580  6.720   1.00 30.98 ? 97  LYS A NZ    1 
ATOM   635 N N     . THR A 1 97  ? 6.137   -4.987  11.895  1.00 24.81 ? 98  THR A N     1 
ATOM   636 C CA    . THR A 1 97  ? 6.457   -5.341  13.275  1.00 24.73 ? 98  THR A CA    1 
ATOM   637 C C     . THR A 1 97  ? 5.584   -6.478  13.790  1.00 26.40 ? 98  THR A C     1 
ATOM   638 O O     . THR A 1 97  ? 5.741   -6.920  14.928  1.00 26.57 ? 98  THR A O     1 
ATOM   639 C CB    . THR A 1 97  ? 6.293   -4.140  14.226  1.00 25.55 ? 98  THR A CB    1 
ATOM   640 O OG1   . THR A 1 97  ? 4.902   -3.855  14.415  1.00 25.29 ? 98  THR A OG1   1 
ATOM   641 C CG2   . THR A 1 97  ? 6.993   -2.911  13.654  1.00 25.22 ? 98  THR A CG2   1 
ATOM   642 N N     . ASP A 1 98  ? 4.674   -6.949  12.942  1.00 26.56 ? 99  ASP A N     1 
ATOM   643 C CA    . ASP A 1 98  ? 3.755   -8.029  13.295  1.00 27.55 ? 99  ASP A CA    1 
ATOM   644 C C     . ASP A 1 98  ? 4.103   -9.304  12.522  1.00 27.98 ? 99  ASP A C     1 
ATOM   645 O O     . ASP A 1 98  ? 3.807   -9.427  11.332  1.00 28.01 ? 99  ASP A O     1 
ATOM   646 C CB    . ASP A 1 98  ? 2.316   -7.593  12.980  1.00 27.80 ? 99  ASP A CB    1 
ATOM   647 C CG    . ASP A 1 98  ? 1.282   -8.655  13.332  1.00 30.27 ? 99  ASP A CG    1 
ATOM   648 O OD1   . ASP A 1 98  ? 1.672   -9.759  13.763  1.00 28.81 ? 99  ASP A OD1   1 
ATOM   649 O OD2   . ASP A 1 98  ? 0.073   -8.379  13.171  1.00 30.57 ? 99  ASP A OD2   1 
ATOM   650 N N     . PRO A 1 99  ? 4.737   -10.278 13.196  1.00 27.73 ? 100 PRO A N     1 
ATOM   651 C CA    . PRO A 1 99  ? 5.120   -11.538 12.555  1.00 27.43 ? 100 PRO A CA    1 
ATOM   652 C C     . PRO A 1 99  ? 3.909   -12.376 12.149  1.00 26.30 ? 100 PRO A C     1 
ATOM   653 O O     . PRO A 1 99  ? 4.018   -13.293 11.335  1.00 26.38 ? 100 PRO A O     1 
ATOM   654 C CB    . PRO A 1 99  ? 5.977   -12.214 13.620  1.00 29.41 ? 100 PRO A CB    1 
ATOM   655 C CG    . PRO A 1 99  ? 5.311   -11.769 14.892  1.00 29.82 ? 100 PRO A CG    1 
ATOM   656 C CD    . PRO A 1 99  ? 5.061   -10.297 14.633  1.00 29.78 ? 100 PRO A CD    1 
ATOM   657 N N     . GLY A 1 100 ? 2.752   -12.049 12.712  1.00 25.89 ? 101 GLY A N     1 
ATOM   658 C CA    . GLY A 1 100 ? 1.544   -12.780 12.375  1.00 25.71 ? 101 GLY A CA    1 
ATOM   659 C C     . GLY A 1 100 ? 0.701   -12.085 11.318  1.00 24.72 ? 101 GLY A C     1 
ATOM   660 O O     . GLY A 1 100 ? -0.447  -12.461 11.095  1.00 25.05 ? 101 GLY A O     1 
ATOM   661 N N     . TRP A 1 101 ? 1.259   -11.078 10.651  1.00 23.70 ? 102 TRP A N     1 
ATOM   662 C CA    . TRP A 1 101 ? 0.504   -10.351 9.633   1.00 22.38 ? 102 TRP A CA    1 
ATOM   663 C C     . TRP A 1 101 ? -0.001  -11.249 8.501   1.00 21.70 ? 102 TRP A C     1 
ATOM   664 O O     . TRP A 1 101 ? 0.768   -11.991 7.886   1.00 23.23 ? 102 TRP A O     1 
ATOM   665 C CB    . TRP A 1 101 ? 1.353   -9.210  9.055   1.00 21.85 ? 102 TRP A CB    1 
ATOM   666 C CG    . TRP A 1 101 ? 0.618   -8.335  8.062   1.00 19.62 ? 102 TRP A CG    1 
ATOM   667 C CD1   . TRP A 1 101 ? 0.525   -8.522  6.711   1.00 21.84 ? 102 TRP A CD1   1 
ATOM   668 C CD2   . TRP A 1 101 ? -0.135  -7.149  8.353   1.00 18.52 ? 102 TRP A CD2   1 
ATOM   669 N NE1   . TRP A 1 101 ? -0.236  -7.527  6.142   1.00 18.12 ? 102 TRP A NE1   1 
ATOM   670 C CE2   . TRP A 1 101 ? -0.654  -6.670  7.126   1.00 19.15 ? 102 TRP A CE2   1 
ATOM   671 C CE3   . TRP A 1 101 ? -0.424  -6.444  9.529   1.00 18.48 ? 102 TRP A CE3   1 
ATOM   672 C CZ2   . TRP A 1 101 ? -1.445  -5.516  7.043   1.00 17.28 ? 102 TRP A CZ2   1 
ATOM   673 C CZ3   . TRP A 1 101 ? -1.213  -5.295  9.448   1.00 17.47 ? 102 TRP A CZ3   1 
ATOM   674 C CH2   . TRP A 1 101 ? -1.713  -4.844  8.209   1.00 17.64 ? 102 TRP A CH2   1 
ATOM   675 N N     . VAL A 1 102 ? -1.304  -11.182 8.245   1.00 20.78 ? 103 VAL A N     1 
ATOM   676 C CA    . VAL A 1 102 ? -1.923  -11.960 7.176   1.00 21.23 ? 103 VAL A CA    1 
ATOM   677 C C     . VAL A 1 102 ? -2.120  -11.022 5.984   1.00 21.09 ? 103 VAL A C     1 
ATOM   678 O O     . VAL A 1 102 ? -2.802  -10.004 6.096   1.00 20.27 ? 103 VAL A O     1 
ATOM   679 C CB    . VAL A 1 102 ? -3.305  -12.506 7.600   1.00 21.43 ? 103 VAL A CB    1 
ATOM   680 C CG1   . VAL A 1 102 ? -3.811  -13.493 6.554   1.00 22.22 ? 103 VAL A CG1   1 
ATOM   681 C CG2   . VAL A 1 102 ? -3.220  -13.166 8.975   1.00 23.07 ? 103 VAL A CG2   1 
ATOM   682 N N     . ASP A 1 103 ? -1.520  -11.360 4.845   1.00 21.40 ? 104 ASP A N     1 
ATOM   683 C CA    . ASP A 1 103 ? -1.639  -10.528 3.651   1.00 21.44 ? 104 ASP A CA    1 
ATOM   684 C C     . ASP A 1 103 ? -3.095  -10.271 3.300   1.00 21.02 ? 104 ASP A C     1 
ATOM   685 O O     . ASP A 1 103 ? -3.946  -11.136 3.493   1.00 22.46 ? 104 ASP A O     1 
ATOM   686 C CB    . ASP A 1 103 ? -0.948  -11.195 2.457   1.00 21.55 ? 104 ASP A CB    1 
ATOM   687 C CG    . ASP A 1 103 ? 0.542   -11.350 2.658   1.00 23.03 ? 104 ASP A CG    1 
ATOM   688 O OD1   . ASP A 1 103 ? 1.086   -10.753 3.609   1.00 25.52 ? 104 ASP A OD1   1 
ATOM   689 O OD2   . ASP A 1 103 ? 1.175   -12.061 1.852   1.00 23.85 ? 104 ASP A OD2   1 
ATOM   690 N N     . ASP A 1 104 ? -3.385  -9.080  2.787   1.00 19.42 ? 105 ASP A N     1 
ATOM   691 C CA    . ASP A 1 104 ? -4.750  -8.757  2.408   1.00 18.91 ? 105 ASP A CA    1 
ATOM   692 C C     . ASP A 1 104 ? -5.232  -9.798  1.396   1.00 18.89 ? 105 ASP A C     1 
ATOM   693 O O     . ASP A 1 104 ? -4.447  -10.290 0.590   1.00 16.72 ? 105 ASP A O     1 
ATOM   694 C CB    . ASP A 1 104 ? -4.814  -7.353  1.806   1.00 19.60 ? 105 ASP A CB    1 
ATOM   695 C CG    . ASP A 1 104 ? -6.225  -6.950  1.427   1.00 19.57 ? 105 ASP A CG    1 
ATOM   696 O OD1   . ASP A 1 104 ? -6.635  -7.215  0.276   1.00 20.37 ? 105 ASP A OD1   1 
ATOM   697 O OD2   . ASP A 1 104 ? -6.928  -6.378  2.285   1.00 17.73 ? 105 ASP A OD2   1 
ATOM   698 N N     . SER A 1 105 ? -6.519  -10.128 1.448   1.00 20.05 ? 106 SER A N     1 
ATOM   699 C CA    . SER A 1 105 ? -7.109  -11.139 0.565   1.00 21.62 ? 106 SER A CA    1 
ATOM   700 C C     . SER A 1 105 ? -7.074  -10.853 -0.938  1.00 21.18 ? 106 SER A C     1 
ATOM   701 O O     . SER A 1 105 ? -7.215  -11.768 -1.754  1.00 20.80 ? 106 SER A O     1 
ATOM   702 C CB    . SER A 1 105 ? -8.560  -11.411 0.985   1.00 21.94 ? 106 SER A CB    1 
ATOM   703 O OG    . SER A 1 105 ? -9.358  -10.240 0.894   1.00 23.33 ? 106 SER A OG    1 
ATOM   704 N N     . ARG A 1 106 ? -6.886  -9.596  -1.317  1.00 20.10 ? 107 ARG A N     1 
ATOM   705 C CA    . ARG A 1 106 ? -6.866  -9.260  -2.734  1.00 20.62 ? 107 ARG A CA    1 
ATOM   706 C C     . ARG A 1 106 ? -5.507  -9.413  -3.396  1.00 20.61 ? 107 ARG A C     1 
ATOM   707 O O     . ARG A 1 106 ? -5.412  -9.420  -4.617  1.00 19.15 ? 107 ARG A O     1 
ATOM   708 C CB    . ARG A 1 106 ? -7.397  -7.843  -2.931  1.00 18.70 ? 107 ARG A CB    1 
ATOM   709 C CG    . ARG A 1 106 ? -8.900  -7.777  -2.837  1.00 22.43 ? 107 ARG A CG    1 
ATOM   710 C CD    . ARG A 1 106 ? -9.382  -6.481  -2.225  1.00 22.75 ? 107 ARG A CD    1 
ATOM   711 N NE    . ARG A 1 106 ? -9.002  -6.388  -0.820  1.00 26.67 ? 107 ARG A NE    1 
ATOM   712 C CZ    . ARG A 1 106 ? -9.843  -6.082  0.161   1.00 28.12 ? 107 ARG A CZ    1 
ATOM   713 N NH1   . ARG A 1 106 ? -11.119 -5.840  -0.107  1.00 29.06 ? 107 ARG A NH1   1 
ATOM   714 N NH2   . ARG A 1 106 ? -9.408  -6.012  1.408   1.00 30.26 ? 107 ARG A NH2   1 
ATOM   715 N N     . ILE A 1 107 ? -4.463  -9.560  -2.590  1.00 20.41 ? 108 ILE A N     1 
ATOM   716 C CA    . ILE A 1 107 ? -3.112  -9.686  -3.114  1.00 20.11 ? 108 ILE A CA    1 
ATOM   717 C C     . ILE A 1 107 ? -2.846  -11.016 -3.813  1.00 22.60 ? 108 ILE A C     1 
ATOM   718 O O     . ILE A 1 107 ? -3.137  -12.092 -3.284  1.00 20.35 ? 108 ILE A O     1 
ATOM   719 C CB    . ILE A 1 107 ? -2.071  -9.480  -1.990  1.00 17.44 ? 108 ILE A CB    1 
ATOM   720 C CG1   . ILE A 1 107 ? -2.156  -8.040  -1.478  1.00 15.97 ? 108 ILE A CG1   1 
ATOM   721 C CG2   . ILE A 1 107 ? -0.662  -9.772  -2.501  1.00 16.86 ? 108 ILE A CG2   1 
ATOM   722 C CD1   . ILE A 1 107 ? -1.355  -7.779  -0.227  1.00 16.30 ? 108 ILE A CD1   1 
ATOM   723 N N     . GLN A 1 108 ? -2.293  -10.908 -5.016  1.00 23.92 ? 109 GLN A N     1 
ATOM   724 C CA    . GLN A 1 108 ? -1.942  -12.053 -5.846  1.00 26.49 ? 109 GLN A CA    1 
ATOM   725 C C     . GLN A 1 108 ? -0.444  -11.974 -6.098  1.00 26.48 ? 109 GLN A C     1 
ATOM   726 O O     . GLN A 1 108 ? 0.006   -11.183 -6.925  1.00 25.36 ? 109 GLN A O     1 
ATOM   727 C CB    . GLN A 1 108 ? -2.685  -11.973 -7.178  1.00 27.94 ? 109 GLN A CB    1 
ATOM   728 C CG    . GLN A 1 108 ? -4.192  -12.060 -7.049  1.00 29.92 ? 109 GLN A CG    1 
ATOM   729 C CD    . GLN A 1 108 ? -4.913  -11.251 -8.106  1.00 33.11 ? 109 GLN A CD    1 
ATOM   730 O OE1   . GLN A 1 108 ? -5.148  -10.053 -7.933  1.00 35.00 ? 109 GLN A OE1   1 
ATOM   731 N NE2   . GLN A 1 108 ? -5.258  -11.897 -9.212  1.00 33.10 ? 109 GLN A NE2   1 
ATOM   732 N N     . TRP A 1 109 ? 0.326   -12.785 -5.383  1.00 25.77 ? 110 TRP A N     1 
ATOM   733 C CA    . TRP A 1 109 ? 1.774   -12.775 -5.540  1.00 26.51 ? 110 TRP A CA    1 
ATOM   734 C C     . TRP A 1 109 ? 2.215   -13.355 -6.877  1.00 27.54 ? 110 TRP A C     1 
ATOM   735 O O     . TRP A 1 109 ? 1.641   -14.331 -7.356  1.00 28.15 ? 110 TRP A O     1 
ATOM   736 C CB    . TRP A 1 109 ? 2.429   -13.546 -4.398  1.00 25.65 ? 110 TRP A CB    1 
ATOM   737 C CG    . TRP A 1 109 ? 2.223   -12.897 -3.072  1.00 24.42 ? 110 TRP A CG    1 
ATOM   738 C CD1   . TRP A 1 109 ? 1.428   -13.339 -2.052  1.00 25.75 ? 110 TRP A CD1   1 
ATOM   739 C CD2   . TRP A 1 109 ? 2.809   -11.673 -2.624  1.00 24.14 ? 110 TRP A CD2   1 
ATOM   740 N NE1   . TRP A 1 109 ? 1.486   -12.463 -0.995  1.00 23.78 ? 110 TRP A NE1   1 
ATOM   741 C CE2   . TRP A 1 109 ? 2.327   -11.431 -1.319  1.00 23.77 ? 110 TRP A CE2   1 
ATOM   742 C CE3   . TRP A 1 109 ? 3.697   -10.754 -3.198  1.00 22.86 ? 110 TRP A CE3   1 
ATOM   743 C CZ2   . TRP A 1 109 ? 2.704   -10.307 -0.577  1.00 23.91 ? 110 TRP A CZ2   1 
ATOM   744 C CZ3   . TRP A 1 109 ? 4.072   -9.636  -2.460  1.00 23.83 ? 110 TRP A CZ3   1 
ATOM   745 C CH2   . TRP A 1 109 ? 3.575   -9.424  -1.163  1.00 23.72 ? 110 TRP A CH2   1 
ATOM   746 N N     . GLY A 1 110 ? 3.238   -12.746 -7.472  1.00 28.27 ? 111 GLY A N     1 
ATOM   747 C CA    . GLY A 1 110 ? 3.738   -13.220 -8.750  1.00 31.60 ? 111 GLY A CA    1 
ATOM   748 C C     . GLY A 1 110 ? 4.719   -14.367 -8.593  1.00 33.48 ? 111 GLY A C     1 
ATOM   749 O O     . GLY A 1 110 ? 5.564   -14.354 -7.694  1.00 33.09 ? 111 GLY A O     1 
HETATM 750 O "O5'" . 3PD B 2 .   ? -7.554  -5.695  6.849   1.00 25.50 ? 117 3PD A "O5'" 1 
HETATM 751 C "C5'" . 3PD B 2 .   ? -8.302  -4.572  7.316   1.00 21.44 ? 117 3PD A "C5'" 1 
HETATM 752 C "C4'" . 3PD B 2 .   ? -7.515  -3.777  8.343   1.00 21.61 ? 117 3PD A "C4'" 1 
HETATM 753 O "O4'" . 3PD B 2 .   ? -7.243  -4.553  9.553   1.00 20.90 ? 117 3PD A "O4'" 1 
HETATM 754 C "C1'" . 3PD B 2 .   ? -5.998  -4.198  10.110  1.00 20.05 ? 117 3PD A "C1'" 1 
HETATM 755 C "C2'" . 3PD B 2 .   ? -5.346  -3.130  9.209   1.00 21.09 ? 117 3PD A "C2'" 1 
HETATM 756 C "C3'" . 3PD B 2 .   ? -6.141  -3.257  7.877   1.00 21.05 ? 117 3PD A "C3'" 1 
HETATM 757 O "O3'" . 3PD B 2 .   ? -6.371  -1.982  7.225   1.00 22.03 ? 117 3PD A "O3'" 1 
HETATM 758 N N9    . 3PD B 2 .   ? -5.184  -5.465  10.334  1.00 19.95 ? 117 3PD A N9    1 
HETATM 759 C C4    . 3PD B 2 .   ? -4.694  -6.381  9.398   1.00 20.68 ? 117 3PD A C4    1 
HETATM 760 N N3    . 3PD B 2 .   ? -4.863  -6.316  8.006   1.00 18.99 ? 117 3PD A N3    1 
HETATM 761 C C2    . 3PD B 2 .   ? -4.268  -7.347  7.335   1.00 18.80 ? 117 3PD A C2    1 
HETATM 762 N N2    . 3PD B 2 .   ? -4.324  -7.437  6.003   1.00 19.05 ? 117 3PD A N2    1 
HETATM 763 N N1    . 3PD B 2 .   ? -3.561  -8.367  8.005   1.00 20.31 ? 117 3PD A N1    1 
HETATM 764 C C6    . 3PD B 2 .   ? -3.381  -8.453  9.434   1.00 20.71 ? 117 3PD A C6    1 
HETATM 765 O O6    . 3PD B 2 .   ? -2.742  -9.395  9.903   1.00 22.72 ? 117 3PD A O6    1 
HETATM 766 C C5    . 3PD B 2 .   ? -4.008  -7.360  10.142  1.00 19.96 ? 117 3PD A C5    1 
HETATM 767 N N7    . 3PD B 2 .   ? -4.061  -7.078  11.498  1.00 20.80 ? 117 3PD A N7    1 
HETATM 768 C C8    . 3PD B 2 .   ? -4.755  -5.968  11.558  1.00 18.53 ? 117 3PD A C8    1 
HETATM 769 P P     . 3PD B 2 .   ? -5.234  -0.897  6.901   1.00 20.44 ? 117 3PD A P     1 
HETATM 770 O O1P   . 3PD B 2 .   ? -5.271  0.141   7.943   1.00 21.26 ? 117 3PD A O1P   1 
HETATM 771 O O2P   . 3PD B 2 .   ? -3.937  -1.578  6.686   1.00 18.74 ? 117 3PD A O2P   1 
HETATM 772 N N1    . UM3 C 3 .   ? -6.750  -2.911  0.951   1.00 17.91 ? 118 UM3 A N1    1 
HETATM 773 C C2    . UM3 C 3 .   ? -7.211  -3.142  -0.379  1.00 16.77 ? 118 UM3 A C2    1 
HETATM 774 N N3    . UM3 C 3 .   ? -6.333  -3.893  -1.184  1.00 16.09 ? 118 UM3 A N3    1 
HETATM 775 C C4    . UM3 C 3 .   ? -5.086  -4.415  -0.810  1.00 15.19 ? 118 UM3 A C4    1 
HETATM 776 C C5    . UM3 C 3 .   ? -4.681  -4.140  0.573   1.00 13.77 ? 118 UM3 A C5    1 
HETATM 777 C C6    . UM3 C 3 .   ? -5.501  -3.413  1.399   1.00 16.18 ? 118 UM3 A C6    1 
HETATM 778 O O2    . UM3 C 3 .   ? -8.280  -2.727  -0.812  1.00 15.68 ? 118 UM3 A O2    1 
HETATM 779 O O4    . UM3 C 3 .   ? -4.424  -5.049  -1.623  1.00 17.04 ? 118 UM3 A O4    1 
HETATM 780 C "C1'" . UM3 C 3 .   ? -7.689  -2.076  1.826   1.00 17.51 ? 118 UM3 A "C1'" 1 
HETATM 781 C "C2'" . UM3 C 3 .   ? -8.252  -2.690  3.108   1.00 19.74 ? 118 UM3 A "C2'" 1 
HETATM 782 C "C3'" . UM3 C 3 .   ? -8.304  -1.448  4.040   1.00 20.51 ? 118 UM3 A "C3'" 1 
HETATM 783 C "C4'" . UM3 C 3 .   ? -7.041  -0.690  3.603   1.00 19.82 ? 118 UM3 A "C4'" 1 
HETATM 784 O "O3'" . UM3 C 3 .   ? -9.432  -0.580  3.755   1.00 23.80 ? 118 UM3 A "O3'" 1 
HETATM 785 O "O4'" . UM3 C 3 .   ? -6.972  -0.916  2.176   1.00 17.62 ? 118 UM3 A "O4'" 1 
HETATM 786 C "C5'" . UM3 C 3 .   ? -5.775  -1.047  4.328   1.00 20.98 ? 118 UM3 A "C5'" 1 
HETATM 787 O "O5'" . UM3 C 3 .   ? -5.732  -0.254  5.529   1.00 23.93 ? 118 UM3 A "O5'" 1 
HETATM 788 P P     . UM3 C 3 .   ? -10.819 -1.123  4.177   1.00 27.87 ? 118 UM3 A P     1 
HETATM 789 O O1P   . UM3 C 3 .   ? -11.790 -0.138  3.835   1.00 25.36 ? 118 UM3 A O1P   1 
HETATM 790 O O2P   . UM3 C 3 .   ? -10.829 -1.346  5.589   1.00 25.96 ? 118 UM3 A O2P   1 
HETATM 791 O O3P   . UM3 C 3 .   ? -11.156 -2.339  3.495   1.00 29.45 ? 118 UM3 A O3P   1 
HETATM 792 O O     . HOH D 4 .   ? 9.423   -4.751  -4.464  1.00 16.29 ? 119 HOH A O     1 
HETATM 793 O O     . HOH D 4 .   ? -2.152  0.625   5.431   1.00 15.48 ? 120 HOH A O     1 
HETATM 794 O O     . HOH D 4 .   ? 7.986   -2.490  -11.238 1.00 23.77 ? 121 HOH A O     1 
HETATM 795 O O     . HOH D 4 .   ? -5.912  -5.529  4.635   1.00 17.49 ? 122 HOH A O     1 
HETATM 796 O O     . HOH D 4 .   ? -13.272 -6.402  -1.826  1.00 18.84 ? 123 HOH A O     1 
HETATM 797 O O     . HOH D 4 .   ? -3.683  -12.549 -0.437  1.00 19.62 ? 124 HOH A O     1 
HETATM 798 O O     . HOH D 4 .   ? -2.160  -4.123  -11.383 1.00 30.26 ? 125 HOH A O     1 
HETATM 799 O O     . HOH D 4 .   ? 5.668   -0.971  -11.414 1.00 20.91 ? 126 HOH A O     1 
HETATM 800 O O     . HOH D 4 .   ? -10.221 7.980   -6.609  1.00 28.05 ? 127 HOH A O     1 
HETATM 801 O O     . HOH D 4 .   ? -2.425  6.893   0.483   1.00 18.52 ? 128 HOH A O     1 
HETATM 802 O O     . HOH D 4 .   ? 9.692   -5.608  1.736   1.00 31.03 ? 129 HOH A O     1 
HETATM 803 O O     . HOH D 4 .   ? 2.401   5.828   -8.044  1.00 24.94 ? 130 HOH A O     1 
HETATM 804 O O     . HOH D 4 .   ? 5.608   7.703   -11.333 1.00 24.42 ? 131 HOH A O     1 
HETATM 805 O O     . HOH D 4 .   ? 1.901   -1.902  15.021  1.00 28.10 ? 132 HOH A O     1 
HETATM 806 O O     . HOH D 4 .   ? 12.149  8.531   5.150   1.00 34.65 ? 133 HOH A O     1 
HETATM 807 O O     . HOH D 4 .   ? -0.633  -14.012 4.522   1.00 24.81 ? 134 HOH A O     1 
HETATM 808 O O     . HOH D 4 .   ? 5.041   -8.791  8.871   1.00 24.31 ? 135 HOH A O     1 
HETATM 809 O O     . HOH D 4 .   ? -15.402 0.035   -1.125  1.00 39.82 ? 136 HOH A O     1 
HETATM 810 O O     . HOH D 4 .   ? -6.416  5.469   3.875   1.00 32.22 ? 137 HOH A O     1 
HETATM 811 O O     . HOH D 4 .   ? -15.897 14.019  -2.383  1.00 32.55 ? 138 HOH A O     1 
HETATM 812 O O     . HOH D 4 .   ? -10.310 1.680   -12.219 1.00 32.26 ? 139 HOH A O     1 
HETATM 813 O O     . HOH D 4 .   ? 2.625   -12.138 6.069   1.00 37.55 ? 140 HOH A O     1 
HETATM 814 O O     . HOH D 4 .   ? 0.047   -11.566 15.248  1.00 29.79 ? 141 HOH A O     1 
HETATM 815 O O     . HOH D 4 .   ? -0.558  -5.046  13.155  1.00 22.56 ? 142 HOH A O     1 
HETATM 816 O O     . HOH D 4 .   ? -5.843  -13.239 3.419   1.00 28.54 ? 143 HOH A O     1 
HETATM 817 O O     . HOH D 4 .   ? 8.070   7.153   9.500   1.00 36.61 ? 144 HOH A O     1 
HETATM 818 O O     . HOH D 4 .   ? 16.398  -2.138  -7.076  1.00 48.23 ? 145 HOH A O     1 
HETATM 819 O O     . HOH D 4 .   ? 6.817   8.279   -13.413 1.00 38.17 ? 146 HOH A O     1 
HETATM 820 O O     . HOH D 4 .   ? 4.441   12.263  -4.513  1.00 38.50 ? 147 HOH A O     1 
HETATM 821 O O     . HOH D 4 .   ? 4.513   12.612  0.472   1.00 47.78 ? 148 HOH A O     1 
HETATM 822 O O     . HOH D 4 .   ? -14.914 -1.036  -3.454  1.00 28.28 ? 149 HOH A O     1 
HETATM 823 O O     . HOH D 4 .   ? 17.312  4.976   1.489   1.00 34.71 ? 150 HOH A O     1 
HETATM 824 O O     . HOH D 4 .   ? -4.262  10.761  -7.993  1.00 42.50 ? 151 HOH A O     1 
HETATM 825 O O     . HOH D 4 .   ? 12.837  -2.951  -10.470 1.00 36.91 ? 152 HOH A O     1 
HETATM 826 O O     . HOH D 4 .   ? -10.343 0.430   10.642  1.00 48.87 ? 153 HOH A O     1 
HETATM 827 O O     . HOH D 4 .   ? 0.356   -11.736 -9.878  1.00 29.91 ? 154 HOH A O     1 
HETATM 828 O O     . HOH D 4 .   ? -11.895 -9.803  -0.462  1.00 29.94 ? 155 HOH A O     1 
HETATM 829 O O     . HOH D 4 .   ? -3.679  -1.521  -14.182 1.00 28.10 ? 156 HOH A O     1 
HETATM 830 O O     . HOH D 4 .   ? -3.257  6.741   10.785  1.00 32.17 ? 157 HOH A O     1 
HETATM 831 O O     . HOH D 4 .   ? 12.642  -1.065  1.863   1.00 42.18 ? 158 HOH A O     1 
HETATM 832 O O     . HOH D 4 .   ? -9.008  12.291  -4.535  1.00 40.81 ? 159 HOH A O     1 
HETATM 833 O O     . HOH D 4 .   ? -4.701  3.301   11.655  1.00 45.38 ? 160 HOH A O     1 
HETATM 834 O O     . HOH D 4 .   ? 0.748   -15.019 9.036   1.00 47.39 ? 161 HOH A O     1 
HETATM 835 O O     . HOH D 4 .   ? 6.750   10.480  -4.317  1.00 26.30 ? 162 HOH A O     1 
HETATM 836 O O     . HOH D 4 .   ? -2.138  4.803   -14.792 1.00 57.90 ? 163 HOH A O     1 
HETATM 837 O O     . HOH D 4 .   ? 0.295   -4.621  -12.284 1.00 35.21 ? 164 HOH A O     1 
HETATM 838 O O     . HOH D 4 .   ? -13.052 -0.857  7.039   1.00 29.65 ? 165 HOH A O     1 
HETATM 839 O O     . HOH D 4 .   ? 8.448   -11.918 3.104   1.00 36.94 ? 166 HOH A O     1 
HETATM 840 O O     . HOH D 4 .   ? -6.959  0.596   9.979   1.00 49.13 ? 167 HOH A O     1 
HETATM 841 O O     . HOH D 4 .   ? -5.003  12.816  3.566   1.00 47.15 ? 168 HOH A O     1 
HETATM 842 O O     . HOH D 4 .   ? -0.351  10.500  -8.440  1.00 47.99 ? 169 HOH A O     1 
HETATM 843 O O     . HOH D 4 .   ? -3.567  1.224   12.290  1.00 35.07 ? 170 HOH A O     1 
HETATM 844 O O     . HOH D 4 .   ? 5.838   0.391   16.155  1.00 44.66 ? 171 HOH A O     1 
HETATM 845 O O     . HOH D 4 .   ? -1.062  11.508  9.983   1.00 58.36 ? 172 HOH A O     1 
HETATM 846 O O     . HOH D 4 .   ? -5.402  2.842   3.796   1.00 27.56 ? 173 HOH A O     1 
HETATM 847 O O     . HOH D 4 .   ? 0.454   1.233   -9.320  1.00 30.63 ? 174 HOH A O     1 
HETATM 848 O O     . HOH D 4 .   ? 11.036  9.958   1.037   1.00 24.97 ? 175 HOH A O     1 
HETATM 849 O O     . HOH D 4 .   ? -4.963  -3.692  -14.986 1.00 38.10 ? 176 HOH A O     1 
HETATM 850 O O     . HOH D 4 .   ? -13.076 -2.626  1.635   1.00 35.79 ? 177 HOH A O     1 
HETATM 851 O O     . HOH D 4 .   ? 2.518   -6.532  -10.894 1.00 37.48 ? 178 HOH A O     1 
HETATM 852 O O     . HOH D 4 .   ? -8.206  9.982   -5.764  1.00 41.78 ? 179 HOH A O     1 
HETATM 853 O O     . HOH D 4 .   ? 2.744   -5.432  15.940  1.00 32.17 ? 180 HOH A O     1 
HETATM 854 O O     . HOH D 4 .   ? -3.789  -5.515  -13.373 1.00 30.96 ? 181 HOH A O     1 
HETATM 855 O O     . HOH D 4 .   ? -11.245 -1.203  -12.539 1.00 38.53 ? 182 HOH A O     1 
HETATM 856 O O     . HOH D 4 .   ? 2.457   -10.262 -10.335 1.00 36.78 ? 183 HOH A O     1 
HETATM 857 O O     . HOH D 4 .   ? 14.692  5.508   6.012   1.00 35.04 ? 184 HOH A O     1 
HETATM 858 O O     . HOH D 4 .   ? -0.985  0.907   12.488  1.00 32.21 ? 185 HOH A O     1 
HETATM 859 O O     . HOH D 4 .   ? -1.897  15.867  10.409  1.00 64.39 ? 186 HOH A O     1 
HETATM 860 O O     . HOH D 4 .   ? 11.793  -5.172  -1.220  1.00 47.25 ? 187 HOH A O     1 
HETATM 861 O O     . HOH D 4 .   ? 14.854  11.243  1.317   1.00 45.60 ? 188 HOH A O     1 
HETATM 862 O O     . HOH D 4 .   ? 0.702   11.291  -10.702 1.00 54.19 ? 189 HOH A O     1 
HETATM 863 O O     . HOH D 4 .   ? -5.428  -0.292  13.018  1.00 42.52 ? 190 HOH A O     1 
HETATM 864 O O     . HOH D 4 .   ? -14.562 -5.088  0.149   1.00 43.25 ? 191 HOH A O     1 
HETATM 865 O O     . HOH D 4 .   ? -5.609  10.404  -1.729  1.00 45.61 ? 192 HOH A O     1 
HETATM 866 O O     . HOH D 4 .   ? 1.599   -3.412  17.968  1.00 40.29 ? 193 HOH A O     1 
HETATM 867 O O     . HOH D 4 .   ? -4.187  12.228  0.722   1.00 58.60 ? 194 HOH A O     1 
HETATM 868 O O     . HOH D 4 .   ? 0.347   -11.132 18.184  1.00 53.65 ? 195 HOH A O     1 
HETATM 869 O O     . HOH D 4 .   ? 14.671  0.881   2.911   1.00 39.06 ? 196 HOH A O     1 
HETATM 870 O O     . HOH D 4 .   ? 14.715  8.244   6.906   1.00 50.24 ? 197 HOH A O     1 
HETATM 871 O O     . HOH D 4 .   ? 17.689  3.252   -2.152  1.00 30.05 ? 198 HOH A O     1 
HETATM 872 O O     . HOH D 4 .   ? 8.954   10.815  5.447   1.00 55.97 ? 199 HOH A O     1 
HETATM 873 O O     . HOH D 4 .   ? -5.403  7.168   -0.538  1.00 40.11 ? 200 HOH A O     1 
HETATM 874 O O     . HOH D 4 .   ? 5.970   3.125   -14.493 1.00 39.50 ? 201 HOH A O     1 
HETATM 875 O O     . HOH D 4 .   ? 11.568  11.818  3.610   1.00 46.14 ? 202 HOH A O     1 
HETATM 876 O O     . HOH D 4 .   ? -0.101  -5.806  16.139  1.00 52.12 ? 203 HOH A O     1 
HETATM 877 O O     . HOH D 4 .   ? 10.233  -7.447  -8.913  1.00 42.38 ? 204 HOH A O     1 
HETATM 878 O O     . HOH D 4 .   ? -15.259 -1.128  5.697   1.00 29.54 ? 205 HOH A O     1 
HETATM 879 O O     . HOH D 4 .   ? 17.051  9.795   2.595   1.00 32.54 ? 206 HOH A O     1 
HETATM 880 O O     . HOH D 4 .   ? 7.350   -11.701 6.456   1.00 42.11 ? 207 HOH A O     1 
HETATM 881 O O     . HOH D 4 .   ? 5.205   0.858   -13.428 1.00 25.72 ? 208 HOH A O     1 
HETATM 882 O O     . HOH D 4 .   ? -4.388  -16.124 4.170   1.00 49.31 ? 209 HOH A O     1 
HETATM 883 O O     . HOH D 4 .   ? -0.863  -17.104 8.415   1.00 44.45 ? 210 HOH A O     1 
HETATM 884 O O     . HOH D 4 .   ? 7.728   -9.215  8.951   1.00 56.68 ? 211 HOH A O     1 
HETATM 885 O O     . HOH D 4 .   ? 7.398   9.825   8.926   1.00 49.83 ? 212 HOH A O     1 
HETATM 886 O O     . HOH D 4 .   ? -1.244  12.958  -9.727  1.00 55.34 ? 213 HOH A O     1 
HETATM 887 O O     . HOH D 4 .   ? 1.936   12.179  -0.643  1.00 39.01 ? 214 HOH A O     1 
HETATM 888 O O     . HOH D 4 .   ? 17.122  6.795   3.350   1.00 45.96 ? 215 HOH A O     1 
HETATM 889 O O     . HOH D 4 .   ? -16.674 4.292   5.426   1.00 43.62 ? 216 HOH A O     1 
HETATM 890 O O     . HOH D 4 .   ? 16.123  8.837   9.165   1.00 58.97 ? 217 HOH A O     1 
HETATM 891 O O     . HOH D 4 .   ? -0.638  -13.230 20.206  1.00 54.78 ? 218 HOH A O     1 
HETATM 892 O O     . HOH D 4 .   ? 16.902  -4.074  -8.905  1.00 48.73 ? 219 HOH A O     1 
HETATM 893 O O     . HOH D 4 .   ? -14.189 15.931  0.934   1.00 44.47 ? 220 HOH A O     1 
HETATM 894 O O     . HOH D 4 .   ? -3.214  8.799   -1.080  1.00 38.70 ? 221 HOH A O     1 
HETATM 895 O O     . HOH D 4 .   ? -0.086  13.497  6.711   1.00 41.74 ? 222 HOH A O     1 
HETATM 896 O O     . HOH D 4 .   ? 16.536  1.544   4.936   1.00 45.71 ? 223 HOH A O     1 
# 
loop_
_pdbx_poly_seq_scheme.asym_id 
_pdbx_poly_seq_scheme.entity_id 
_pdbx_poly_seq_scheme.seq_id 
_pdbx_poly_seq_scheme.mon_id 
_pdbx_poly_seq_scheme.ndb_seq_num 
_pdbx_poly_seq_scheme.pdb_seq_num 
_pdbx_poly_seq_scheme.auth_seq_num 
_pdbx_poly_seq_scheme.pdb_mon_id 
_pdbx_poly_seq_scheme.auth_mon_id 
_pdbx_poly_seq_scheme.pdb_strand_id 
_pdbx_poly_seq_scheme.pdb_ins_code 
_pdbx_poly_seq_scheme.hetero 
A 1 1   ALA 1   2   ?   ?   ?   A . n 
A 1 2   GLU 2   3   ?   ?   ?   A . n 
A 1 3   GLY 3   4   ?   ?   ?   A . n 
A 1 4   LYS 4   5   ?   ?   ?   A . n 
A 1 5   LEU 5   6   ?   ?   ?   A . n 
A 1 6   ASN 6   7   ?   ?   ?   A . n 
A 1 7   ASP 7   8   ?   ?   ?   A . n 
A 1 8   GLU 8   9   ?   ?   ?   A . n 
A 1 9   LEU 9   10  ?   ?   ?   A . n 
A 1 10  ALA 10  11  ?   ?   ?   A . n 
A 1 11  LYS 11  12  ?   ?   ?   A . n 
A 1 12  ASN 12  13  ?   ?   ?   A . n 
A 1 13  LYS 13  14  ?   ?   ?   A . n 
A 1 14  GLY 14  15  ?   ?   ?   A . n 
A 1 15  LYS 15  16  16  LYS LYS A . n 
A 1 16  ILE 16  17  17  ILE ILE A . n 
A 1 17  PRO 17  18  18  PRO PRO A . n 
A 1 18  GLY 18  19  19  GLY GLY A . n 
A 1 19  LEU 19  20  20  LEU LEU A . n 
A 1 20  LYS 20  21  21  LYS LYS A . n 
A 1 21  ILE 21  22  22  ILE ILE A . n 
A 1 22  ASP 22  23  23  ASP ASP A . n 
A 1 23  GLN 23  24  24  GLN GLN A . n 
A 1 24  LYS 24  25  25  LYS LYS A . n 
A 1 25  ILE 25  26  26  ILE ILE A . n 
A 1 26  ARG 26  27  27  ARG ARG A . n 
A 1 27  GLY 27  28  28  GLY GLY A . n 
A 1 28  GLN 28  29  29  GLN GLN A . n 
A 1 29  MET 29  30  30  MET MET A . n 
A 1 30  PRO 30  31  31  PRO PRO A . n 
A 1 31  GLU 31  32  32  GLU GLU A . n 
A 1 32  ARG 32  33  33  ARG ARG A . n 
A 1 33  GLY 33  34  34  GLY GLY A . n 
A 1 34  TRP 34  35  35  TRP TRP A . n 
A 1 35  THR 35  36  36  THR THR A . n 
A 1 36  GLU 36  37  37  GLU GLU A . n 
A 1 37  ASP 37  38  38  ASP ASP A . n 
A 1 38  ASP 38  39  39  ASP ASP A . n 
A 1 39  ILE 39  40  40  ILE ILE A . n 
A 1 40  LYS 40  41  41  LYS LYS A . n 
A 1 41  ASN 41  42  42  ASN ASN A . n 
A 1 42  THR 42  43  43  THR THR A . n 
A 1 43  VAL 43  44  44  VAL VAL A . n 
A 1 44  SER 44  45  45  SER SER A . n 
A 1 45  ASN 45  46  46  ASN ASN A . n 
A 1 46  GLY 46  47  47  GLY GLY A . n 
A 1 47  ALA 47  48  48  ALA ALA A . n 
A 1 48  THR 48  49  49  THR THR A . n 
A 1 49  GLY 49  50  50  GLY GLY A . n 
A 1 50  THR 50  51  51  THR THR A . n 
A 1 51  SER 51  52  52  SER SER A . n 
A 1 52  PHE 52  53  53  PHE PHE A . n 
A 1 53  ASP 53  54  54  ASP ASP A . n 
A 1 54  LYS 54  55  55  LYS LYS A . n 
A 1 55  ARG 55  56  56  ARG ARG A . n 
A 1 56  SER 56  57  57  SER SER A . n 
A 1 57  PRO 57  58  58  PRO PRO A . n 
A 1 58  LYS 58  59  59  LYS LYS A . n 
A 1 59  LYS 59  60  60  LYS LYS A . n 
A 1 60  THR 60  61  61  THR THR A . n 
A 1 61  PRO 61  62  62  PRO PRO A . n 
A 1 62  PRO 62  63  63  PRO PRO A . n 
A 1 63  ASP 63  64  64  ASP ASP A . n 
A 1 64  TYR 64  65  65  TYR TYR A . n 
A 1 65  LEU 65  66  66  LEU LEU A . n 
A 1 66  GLY 66  67  67  GLY GLY A . n 
A 1 67  ARG 67  68  68  ARG ARG A . n 
A 1 68  ASN 68  69  69  ASN ASN A . n 
A 1 69  ASP 69  70  70  ASP ASP A . n 
A 1 70  PRO 70  71  71  PRO PRO A . n 
A 1 71  ALA 71  72  72  ALA ALA A . n 
A 1 72  THR 72  73  73  THR THR A . n 
A 1 73  VAL 73  74  74  VAL VAL A . n 
A 1 74  TYR 74  75  75  TYR TYR A . n 
A 1 75  GLY 75  76  76  GLY GLY A . n 
A 1 76  SER 76  77  77  SER SER A . n 
A 1 77  PRO 77  78  78  PRO PRO A . n 
A 1 78  GLY 78  79  79  GLY GLY A . n 
A 1 79  LYS 79  80  80  LYS LYS A . n 
A 1 80  TYR 80  81  81  TYR TYR A . n 
A 1 81  VAL 81  82  82  VAL VAL A . n 
A 1 82  VAL 82  83  83  VAL VAL A . n 
A 1 83  VAL 83  84  84  VAL VAL A . n 
A 1 84  ASN 84  85  85  ASN ASN A . n 
A 1 85  ASP 85  86  86  ASP ASP A . n 
A 1 86  ARG 86  87  87  ARG ARG A . n 
A 1 87  THR 87  88  88  THR THR A . n 
A 1 88  GLY 88  89  89  GLY GLY A . n 
A 1 89  GLU 89  90  90  GLU GLU A . n 
A 1 90  VAL 90  91  91  VAL VAL A . n 
A 1 91  THR 91  92  92  THR THR A . n 
A 1 92  GLN 92  93  93  GLN GLN A . n 
A 1 93  ILE 93  94  94  ILE ILE A . n 
A 1 94  SER 94  95  95  SER SER A . n 
A 1 95  ASP 95  96  96  ASP ASP A . n 
A 1 96  LYS 96  97  97  LYS LYS A . n 
A 1 97  THR 97  98  98  THR THR A . n 
A 1 98  ASP 98  99  99  ASP ASP A . n 
A 1 99  PRO 99  100 100 PRO PRO A . n 
A 1 100 GLY 100 101 101 GLY GLY A . n 
A 1 101 TRP 101 102 102 TRP TRP A . n 
A 1 102 VAL 102 103 103 VAL VAL A . n 
A 1 103 ASP 103 104 104 ASP ASP A . n 
A 1 104 ASP 104 105 105 ASP ASP A . n 
A 1 105 SER 105 106 106 SER SER A . n 
A 1 106 ARG 106 107 107 ARG ARG A . n 
A 1 107 ILE 107 108 108 ILE ILE A . n 
A 1 108 GLN 108 109 109 GLN GLN A . n 
A 1 109 TRP 109 110 110 TRP TRP A . n 
A 1 110 GLY 110 111 111 GLY GLY A . n 
A 1 111 ASN 111 112 ?   ?   ?   A . n 
A 1 112 LYS 112 113 ?   ?   ?   A . n 
A 1 113 ASN 113 114 ?   ?   ?   A . n 
A 1 114 ASP 114 115 ?   ?   ?   A . n 
A 1 115 GLN 115 116 ?   ?   ?   A . n 
# 
loop_
_pdbx_nonpoly_scheme.asym_id 
_pdbx_nonpoly_scheme.entity_id 
_pdbx_nonpoly_scheme.mon_id 
_pdbx_nonpoly_scheme.ndb_seq_num 
_pdbx_nonpoly_scheme.pdb_seq_num 
_pdbx_nonpoly_scheme.auth_seq_num 
_pdbx_nonpoly_scheme.pdb_mon_id 
_pdbx_nonpoly_scheme.auth_mon_id 
_pdbx_nonpoly_scheme.pdb_strand_id 
_pdbx_nonpoly_scheme.pdb_ins_code 
B 2 3PD 1   117 1   3PD GU  A . 
C 3 UM3 1   118 1   UM3 GU  A . 
D 4 HOH 1   119 1   HOH TIP A . 
D 4 HOH 2   120 2   HOH TIP A . 
D 4 HOH 3   121 3   HOH TIP A . 
D 4 HOH 4   122 4   HOH TIP A . 
D 4 HOH 5   123 5   HOH TIP A . 
D 4 HOH 6   124 6   HOH TIP A . 
D 4 HOH 7   125 7   HOH TIP A . 
D 4 HOH 8   126 8   HOH TIP A . 
D 4 HOH 9   127 9   HOH TIP A . 
D 4 HOH 10  128 11  HOH TIP A . 
D 4 HOH 11  129 12  HOH TIP A . 
D 4 HOH 12  130 13  HOH TIP A . 
D 4 HOH 13  131 14  HOH TIP A . 
D 4 HOH 14  132 15  HOH TIP A . 
D 4 HOH 15  133 16  HOH TIP A . 
D 4 HOH 16  134 17  HOH TIP A . 
D 4 HOH 17  135 18  HOH TIP A . 
D 4 HOH 18  136 19  HOH TIP A . 
D 4 HOH 19  137 21  HOH TIP A . 
D 4 HOH 20  138 22  HOH TIP A . 
D 4 HOH 21  139 23  HOH TIP A . 
D 4 HOH 22  140 24  HOH TIP A . 
D 4 HOH 23  141 25  HOH TIP A . 
D 4 HOH 24  142 26  HOH TIP A . 
D 4 HOH 25  143 27  HOH TIP A . 
D 4 HOH 26  144 28  HOH TIP A . 
D 4 HOH 27  145 29  HOH TIP A . 
D 4 HOH 28  146 30  HOH TIP A . 
D 4 HOH 29  147 31  HOH TIP A . 
D 4 HOH 30  148 32  HOH TIP A . 
D 4 HOH 31  149 33  HOH TIP A . 
D 4 HOH 32  150 34  HOH TIP A . 
D 4 HOH 33  151 35  HOH TIP A . 
D 4 HOH 34  152 36  HOH TIP A . 
D 4 HOH 35  153 37  HOH TIP A . 
D 4 HOH 36  154 38  HOH TIP A . 
D 4 HOH 37  155 39  HOH TIP A . 
D 4 HOH 38  156 40  HOH TIP A . 
D 4 HOH 39  157 41  HOH TIP A . 
D 4 HOH 40  158 42  HOH TIP A . 
D 4 HOH 41  159 43  HOH TIP A . 
D 4 HOH 42  160 44  HOH TIP A . 
D 4 HOH 43  161 45  HOH TIP A . 
D 4 HOH 44  162 46  HOH TIP A . 
D 4 HOH 45  163 47  HOH TIP A . 
D 4 HOH 46  164 48  HOH TIP A . 
D 4 HOH 47  165 49  HOH TIP A . 
D 4 HOH 48  166 50  HOH TIP A . 
D 4 HOH 49  167 51  HOH TIP A . 
D 4 HOH 50  168 52  HOH TIP A . 
D 4 HOH 51  169 53  HOH TIP A . 
D 4 HOH 52  170 54  HOH TIP A . 
D 4 HOH 53  171 55  HOH TIP A . 
D 4 HOH 54  172 56  HOH TIP A . 
D 4 HOH 55  173 57  HOH TIP A . 
D 4 HOH 56  174 58  HOH TIP A . 
D 4 HOH 57  175 59  HOH TIP A . 
D 4 HOH 58  176 60  HOH TIP A . 
D 4 HOH 59  177 61  HOH TIP A . 
D 4 HOH 60  178 62  HOH TIP A . 
D 4 HOH 61  179 63  HOH TIP A . 
D 4 HOH 62  180 64  HOH TIP A . 
D 4 HOH 63  181 65  HOH TIP A . 
D 4 HOH 64  182 66  HOH TIP A . 
D 4 HOH 65  183 67  HOH TIP A . 
D 4 HOH 66  184 68  HOH TIP A . 
D 4 HOH 67  185 69  HOH TIP A . 
D 4 HOH 68  186 70  HOH TIP A . 
D 4 HOH 69  187 71  HOH TIP A . 
D 4 HOH 70  188 72  HOH TIP A . 
D 4 HOH 71  189 73  HOH TIP A . 
D 4 HOH 72  190 75  HOH TIP A . 
D 4 HOH 73  191 76  HOH TIP A . 
D 4 HOH 74  192 77  HOH TIP A . 
D 4 HOH 75  193 78  HOH TIP A . 
D 4 HOH 76  194 79  HOH TIP A . 
D 4 HOH 77  195 80  HOH TIP A . 
D 4 HOH 78  196 81  HOH TIP A . 
D 4 HOH 79  197 82  HOH TIP A . 
D 4 HOH 80  198 83  HOH TIP A . 
D 4 HOH 81  199 84  HOH TIP A . 
D 4 HOH 82  200 85  HOH TIP A . 
D 4 HOH 83  201 86  HOH TIP A . 
D 4 HOH 84  202 87  HOH TIP A . 
D 4 HOH 85  203 88  HOH TIP A . 
D 4 HOH 86  204 89  HOH TIP A . 
D 4 HOH 87  205 90  HOH TIP A . 
D 4 HOH 88  206 91  HOH TIP A . 
D 4 HOH 89  207 92  HOH TIP A . 
D 4 HOH 90  208 93  HOH TIP A . 
D 4 HOH 91  209 94  HOH TIP A . 
D 4 HOH 92  210 95  HOH TIP A . 
D 4 HOH 93  211 96  HOH TIP A . 
D 4 HOH 94  212 97  HOH TIP A . 
D 4 HOH 95  213 98  HOH TIP A . 
D 4 HOH 96  214 99  HOH TIP A . 
D 4 HOH 97  215 100 HOH TIP A . 
D 4 HOH 98  216 101 HOH TIP A . 
D 4 HOH 99  217 102 HOH TIP A . 
D 4 HOH 100 218 103 HOH TIP A . 
D 4 HOH 101 219 104 HOH TIP A . 
D 4 HOH 102 220 105 HOH TIP A . 
D 4 HOH 103 221 106 HOH TIP A . 
D 4 HOH 104 222 107 HOH TIP A . 
D 4 HOH 105 223 108 HOH TIP A . 
# 
_pdbx_struct_assembly.id                   1 
_pdbx_struct_assembly.details              author_defined_assembly 
_pdbx_struct_assembly.method_details       ? 
_pdbx_struct_assembly.oligomeric_details   monomeric 
_pdbx_struct_assembly.oligomeric_count     1 
# 
_pdbx_struct_assembly_gen.assembly_id       1 
_pdbx_struct_assembly_gen.oper_expression   1 
_pdbx_struct_assembly_gen.asym_id_list      A,B,C,D 
# 
_pdbx_struct_oper_list.id                   1 
_pdbx_struct_oper_list.type                 'identity operation' 
_pdbx_struct_oper_list.name                 1_555 
_pdbx_struct_oper_list.symmetry_operation   x,y,z 
_pdbx_struct_oper_list.matrix[1][1]         1.0000000000 
_pdbx_struct_oper_list.matrix[1][2]         0.0000000000 
_pdbx_struct_oper_list.matrix[1][3]         0.0000000000 
_pdbx_struct_oper_list.vector[1]            0.0000000000 
_pdbx_struct_oper_list.matrix[2][1]         0.0000000000 
_pdbx_struct_oper_list.matrix[2][2]         1.0000000000 
_pdbx_struct_oper_list.matrix[2][3]         0.0000000000 
_pdbx_struct_oper_list.vector[2]            0.0000000000 
_pdbx_struct_oper_list.matrix[3][1]         0.0000000000 
_pdbx_struct_oper_list.matrix[3][2]         0.0000000000 
_pdbx_struct_oper_list.matrix[3][3]         1.0000000000 
_pdbx_struct_oper_list.vector[3]            0.0000000000 
# 
loop_
_pdbx_audit_revision_history.ordinal 
_pdbx_audit_revision_history.data_content_type 
_pdbx_audit_revision_history.major_revision 
_pdbx_audit_revision_history.minor_revision 
_pdbx_audit_revision_history.revision_date 
1 'Structure model' 1 0 2007-01-23 
2 'Structure model' 1 1 2008-04-30 
3 'Structure model' 1 2 2011-07-13 
4 'Structure model' 1 3 2023-10-25 
# 
_pdbx_audit_revision_details.ordinal             1 
_pdbx_audit_revision_details.revision_ordinal    1 
_pdbx_audit_revision_details.data_content_type   'Structure model' 
_pdbx_audit_revision_details.provider            repository 
_pdbx_audit_revision_details.type                'Initial release' 
_pdbx_audit_revision_details.description         ? 
_pdbx_audit_revision_details.details             ? 
# 
loop_
_pdbx_audit_revision_group.ordinal 
_pdbx_audit_revision_group.revision_ordinal 
_pdbx_audit_revision_group.data_content_type 
_pdbx_audit_revision_group.group 
1 2 'Structure model' 'Version format compliance' 
2 3 'Structure model' 'Version format compliance' 
3 4 'Structure model' 'Data collection'           
4 4 'Structure model' 'Database references'       
5 4 'Structure model' 'Derived calculations'      
6 4 'Structure model' 'Refinement description'    
# 
loop_
_pdbx_audit_revision_category.ordinal 
_pdbx_audit_revision_category.revision_ordinal 
_pdbx_audit_revision_category.data_content_type 
_pdbx_audit_revision_category.category 
1 4 'Structure model' chem_comp_atom                
2 4 'Structure model' chem_comp_bond                
3 4 'Structure model' database_2                    
4 4 'Structure model' pdbx_initial_refinement_model 
5 4 'Structure model' struct_conn                   
6 4 'Structure model' struct_site                   
# 
loop_
_pdbx_audit_revision_item.ordinal 
_pdbx_audit_revision_item.revision_ordinal 
_pdbx_audit_revision_item.data_content_type 
_pdbx_audit_revision_item.item 
1 4 'Structure model' '_database_2.pdbx_DOI'                
2 4 'Structure model' '_database_2.pdbx_database_accession' 
3 4 'Structure model' '_struct_conn.pdbx_leaving_atom_flag' 
4 4 'Structure model' '_struct_site.pdbx_auth_asym_id'      
5 4 'Structure model' '_struct_site.pdbx_auth_comp_id'      
6 4 'Structure model' '_struct_site.pdbx_auth_seq_id'       
# 
loop_
_software.name 
_software.classification 
_software.version 
_software.citation_id 
_software.pdbx_ordinal 
HKL-2000  'data collection' .   ? 1 
SCALEPACK 'data scaling'    .   ? 2 
AMoRE     phasing           .   ? 3 
CNS       refinement        1.1 ? 4 
HKL-2000  'data reduction'  .   ? 5 
# 
loop_
_pdbx_validate_torsion.id 
_pdbx_validate_torsion.PDB_model_num 
_pdbx_validate_torsion.auth_comp_id 
_pdbx_validate_torsion.auth_asym_id 
_pdbx_validate_torsion.auth_seq_id 
_pdbx_validate_torsion.PDB_ins_code 
_pdbx_validate_torsion.label_alt_id 
_pdbx_validate_torsion.phi 
_pdbx_validate_torsion.psi 
1 1 SER A 52 ? ? -165.73 -165.96 
2 1 ASN A 69 ? ? -151.42 57.44   
# 
loop_
_pdbx_unobs_or_zero_occ_residues.id 
_pdbx_unobs_or_zero_occ_residues.PDB_model_num 
_pdbx_unobs_or_zero_occ_residues.polymer_flag 
_pdbx_unobs_or_zero_occ_residues.occupancy_flag 
_pdbx_unobs_or_zero_occ_residues.auth_asym_id 
_pdbx_unobs_or_zero_occ_residues.auth_comp_id 
_pdbx_unobs_or_zero_occ_residues.auth_seq_id 
_pdbx_unobs_or_zero_occ_residues.PDB_ins_code 
_pdbx_unobs_or_zero_occ_residues.label_asym_id 
_pdbx_unobs_or_zero_occ_residues.label_comp_id 
_pdbx_unobs_or_zero_occ_residues.label_seq_id 
1  1 Y 1 A ALA 2   ? A ALA 1   
2  1 Y 1 A GLU 3   ? A GLU 2   
3  1 Y 1 A GLY 4   ? A GLY 3   
4  1 Y 1 A LYS 5   ? A LYS 4   
5  1 Y 1 A LEU 6   ? A LEU 5   
6  1 Y 1 A ASN 7   ? A ASN 6   
7  1 Y 1 A ASP 8   ? A ASP 7   
8  1 Y 1 A GLU 9   ? A GLU 8   
9  1 Y 1 A LEU 10  ? A LEU 9   
10 1 Y 1 A ALA 11  ? A ALA 10  
11 1 Y 1 A LYS 12  ? A LYS 11  
12 1 Y 1 A ASN 13  ? A ASN 12  
13 1 Y 1 A LYS 14  ? A LYS 13  
14 1 Y 1 A GLY 15  ? A GLY 14  
15 1 Y 1 A ASN 112 ? A ASN 111 
16 1 Y 1 A LYS 113 ? A LYS 112 
17 1 Y 1 A ASN 114 ? A ASN 113 
18 1 Y 1 A ASP 115 ? A ASP 114 
19 1 Y 1 A GLN 116 ? A GLN 115 
# 
loop_
_chem_comp_atom.comp_id 
_chem_comp_atom.atom_id 
_chem_comp_atom.type_symbol 
_chem_comp_atom.pdbx_aromatic_flag 
_chem_comp_atom.pdbx_stereo_config 
_chem_comp_atom.pdbx_ordinal 
3PD "O5'"  O N N 1   
3PD "C5'"  C N N 2   
3PD "C4'"  C N R 3   
3PD "O4'"  O N N 4   
3PD "C1'"  C N R 5   
3PD "C2'"  C N N 6   
3PD "C3'"  C N S 7   
3PD "O3'"  O N N 8   
3PD N9     N Y N 9   
3PD C4     C Y N 10  
3PD N3     N Y N 11  
3PD C2     C Y N 12  
3PD N2     N N N 13  
3PD N1     N Y N 14  
3PD C6     C Y N 15  
3PD O6     O N N 16  
3PD C5     C Y N 17  
3PD N7     N Y N 18  
3PD C8     C Y N 19  
3PD P      P N N 20  
3PD O1P    O N N 21  
3PD O2P    O N N 22  
3PD O1     O N N 23  
3PD "H5'"  H N N 24  
3PD "H5'1" H N N 25  
3PD "H5'2" H N N 26  
3PD "H4'"  H N N 27  
3PD "H1'"  H N N 28  
3PD "H2'1" H N N 29  
3PD "H2'2" H N N 30  
3PD "H3'"  H N N 31  
3PD HN21   H N N 32  
3PD HN22   H N N 33  
3PD HN1    H N N 34  
3PD H8     H N N 35  
3PD H1P    H N N 36  
3PD H2P    H N N 37  
ALA N      N N N 38  
ALA CA     C N S 39  
ALA C      C N N 40  
ALA O      O N N 41  
ALA CB     C N N 42  
ALA OXT    O N N 43  
ALA H      H N N 44  
ALA H2     H N N 45  
ALA HA     H N N 46  
ALA HB1    H N N 47  
ALA HB2    H N N 48  
ALA HB3    H N N 49  
ALA HXT    H N N 50  
ARG N      N N N 51  
ARG CA     C N S 52  
ARG C      C N N 53  
ARG O      O N N 54  
ARG CB     C N N 55  
ARG CG     C N N 56  
ARG CD     C N N 57  
ARG NE     N N N 58  
ARG CZ     C N N 59  
ARG NH1    N N N 60  
ARG NH2    N N N 61  
ARG OXT    O N N 62  
ARG H      H N N 63  
ARG H2     H N N 64  
ARG HA     H N N 65  
ARG HB2    H N N 66  
ARG HB3    H N N 67  
ARG HG2    H N N 68  
ARG HG3    H N N 69  
ARG HD2    H N N 70  
ARG HD3    H N N 71  
ARG HE     H N N 72  
ARG HH11   H N N 73  
ARG HH12   H N N 74  
ARG HH21   H N N 75  
ARG HH22   H N N 76  
ARG HXT    H N N 77  
ASN N      N N N 78  
ASN CA     C N S 79  
ASN C      C N N 80  
ASN O      O N N 81  
ASN CB     C N N 82  
ASN CG     C N N 83  
ASN OD1    O N N 84  
ASN ND2    N N N 85  
ASN OXT    O N N 86  
ASN H      H N N 87  
ASN H2     H N N 88  
ASN HA     H N N 89  
ASN HB2    H N N 90  
ASN HB3    H N N 91  
ASN HD21   H N N 92  
ASN HD22   H N N 93  
ASN HXT    H N N 94  
ASP N      N N N 95  
ASP CA     C N S 96  
ASP C      C N N 97  
ASP O      O N N 98  
ASP CB     C N N 99  
ASP CG     C N N 100 
ASP OD1    O N N 101 
ASP OD2    O N N 102 
ASP OXT    O N N 103 
ASP H      H N N 104 
ASP H2     H N N 105 
ASP HA     H N N 106 
ASP HB2    H N N 107 
ASP HB3    H N N 108 
ASP HD2    H N N 109 
ASP HXT    H N N 110 
GLN N      N N N 111 
GLN CA     C N S 112 
GLN C      C N N 113 
GLN O      O N N 114 
GLN CB     C N N 115 
GLN CG     C N N 116 
GLN CD     C N N 117 
GLN OE1    O N N 118 
GLN NE2    N N N 119 
GLN OXT    O N N 120 
GLN H      H N N 121 
GLN H2     H N N 122 
GLN HA     H N N 123 
GLN HB2    H N N 124 
GLN HB3    H N N 125 
GLN HG2    H N N 126 
GLN HG3    H N N 127 
GLN HE21   H N N 128 
GLN HE22   H N N 129 
GLN HXT    H N N 130 
GLU N      N N N 131 
GLU CA     C N S 132 
GLU C      C N N 133 
GLU O      O N N 134 
GLU CB     C N N 135 
GLU CG     C N N 136 
GLU CD     C N N 137 
GLU OE1    O N N 138 
GLU OE2    O N N 139 
GLU OXT    O N N 140 
GLU H      H N N 141 
GLU H2     H N N 142 
GLU HA     H N N 143 
GLU HB2    H N N 144 
GLU HB3    H N N 145 
GLU HG2    H N N 146 
GLU HG3    H N N 147 
GLU HE2    H N N 148 
GLU HXT    H N N 149 
GLY N      N N N 150 
GLY CA     C N N 151 
GLY C      C N N 152 
GLY O      O N N 153 
GLY OXT    O N N 154 
GLY H      H N N 155 
GLY H2     H N N 156 
GLY HA2    H N N 157 
GLY HA3    H N N 158 
GLY HXT    H N N 159 
HOH O      O N N 160 
HOH H1     H N N 161 
HOH H2     H N N 162 
ILE N      N N N 163 
ILE CA     C N S 164 
ILE C      C N N 165 
ILE O      O N N 166 
ILE CB     C N S 167 
ILE CG1    C N N 168 
ILE CG2    C N N 169 
ILE CD1    C N N 170 
ILE OXT    O N N 171 
ILE H      H N N 172 
ILE H2     H N N 173 
ILE HA     H N N 174 
ILE HB     H N N 175 
ILE HG12   H N N 176 
ILE HG13   H N N 177 
ILE HG21   H N N 178 
ILE HG22   H N N 179 
ILE HG23   H N N 180 
ILE HD11   H N N 181 
ILE HD12   H N N 182 
ILE HD13   H N N 183 
ILE HXT    H N N 184 
LEU N      N N N 185 
LEU CA     C N S 186 
LEU C      C N N 187 
LEU O      O N N 188 
LEU CB     C N N 189 
LEU CG     C N N 190 
LEU CD1    C N N 191 
LEU CD2    C N N 192 
LEU OXT    O N N 193 
LEU H      H N N 194 
LEU H2     H N N 195 
LEU HA     H N N 196 
LEU HB2    H N N 197 
LEU HB3    H N N 198 
LEU HG     H N N 199 
LEU HD11   H N N 200 
LEU HD12   H N N 201 
LEU HD13   H N N 202 
LEU HD21   H N N 203 
LEU HD22   H N N 204 
LEU HD23   H N N 205 
LEU HXT    H N N 206 
LYS N      N N N 207 
LYS CA     C N S 208 
LYS C      C N N 209 
LYS O      O N N 210 
LYS CB     C N N 211 
LYS CG     C N N 212 
LYS CD     C N N 213 
LYS CE     C N N 214 
LYS NZ     N N N 215 
LYS OXT    O N N 216 
LYS H      H N N 217 
LYS H2     H N N 218 
LYS HA     H N N 219 
LYS HB2    H N N 220 
LYS HB3    H N N 221 
LYS HG2    H N N 222 
LYS HG3    H N N 223 
LYS HD2    H N N 224 
LYS HD3    H N N 225 
LYS HE2    H N N 226 
LYS HE3    H N N 227 
LYS HZ1    H N N 228 
LYS HZ2    H N N 229 
LYS HZ3    H N N 230 
LYS HXT    H N N 231 
MET N      N N N 232 
MET CA     C N S 233 
MET C      C N N 234 
MET O      O N N 235 
MET CB     C N N 236 
MET CG     C N N 237 
MET SD     S N N 238 
MET CE     C N N 239 
MET OXT    O N N 240 
MET H      H N N 241 
MET H2     H N N 242 
MET HA     H N N 243 
MET HB2    H N N 244 
MET HB3    H N N 245 
MET HG2    H N N 246 
MET HG3    H N N 247 
MET HE1    H N N 248 
MET HE2    H N N 249 
MET HE3    H N N 250 
MET HXT    H N N 251 
PHE N      N N N 252 
PHE CA     C N S 253 
PHE C      C N N 254 
PHE O      O N N 255 
PHE CB     C N N 256 
PHE CG     C Y N 257 
PHE CD1    C Y N 258 
PHE CD2    C Y N 259 
PHE CE1    C Y N 260 
PHE CE2    C Y N 261 
PHE CZ     C Y N 262 
PHE OXT    O N N 263 
PHE H      H N N 264 
PHE H2     H N N 265 
PHE HA     H N N 266 
PHE HB2    H N N 267 
PHE HB3    H N N 268 
PHE HD1    H N N 269 
PHE HD2    H N N 270 
PHE HE1    H N N 271 
PHE HE2    H N N 272 
PHE HZ     H N N 273 
PHE HXT    H N N 274 
PRO N      N N N 275 
PRO CA     C N S 276 
PRO C      C N N 277 
PRO O      O N N 278 
PRO CB     C N N 279 
PRO CG     C N N 280 
PRO CD     C N N 281 
PRO OXT    O N N 282 
PRO H      H N N 283 
PRO HA     H N N 284 
PRO HB2    H N N 285 
PRO HB3    H N N 286 
PRO HG2    H N N 287 
PRO HG3    H N N 288 
PRO HD2    H N N 289 
PRO HD3    H N N 290 
PRO HXT    H N N 291 
SER N      N N N 292 
SER CA     C N S 293 
SER C      C N N 294 
SER O      O N N 295 
SER CB     C N N 296 
SER OG     O N N 297 
SER OXT    O N N 298 
SER H      H N N 299 
SER H2     H N N 300 
SER HA     H N N 301 
SER HB2    H N N 302 
SER HB3    H N N 303 
SER HG     H N N 304 
SER HXT    H N N 305 
THR N      N N N 306 
THR CA     C N S 307 
THR C      C N N 308 
THR O      O N N 309 
THR CB     C N R 310 
THR OG1    O N N 311 
THR CG2    C N N 312 
THR OXT    O N N 313 
THR H      H N N 314 
THR H2     H N N 315 
THR HA     H N N 316 
THR HB     H N N 317 
THR HG1    H N N 318 
THR HG21   H N N 319 
THR HG22   H N N 320 
THR HG23   H N N 321 
THR HXT    H N N 322 
TRP N      N N N 323 
TRP CA     C N S 324 
TRP C      C N N 325 
TRP O      O N N 326 
TRP CB     C N N 327 
TRP CG     C Y N 328 
TRP CD1    C Y N 329 
TRP CD2    C Y N 330 
TRP NE1    N Y N 331 
TRP CE2    C Y N 332 
TRP CE3    C Y N 333 
TRP CZ2    C Y N 334 
TRP CZ3    C Y N 335 
TRP CH2    C Y N 336 
TRP OXT    O N N 337 
TRP H      H N N 338 
TRP H2     H N N 339 
TRP HA     H N N 340 
TRP HB2    H N N 341 
TRP HB3    H N N 342 
TRP HD1    H N N 343 
TRP HE1    H N N 344 
TRP HE3    H N N 345 
TRP HZ2    H N N 346 
TRP HZ3    H N N 347 
TRP HH2    H N N 348 
TRP HXT    H N N 349 
TYR N      N N N 350 
TYR CA     C N S 351 
TYR C      C N N 352 
TYR O      O N N 353 
TYR CB     C N N 354 
TYR CG     C Y N 355 
TYR CD1    C Y N 356 
TYR CD2    C Y N 357 
TYR CE1    C Y N 358 
TYR CE2    C Y N 359 
TYR CZ     C Y N 360 
TYR OH     O N N 361 
TYR OXT    O N N 362 
TYR H      H N N 363 
TYR H2     H N N 364 
TYR HA     H N N 365 
TYR HB2    H N N 366 
TYR HB3    H N N 367 
TYR HD1    H N N 368 
TYR HD2    H N N 369 
TYR HE1    H N N 370 
TYR HE2    H N N 371 
TYR HH     H N N 372 
TYR HXT    H N N 373 
UM3 N1     N Y N 374 
UM3 C2     C Y N 375 
UM3 N3     N Y N 376 
UM3 C4     C Y N 377 
UM3 C5     C Y N 378 
UM3 C6     C Y N 379 
UM3 O2     O N N 380 
UM3 O4     O N N 381 
UM3 "C1'"  C N R 382 
UM3 "C2'"  C N N 383 
UM3 "C3'"  C N S 384 
UM3 "C4'"  C N R 385 
UM3 "O3'"  O N N 386 
UM3 "O4'"  O N N 387 
UM3 "C5'"  C N N 388 
UM3 "O5'"  O N N 389 
UM3 P      P N N 390 
UM3 O1P    O N N 391 
UM3 O2P    O N N 392 
UM3 O3P    O N N 393 
UM3 HN3    H N N 394 
UM3 H5     H N N 395 
UM3 H6     H N N 396 
UM3 "H1'"  H N N 397 
UM3 "H2'1" H N N 398 
UM3 "H2'2" H N N 399 
UM3 "H3'"  H N N 400 
UM3 "H4'"  H N N 401 
UM3 "H5'1" H N N 402 
UM3 "H5'2" H N N 403 
UM3 "HO5'" H N N 404 
UM3 HOP2   H N N 405 
UM3 HOP3   H N N 406 
VAL N      N N N 407 
VAL CA     C N S 408 
VAL C      C N N 409 
VAL O      O N N 410 
VAL CB     C N N 411 
VAL CG1    C N N 412 
VAL CG2    C N N 413 
VAL OXT    O N N 414 
VAL H      H N N 415 
VAL H2     H N N 416 
VAL HA     H N N 417 
VAL HB     H N N 418 
VAL HG11   H N N 419 
VAL HG12   H N N 420 
VAL HG13   H N N 421 
VAL HG21   H N N 422 
VAL HG22   H N N 423 
VAL HG23   H N N 424 
VAL HXT    H N N 425 
# 
loop_
_chem_comp_bond.comp_id 
_chem_comp_bond.atom_id_1 
_chem_comp_bond.atom_id_2 
_chem_comp_bond.value_order 
_chem_comp_bond.pdbx_aromatic_flag 
_chem_comp_bond.pdbx_stereo_config 
_chem_comp_bond.pdbx_ordinal 
3PD "O5'" "C5'"  sing N N 1   
3PD "O5'" "H5'"  sing N N 2   
3PD "C5'" "C4'"  sing N N 3   
3PD "C5'" "H5'1" sing N N 4   
3PD "C5'" "H5'2" sing N N 5   
3PD "C4'" "O4'"  sing N N 6   
3PD "C4'" "C3'"  sing N N 7   
3PD "C4'" "H4'"  sing N N 8   
3PD "O4'" "C1'"  sing N N 9   
3PD "C1'" "C2'"  sing N N 10  
3PD "C1'" N9     sing N N 11  
3PD "C1'" "H1'"  sing N N 12  
3PD "C2'" "C3'"  sing N N 13  
3PD "C2'" "H2'1" sing N N 14  
3PD "C2'" "H2'2" sing N N 15  
3PD "C3'" "O3'"  sing N N 16  
3PD "C3'" "H3'"  sing N N 17  
3PD "O3'" P      sing N N 18  
3PD N9    C4     sing Y N 19  
3PD N9    C8     sing Y N 20  
3PD C4    N3     sing Y N 21  
3PD C4    C5     doub Y N 22  
3PD N3    C2     doub Y N 23  
3PD C2    N2     sing N N 24  
3PD C2    N1     sing Y N 25  
3PD N2    HN21   sing N N 26  
3PD N2    HN22   sing N N 27  
3PD N1    C6     sing Y N 28  
3PD N1    HN1    sing N N 29  
3PD C6    O6     doub N N 30  
3PD C6    C5     sing Y N 31  
3PD C5    N7     sing Y N 32  
3PD N7    C8     doub Y N 33  
3PD C8    H8     sing N N 34  
3PD P     O1P    sing N N 35  
3PD P     O2P    sing N N 36  
3PD P     O1     doub N N 37  
3PD O1P   H1P    sing N N 38  
3PD O2P   H2P    sing N N 39  
ALA N     CA     sing N N 40  
ALA N     H      sing N N 41  
ALA N     H2     sing N N 42  
ALA CA    C      sing N N 43  
ALA CA    CB     sing N N 44  
ALA CA    HA     sing N N 45  
ALA C     O      doub N N 46  
ALA C     OXT    sing N N 47  
ALA CB    HB1    sing N N 48  
ALA CB    HB2    sing N N 49  
ALA CB    HB3    sing N N 50  
ALA OXT   HXT    sing N N 51  
ARG N     CA     sing N N 52  
ARG N     H      sing N N 53  
ARG N     H2     sing N N 54  
ARG CA    C      sing N N 55  
ARG CA    CB     sing N N 56  
ARG CA    HA     sing N N 57  
ARG C     O      doub N N 58  
ARG C     OXT    sing N N 59  
ARG CB    CG     sing N N 60  
ARG CB    HB2    sing N N 61  
ARG CB    HB3    sing N N 62  
ARG CG    CD     sing N N 63  
ARG CG    HG2    sing N N 64  
ARG CG    HG3    sing N N 65  
ARG CD    NE     sing N N 66  
ARG CD    HD2    sing N N 67  
ARG CD    HD3    sing N N 68  
ARG NE    CZ     sing N N 69  
ARG NE    HE     sing N N 70  
ARG CZ    NH1    sing N N 71  
ARG CZ    NH2    doub N N 72  
ARG NH1   HH11   sing N N 73  
ARG NH1   HH12   sing N N 74  
ARG NH2   HH21   sing N N 75  
ARG NH2   HH22   sing N N 76  
ARG OXT   HXT    sing N N 77  
ASN N     CA     sing N N 78  
ASN N     H      sing N N 79  
ASN N     H2     sing N N 80  
ASN CA    C      sing N N 81  
ASN CA    CB     sing N N 82  
ASN CA    HA     sing N N 83  
ASN C     O      doub N N 84  
ASN C     OXT    sing N N 85  
ASN CB    CG     sing N N 86  
ASN CB    HB2    sing N N 87  
ASN CB    HB3    sing N N 88  
ASN CG    OD1    doub N N 89  
ASN CG    ND2    sing N N 90  
ASN ND2   HD21   sing N N 91  
ASN ND2   HD22   sing N N 92  
ASN OXT   HXT    sing N N 93  
ASP N     CA     sing N N 94  
ASP N     H      sing N N 95  
ASP N     H2     sing N N 96  
ASP CA    C      sing N N 97  
ASP CA    CB     sing N N 98  
ASP CA    HA     sing N N 99  
ASP C     O      doub N N 100 
ASP C     OXT    sing N N 101 
ASP CB    CG     sing N N 102 
ASP CB    HB2    sing N N 103 
ASP CB    HB3    sing N N 104 
ASP CG    OD1    doub N N 105 
ASP CG    OD2    sing N N 106 
ASP OD2   HD2    sing N N 107 
ASP OXT   HXT    sing N N 108 
GLN N     CA     sing N N 109 
GLN N     H      sing N N 110 
GLN N     H2     sing N N 111 
GLN CA    C      sing N N 112 
GLN CA    CB     sing N N 113 
GLN CA    HA     sing N N 114 
GLN C     O      doub N N 115 
GLN C     OXT    sing N N 116 
GLN CB    CG     sing N N 117 
GLN CB    HB2    sing N N 118 
GLN CB    HB3    sing N N 119 
GLN CG    CD     sing N N 120 
GLN CG    HG2    sing N N 121 
GLN CG    HG3    sing N N 122 
GLN CD    OE1    doub N N 123 
GLN CD    NE2    sing N N 124 
GLN NE2   HE21   sing N N 125 
GLN NE2   HE22   sing N N 126 
GLN OXT   HXT    sing N N 127 
GLU N     CA     sing N N 128 
GLU N     H      sing N N 129 
GLU N     H2     sing N N 130 
GLU CA    C      sing N N 131 
GLU CA    CB     sing N N 132 
GLU CA    HA     sing N N 133 
GLU C     O      doub N N 134 
GLU C     OXT    sing N N 135 
GLU CB    CG     sing N N 136 
GLU CB    HB2    sing N N 137 
GLU CB    HB3    sing N N 138 
GLU CG    CD     sing N N 139 
GLU CG    HG2    sing N N 140 
GLU CG    HG3    sing N N 141 
GLU CD    OE1    doub N N 142 
GLU CD    OE2    sing N N 143 
GLU OE2   HE2    sing N N 144 
GLU OXT   HXT    sing N N 145 
GLY N     CA     sing N N 146 
GLY N     H      sing N N 147 
GLY N     H2     sing N N 148 
GLY CA    C      sing N N 149 
GLY CA    HA2    sing N N 150 
GLY CA    HA3    sing N N 151 
GLY C     O      doub N N 152 
GLY C     OXT    sing N N 153 
GLY OXT   HXT    sing N N 154 
HOH O     H1     sing N N 155 
HOH O     H2     sing N N 156 
ILE N     CA     sing N N 157 
ILE N     H      sing N N 158 
ILE N     H2     sing N N 159 
ILE CA    C      sing N N 160 
ILE CA    CB     sing N N 161 
ILE CA    HA     sing N N 162 
ILE C     O      doub N N 163 
ILE C     OXT    sing N N 164 
ILE CB    CG1    sing N N 165 
ILE CB    CG2    sing N N 166 
ILE CB    HB     sing N N 167 
ILE CG1   CD1    sing N N 168 
ILE CG1   HG12   sing N N 169 
ILE CG1   HG13   sing N N 170 
ILE CG2   HG21   sing N N 171 
ILE CG2   HG22   sing N N 172 
ILE CG2   HG23   sing N N 173 
ILE CD1   HD11   sing N N 174 
ILE CD1   HD12   sing N N 175 
ILE CD1   HD13   sing N N 176 
ILE OXT   HXT    sing N N 177 
LEU N     CA     sing N N 178 
LEU N     H      sing N N 179 
LEU N     H2     sing N N 180 
LEU CA    C      sing N N 181 
LEU CA    CB     sing N N 182 
LEU CA    HA     sing N N 183 
LEU C     O      doub N N 184 
LEU C     OXT    sing N N 185 
LEU CB    CG     sing N N 186 
LEU CB    HB2    sing N N 187 
LEU CB    HB3    sing N N 188 
LEU CG    CD1    sing N N 189 
LEU CG    CD2    sing N N 190 
LEU CG    HG     sing N N 191 
LEU CD1   HD11   sing N N 192 
LEU CD1   HD12   sing N N 193 
LEU CD1   HD13   sing N N 194 
LEU CD2   HD21   sing N N 195 
LEU CD2   HD22   sing N N 196 
LEU CD2   HD23   sing N N 197 
LEU OXT   HXT    sing N N 198 
LYS N     CA     sing N N 199 
LYS N     H      sing N N 200 
LYS N     H2     sing N N 201 
LYS CA    C      sing N N 202 
LYS CA    CB     sing N N 203 
LYS CA    HA     sing N N 204 
LYS C     O      doub N N 205 
LYS C     OXT    sing N N 206 
LYS CB    CG     sing N N 207 
LYS CB    HB2    sing N N 208 
LYS CB    HB3    sing N N 209 
LYS CG    CD     sing N N 210 
LYS CG    HG2    sing N N 211 
LYS CG    HG3    sing N N 212 
LYS CD    CE     sing N N 213 
LYS CD    HD2    sing N N 214 
LYS CD    HD3    sing N N 215 
LYS CE    NZ     sing N N 216 
LYS CE    HE2    sing N N 217 
LYS CE    HE3    sing N N 218 
LYS NZ    HZ1    sing N N 219 
LYS NZ    HZ2    sing N N 220 
LYS NZ    HZ3    sing N N 221 
LYS OXT   HXT    sing N N 222 
MET N     CA     sing N N 223 
MET N     H      sing N N 224 
MET N     H2     sing N N 225 
MET CA    C      sing N N 226 
MET CA    CB     sing N N 227 
MET CA    HA     sing N N 228 
MET C     O      doub N N 229 
MET C     OXT    sing N N 230 
MET CB    CG     sing N N 231 
MET CB    HB2    sing N N 232 
MET CB    HB3    sing N N 233 
MET CG    SD     sing N N 234 
MET CG    HG2    sing N N 235 
MET CG    HG3    sing N N 236 
MET SD    CE     sing N N 237 
MET CE    HE1    sing N N 238 
MET CE    HE2    sing N N 239 
MET CE    HE3    sing N N 240 
MET OXT   HXT    sing N N 241 
PHE N     CA     sing N N 242 
PHE N     H      sing N N 243 
PHE N     H2     sing N N 244 
PHE CA    C      sing N N 245 
PHE CA    CB     sing N N 246 
PHE CA    HA     sing N N 247 
PHE C     O      doub N N 248 
PHE C     OXT    sing N N 249 
PHE CB    CG     sing N N 250 
PHE CB    HB2    sing N N 251 
PHE CB    HB3    sing N N 252 
PHE CG    CD1    doub Y N 253 
PHE CG    CD2    sing Y N 254 
PHE CD1   CE1    sing Y N 255 
PHE CD1   HD1    sing N N 256 
PHE CD2   CE2    doub Y N 257 
PHE CD2   HD2    sing N N 258 
PHE CE1   CZ     doub Y N 259 
PHE CE1   HE1    sing N N 260 
PHE CE2   CZ     sing Y N 261 
PHE CE2   HE2    sing N N 262 
PHE CZ    HZ     sing N N 263 
PHE OXT   HXT    sing N N 264 
PRO N     CA     sing N N 265 
PRO N     CD     sing N N 266 
PRO N     H      sing N N 267 
PRO CA    C      sing N N 268 
PRO CA    CB     sing N N 269 
PRO CA    HA     sing N N 270 
PRO C     O      doub N N 271 
PRO C     OXT    sing N N 272 
PRO CB    CG     sing N N 273 
PRO CB    HB2    sing N N 274 
PRO CB    HB3    sing N N 275 
PRO CG    CD     sing N N 276 
PRO CG    HG2    sing N N 277 
PRO CG    HG3    sing N N 278 
PRO CD    HD2    sing N N 279 
PRO CD    HD3    sing N N 280 
PRO OXT   HXT    sing N N 281 
SER N     CA     sing N N 282 
SER N     H      sing N N 283 
SER N     H2     sing N N 284 
SER CA    C      sing N N 285 
SER CA    CB     sing N N 286 
SER CA    HA     sing N N 287 
SER C     O      doub N N 288 
SER C     OXT    sing N N 289 
SER CB    OG     sing N N 290 
SER CB    HB2    sing N N 291 
SER CB    HB3    sing N N 292 
SER OG    HG     sing N N 293 
SER OXT   HXT    sing N N 294 
THR N     CA     sing N N 295 
THR N     H      sing N N 296 
THR N     H2     sing N N 297 
THR CA    C      sing N N 298 
THR CA    CB     sing N N 299 
THR CA    HA     sing N N 300 
THR C     O      doub N N 301 
THR C     OXT    sing N N 302 
THR CB    OG1    sing N N 303 
THR CB    CG2    sing N N 304 
THR CB    HB     sing N N 305 
THR OG1   HG1    sing N N 306 
THR CG2   HG21   sing N N 307 
THR CG2   HG22   sing N N 308 
THR CG2   HG23   sing N N 309 
THR OXT   HXT    sing N N 310 
TRP N     CA     sing N N 311 
TRP N     H      sing N N 312 
TRP N     H2     sing N N 313 
TRP CA    C      sing N N 314 
TRP CA    CB     sing N N 315 
TRP CA    HA     sing N N 316 
TRP C     O      doub N N 317 
TRP C     OXT    sing N N 318 
TRP CB    CG     sing N N 319 
TRP CB    HB2    sing N N 320 
TRP CB    HB3    sing N N 321 
TRP CG    CD1    doub Y N 322 
TRP CG    CD2    sing Y N 323 
TRP CD1   NE1    sing Y N 324 
TRP CD1   HD1    sing N N 325 
TRP CD2   CE2    doub Y N 326 
TRP CD2   CE3    sing Y N 327 
TRP NE1   CE2    sing Y N 328 
TRP NE1   HE1    sing N N 329 
TRP CE2   CZ2    sing Y N 330 
TRP CE3   CZ3    doub Y N 331 
TRP CE3   HE3    sing N N 332 
TRP CZ2   CH2    doub Y N 333 
TRP CZ2   HZ2    sing N N 334 
TRP CZ3   CH2    sing Y N 335 
TRP CZ3   HZ3    sing N N 336 
TRP CH2   HH2    sing N N 337 
TRP OXT   HXT    sing N N 338 
TYR N     CA     sing N N 339 
TYR N     H      sing N N 340 
TYR N     H2     sing N N 341 
TYR CA    C      sing N N 342 
TYR CA    CB     sing N N 343 
TYR CA    HA     sing N N 344 
TYR C     O      doub N N 345 
TYR C     OXT    sing N N 346 
TYR CB    CG     sing N N 347 
TYR CB    HB2    sing N N 348 
TYR CB    HB3    sing N N 349 
TYR CG    CD1    doub Y N 350 
TYR CG    CD2    sing Y N 351 
TYR CD1   CE1    sing Y N 352 
TYR CD1   HD1    sing N N 353 
TYR CD2   CE2    doub Y N 354 
TYR CD2   HD2    sing N N 355 
TYR CE1   CZ     doub Y N 356 
TYR CE1   HE1    sing N N 357 
TYR CE2   CZ     sing Y N 358 
TYR CE2   HE2    sing N N 359 
TYR CZ    OH     sing N N 360 
TYR OH    HH     sing N N 361 
TYR OXT   HXT    sing N N 362 
UM3 N1    C2     sing Y N 363 
UM3 N1    C6     sing Y N 364 
UM3 N1    "C1'"  sing N N 365 
UM3 C2    N3     sing Y N 366 
UM3 C2    O2     doub N N 367 
UM3 N3    C4     sing Y N 368 
UM3 N3    HN3    sing N N 369 
UM3 C4    C5     sing Y N 370 
UM3 C4    O4     doub N N 371 
UM3 C5    C6     doub Y N 372 
UM3 C5    H5     sing N N 373 
UM3 C6    H6     sing N N 374 
UM3 "C1'" "C2'"  sing N N 375 
UM3 "C1'" "O4'"  sing N N 376 
UM3 "C1'" "H1'"  sing N N 377 
UM3 "C2'" "C3'"  sing N N 378 
UM3 "C2'" "H2'1" sing N N 379 
UM3 "C2'" "H2'2" sing N N 380 
UM3 "C3'" "C4'"  sing N N 381 
UM3 "C3'" "O3'"  sing N N 382 
UM3 "C3'" "H3'"  sing N N 383 
UM3 "C4'" "O4'"  sing N N 384 
UM3 "C4'" "C5'"  sing N N 385 
UM3 "C4'" "H4'"  sing N N 386 
UM3 "O3'" P      sing N N 387 
UM3 "C5'" "O5'"  sing N N 388 
UM3 "C5'" "H5'1" sing N N 389 
UM3 "C5'" "H5'2" sing N N 390 
UM3 "O5'" "HO5'" sing N N 391 
UM3 P     O1P    doub N N 392 
UM3 P     O2P    sing N N 393 
UM3 P     O3P    sing N N 394 
UM3 O2P   HOP2   sing N N 395 
UM3 O3P   HOP3   sing N N 396 
VAL N     CA     sing N N 397 
VAL N     H      sing N N 398 
VAL N     H2     sing N N 399 
VAL CA    C      sing N N 400 
VAL CA    CB     sing N N 401 
VAL CA    HA     sing N N 402 
VAL C     O      doub N N 403 
VAL C     OXT    sing N N 404 
VAL CB    CG1    sing N N 405 
VAL CB    CG2    sing N N 406 
VAL CB    HB     sing N N 407 
VAL CG1   HG11   sing N N 408 
VAL CG1   HG12   sing N N 409 
VAL CG1   HG13   sing N N 410 
VAL CG2   HG21   sing N N 411 
VAL CG2   HG22   sing N N 412 
VAL CG2   HG23   sing N N 413 
VAL OXT   HXT    sing N N 414 
# 
loop_
_pdbx_entity_nonpoly.entity_id 
_pdbx_entity_nonpoly.name 
_pdbx_entity_nonpoly.comp_id 
2 '2-AMINO-9-(2-DEOXY-3-O-PHOSPHONOPENTOFURANOSYL)-1,9-DIHYDRO-6H-PURIN-6-ONE' 3PD 
3 
;2'-DEOXYURIDINE 3'-MONOPHOSPHATE
;
UM3 
4 water                                                                        HOH 
# 
_pdbx_initial_refinement_model.id               1 
_pdbx_initial_refinement_model.entity_id_list   ? 
_pdbx_initial_refinement_model.type             'experimental model' 
_pdbx_initial_refinement_model.source_name      PDB 
_pdbx_initial_refinement_model.accession_code   2DFX 
_pdbx_initial_refinement_model.details          'pdb entry 2dfx; chain_id E' 
# 
